data_2DKU
#
_entry.id   2DKU
#
_entity_poly.entity_id   1
_entity_poly.type   'polypeptide(L)'
_entity_poly.pdbx_seq_one_letter_code
;GSSGSSGANCFTEELTNLQVEEKGTAVFTCKTEHPAATVTWRKGLLELRASGKHQPSQEGLTLRLTISALEKADSDTYTC
DIGQAQSRAQLLVQGRRSGPSSG
;
_entity_poly.pdbx_strand_id   A
#
# COMPACT_ATOMS: atom_id res chain seq x y z
N GLY A 1 16.84 19.49 14.80
CA GLY A 1 17.50 20.54 14.06
C GLY A 1 16.68 21.81 13.99
N SER A 2 17.34 22.95 14.18
CA SER A 2 16.67 24.24 14.15
C SER A 2 17.06 25.04 12.90
N SER A 3 16.11 25.80 12.38
CA SER A 3 16.35 26.61 11.19
C SER A 3 16.80 25.74 10.02
N GLY A 4 16.19 24.57 9.90
CA GLY A 4 16.54 23.65 8.83
C GLY A 4 15.38 23.41 7.88
N SER A 5 15.71 23.00 6.65
CA SER A 5 14.69 22.74 5.63
C SER A 5 14.31 21.27 5.62
N SER A 6 15.30 20.41 5.37
CA SER A 6 15.07 18.97 5.32
C SER A 6 14.96 18.39 6.72
N GLY A 7 13.96 17.55 6.94
CA GLY A 7 13.77 16.93 8.24
C GLY A 7 13.25 15.51 8.13
N ALA A 8 13.90 14.59 8.83
CA ALA A 8 13.50 13.19 8.83
C ALA A 8 11.99 13.06 8.94
N ASN A 9 11.41 12.14 8.17
CA ASN A 9 9.97 11.91 8.20
C ASN A 9 9.65 10.57 8.86
N CYS A 10 8.40 10.42 9.29
CA CYS A 10 7.95 9.20 9.94
C CYS A 10 6.49 8.92 9.64
N PHE A 11 6.02 7.74 10.04
CA PHE A 11 4.63 7.34 9.80
C PHE A 11 3.82 7.43 11.09
N THR A 12 2.79 8.28 11.08
CA THR A 12 1.94 8.46 12.24
C THR A 12 0.94 7.32 12.38
N GLU A 13 0.47 6.81 11.25
CA GLU A 13 -0.48 5.71 11.24
C GLU A 13 -0.05 4.60 10.28
N GLU A 14 0.56 3.55 10.83
CA GLU A 14 1.03 2.44 10.02
C GLU A 14 -0.13 1.78 9.29
N LEU A 15 0.19 1.08 8.20
CA LEU A 15 -0.83 0.39 7.41
C LEU A 15 -1.60 -0.61 8.25
N THR A 16 -2.48 -1.36 7.61
CA THR A 16 -3.28 -2.37 8.31
C THR A 16 -3.58 -3.56 7.41
N ASN A 17 -3.04 -4.73 7.78
CA ASN A 17 -3.24 -5.94 7.00
C ASN A 17 -4.64 -5.98 6.42
N LEU A 18 -4.74 -6.25 5.12
CA LEU A 18 -6.03 -6.33 4.45
C LEU A 18 -6.35 -7.77 4.05
N GLN A 19 -7.65 -8.06 3.93
CA GLN A 19 -8.09 -9.40 3.56
C GLN A 19 -9.30 -9.33 2.62
N VAL A 20 -9.08 -9.71 1.37
CA VAL A 20 -10.15 -9.70 0.37
C VAL A 20 -9.96 -10.83 -0.64
N GLU A 21 -10.99 -11.04 -1.46
CA GLU A 21 -10.94 -12.09 -2.48
C GLU A 21 -10.15 -11.63 -3.70
N GLU A 22 -9.74 -12.58 -4.53
CA GLU A 22 -8.98 -12.28 -5.73
C GLU A 22 -9.82 -11.47 -6.71
N LYS A 23 -9.15 -10.65 -7.52
CA LYS A 23 -9.83 -9.81 -8.50
C LYS A 23 -10.75 -8.81 -7.83
N GLY A 24 -10.38 -8.40 -6.61
CA GLY A 24 -11.20 -7.44 -5.88
C GLY A 24 -10.63 -6.05 -5.93
N THR A 25 -10.34 -5.47 -4.76
CA THR A 25 -9.80 -4.13 -4.68
C THR A 25 -9.24 -3.84 -3.28
N ALA A 26 -7.92 -3.83 -3.17
CA ALA A 26 -7.27 -3.56 -1.89
C ALA A 26 -6.61 -2.19 -1.89
N VAL A 27 -7.02 -1.35 -0.94
CA VAL A 27 -6.47 0.00 -0.83
C VAL A 27 -5.68 0.15 0.48
N PHE A 28 -4.36 0.09 0.38
CA PHE A 28 -3.51 0.24 1.55
C PHE A 28 -3.45 1.69 2.01
N THR A 29 -4.24 2.01 3.04
CA THR A 29 -4.30 3.36 3.57
C THR A 29 -3.25 3.56 4.67
N CYS A 30 -2.53 4.67 4.61
CA CYS A 30 -1.50 4.98 5.59
C CYS A 30 -1.44 6.47 5.87
N LYS A 31 -0.58 6.87 6.79
CA LYS A 31 -0.42 8.27 7.15
C LYS A 31 1.05 8.61 7.40
N THR A 32 1.36 9.90 7.43
CA THR A 32 2.73 10.36 7.66
C THR A 32 2.74 11.67 8.44
N GLU A 33 3.85 11.93 9.12
CA GLU A 33 3.99 13.15 9.92
C GLU A 33 4.21 14.36 9.01
N HIS A 34 4.80 14.13 7.85
CA HIS A 34 5.06 15.20 6.89
C HIS A 34 4.61 14.80 5.49
N PRO A 35 4.28 15.80 4.66
CA PRO A 35 3.83 15.59 3.29
C PRO A 35 4.95 15.08 2.39
N ALA A 36 5.10 13.76 2.31
CA ALA A 36 6.12 13.15 1.48
C ALA A 36 6.05 13.66 0.04
N ALA A 37 7.11 14.31 -0.42
CA ALA A 37 7.15 14.83 -1.78
C ALA A 37 7.06 13.71 -2.81
N THR A 38 7.43 12.50 -2.39
CA THR A 38 7.40 11.34 -3.27
C THR A 38 7.15 10.05 -2.49
N VAL A 39 6.50 9.10 -3.14
CA VAL A 39 6.21 7.82 -2.50
C VAL A 39 6.48 6.65 -3.45
N THR A 40 7.34 5.73 -3.00
CA THR A 40 7.68 4.57 -3.81
C THR A 40 7.23 3.28 -3.15
N TRP A 41 6.10 2.75 -3.60
CA TRP A 41 5.55 1.51 -3.05
C TRP A 41 6.34 0.31 -3.55
N ARG A 42 6.44 -0.72 -2.70
CA ARG A 42 7.17 -1.93 -3.05
C ARG A 42 6.32 -3.17 -2.77
N LYS A 43 6.28 -4.08 -3.74
CA LYS A 43 5.51 -5.31 -3.59
C LYS A 43 6.41 -6.53 -3.74
N GLY A 44 6.49 -7.32 -2.66
CA GLY A 44 7.31 -8.52 -2.69
C GLY A 44 8.70 -8.24 -3.22
N LEU A 45 9.48 -7.46 -2.49
CA LEU A 45 10.84 -7.12 -2.89
C LEU A 45 10.87 -6.60 -4.33
N LEU A 46 9.81 -5.90 -4.71
CA LEU A 46 9.72 -5.34 -6.06
C LEU A 46 9.24 -3.89 -6.01
N GLU A 47 9.72 -3.09 -6.96
CA GLU A 47 9.34 -1.68 -7.03
C GLU A 47 8.05 -1.50 -7.82
N LEU A 48 7.07 -0.86 -7.19
CA LEU A 48 5.78 -0.61 -7.83
C LEU A 48 5.76 0.74 -8.53
N ARG A 49 4.86 0.89 -9.49
CA ARG A 49 4.74 2.14 -10.24
C ARG A 49 3.28 2.42 -10.58
N ALA A 50 2.91 3.70 -10.53
CA ALA A 50 1.54 4.11 -10.84
C ALA A 50 1.05 3.45 -12.13
N SER A 51 0.19 2.46 -11.98
CA SER A 51 -0.35 1.74 -13.13
C SER A 51 -1.79 1.29 -12.87
N GLY A 52 -2.41 0.73 -13.89
CA GLY A 52 -3.79 0.26 -13.74
C GLY A 52 -3.98 -0.60 -12.52
N LYS A 53 -2.90 -1.23 -12.05
CA LYS A 53 -2.96 -2.08 -10.88
C LYS A 53 -2.69 -1.29 -9.61
N HIS A 54 -1.49 -0.72 -9.51
CA HIS A 54 -1.12 0.08 -8.35
C HIS A 54 -1.23 1.57 -8.65
N GLN A 55 -2.34 2.17 -8.21
CA GLN A 55 -2.58 3.60 -8.43
C GLN A 55 -2.55 4.36 -7.11
N PRO A 56 -1.35 4.76 -6.68
CA PRO A 56 -1.15 5.51 -5.44
C PRO A 56 -1.70 6.93 -5.53
N SER A 57 -1.67 7.64 -4.40
CA SER A 57 -2.16 9.01 -4.34
C SER A 57 -1.51 9.78 -3.20
N GLN A 58 -1.85 11.07 -3.10
CA GLN A 58 -1.29 11.91 -2.05
C GLN A 58 -2.30 12.97 -1.62
N GLU A 59 -2.79 12.84 -0.39
CA GLU A 59 -3.77 13.79 0.14
C GLU A 59 -3.23 14.47 1.40
N GLY A 60 -2.15 15.23 1.23
CA GLY A 60 -1.56 15.94 2.37
C GLY A 60 -0.72 15.02 3.24
N LEU A 61 -1.29 14.63 4.38
CA LEU A 61 -0.59 13.74 5.31
C LEU A 61 -1.18 12.33 5.26
N THR A 62 -2.03 12.08 4.28
CA THR A 62 -2.65 10.77 4.13
C THR A 62 -2.36 10.18 2.76
N LEU A 63 -1.87 8.94 2.76
CA LEU A 63 -1.55 8.26 1.51
C LEU A 63 -2.35 6.97 1.37
N ARG A 64 -2.53 6.52 0.14
CA ARG A 64 -3.28 5.30 -0.13
C ARG A 64 -2.96 4.75 -1.52
N LEU A 65 -2.96 3.43 -1.64
CA LEU A 65 -2.65 2.78 -2.91
C LEU A 65 -3.76 1.78 -3.29
N THR A 66 -4.54 2.13 -4.30
CA THR A 66 -5.61 1.26 -4.76
C THR A 66 -5.08 0.11 -5.61
N ILE A 67 -5.37 -1.12 -5.19
CA ILE A 67 -4.93 -2.30 -5.93
C ILE A 67 -6.10 -3.11 -6.44
N SER A 68 -6.35 -3.02 -7.75
CA SER A 68 -7.46 -3.75 -8.36
C SER A 68 -6.95 -4.97 -9.11
N ALA A 69 -7.88 -5.83 -9.52
CA ALA A 69 -7.52 -7.05 -10.25
C ALA A 69 -6.63 -7.95 -9.41
N LEU A 70 -6.73 -7.82 -8.10
CA LEU A 70 -5.93 -8.63 -7.18
C LEU A 70 -5.86 -10.08 -7.65
N GLU A 71 -4.92 -10.83 -7.09
CA GLU A 71 -4.75 -12.23 -7.45
C GLU A 71 -3.99 -12.99 -6.36
N LYS A 72 -4.05 -14.31 -6.42
CA LYS A 72 -3.36 -15.15 -5.44
C LYS A 72 -1.90 -14.72 -5.29
N ALA A 73 -1.32 -14.23 -6.36
CA ALA A 73 0.07 -13.79 -6.36
C ALA A 73 0.24 -12.53 -5.51
N ASP A 74 -0.61 -11.54 -5.77
CA ASP A 74 -0.56 -10.28 -5.04
C ASP A 74 -0.25 -10.53 -3.56
N SER A 75 -0.70 -11.67 -3.04
CA SER A 75 -0.46 -12.02 -1.65
C SER A 75 1.01 -11.90 -1.29
N ASP A 76 1.36 -10.84 -0.58
CA ASP A 76 2.75 -10.61 -0.17
C ASP A 76 2.85 -9.41 0.75
N THR A 77 4.06 -9.10 1.20
CA THR A 77 4.28 -7.98 2.10
C THR A 77 4.67 -6.73 1.32
N TYR A 78 3.81 -5.73 1.37
CA TYR A 78 4.06 -4.47 0.67
C TYR A 78 4.74 -3.46 1.60
N THR A 79 5.51 -2.55 1.00
CA THR A 79 6.22 -1.52 1.76
C THR A 79 6.01 -0.15 1.15
N CYS A 80 5.40 0.75 1.92
CA CYS A 80 5.15 2.11 1.46
C CYS A 80 6.29 3.03 1.84
N ASP A 81 7.17 3.32 0.88
CA ASP A 81 8.30 4.19 1.13
C ASP A 81 7.97 5.64 0.76
N ILE A 82 8.51 6.58 1.53
CA ILE A 82 8.26 7.99 1.28
C ILE A 82 9.57 8.74 1.06
N GLY A 83 10.67 8.15 1.51
CA GLY A 83 11.97 8.78 1.35
C GLY A 83 12.80 8.72 2.61
N GLN A 84 12.13 8.69 3.76
CA GLN A 84 12.83 8.63 5.04
C GLN A 84 12.42 7.39 5.83
N ALA A 85 11.13 7.05 5.76
CA ALA A 85 10.61 5.88 6.46
C ALA A 85 9.84 4.97 5.51
N GLN A 86 9.56 3.75 5.96
CA GLN A 86 8.81 2.80 5.16
C GLN A 86 7.89 1.95 6.03
N SER A 87 6.66 1.76 5.58
CA SER A 87 5.67 0.98 6.31
C SER A 87 5.59 -0.44 5.76
N ARG A 88 4.74 -1.26 6.38
CA ARG A 88 4.56 -2.64 5.94
C ARG A 88 3.14 -3.13 6.26
N ALA A 89 2.60 -3.95 5.37
CA ALA A 89 1.26 -4.49 5.56
C ALA A 89 1.10 -5.82 4.83
N GLN A 90 0.33 -6.73 5.42
CA GLN A 90 0.09 -8.04 4.83
C GLN A 90 -1.22 -8.06 4.07
N LEU A 91 -1.20 -8.71 2.90
CA LEU A 91 -2.40 -8.80 2.07
C LEU A 91 -2.82 -10.25 1.88
N LEU A 92 -4.13 -10.49 1.87
CA LEU A 92 -4.67 -11.84 1.71
C LEU A 92 -5.67 -11.88 0.56
N VAL A 93 -5.32 -12.60 -0.51
CA VAL A 93 -6.20 -12.72 -1.66
C VAL A 93 -6.93 -14.05 -1.65
N GLN A 94 -8.12 -14.06 -1.06
CA GLN A 94 -8.93 -15.27 -0.98
C GLN A 94 -9.36 -15.73 -2.36
N GLY A 95 -10.12 -16.81 -2.41
CA GLY A 95 -10.59 -17.34 -3.68
C GLY A 95 -12.10 -17.29 -3.82
N ARG A 96 -12.60 -16.25 -4.47
CA ARG A 96 -14.04 -16.09 -4.66
C ARG A 96 -14.69 -17.42 -4.98
N ARG A 97 -13.93 -18.34 -5.56
CA ARG A 97 -14.43 -19.66 -5.93
C ARG A 97 -13.60 -20.76 -5.28
N SER A 98 -14.10 -21.31 -4.19
CA SER A 98 -13.39 -22.37 -3.48
C SER A 98 -14.03 -23.73 -3.77
N GLY A 99 -13.68 -24.31 -4.91
CA GLY A 99 -14.22 -25.61 -5.29
C GLY A 99 -13.34 -26.76 -4.81
N PRO A 100 -13.95 -27.94 -4.67
CA PRO A 100 -13.24 -29.15 -4.22
C PRO A 100 -12.26 -29.66 -5.27
N SER A 101 -10.97 -29.52 -4.99
CA SER A 101 -9.94 -29.97 -5.92
C SER A 101 -10.03 -31.48 -6.14
N SER A 102 -9.98 -32.23 -5.04
CA SER A 102 -10.05 -33.69 -5.11
C SER A 102 -11.48 -34.16 -5.36
N GLY A 103 -11.86 -34.19 -6.64
CA GLY A 103 -13.20 -34.63 -6.98
C GLY A 103 -13.22 -35.52 -8.22
N GLY A 1 10.60 29.49 -1.54
CA GLY A 1 10.99 28.94 -0.26
C GLY A 1 12.23 28.07 -0.35
N SER A 2 12.55 27.38 0.74
CA SER A 2 13.73 26.52 0.77
C SER A 2 13.65 25.45 -0.32
N SER A 3 14.78 24.78 -0.55
CA SER A 3 14.84 23.73 -1.56
C SER A 3 14.70 22.35 -0.94
N GLY A 4 14.94 22.28 0.36
CA GLY A 4 14.85 21.01 1.07
C GLY A 4 16.14 20.21 1.01
N SER A 5 17.20 20.76 1.58
CA SER A 5 18.50 20.09 1.58
C SER A 5 18.42 18.77 2.33
N SER A 6 18.03 18.82 3.60
CA SER A 6 17.92 17.63 4.42
C SER A 6 16.67 17.69 5.30
N GLY A 7 15.78 16.71 5.12
CA GLY A 7 14.57 16.67 5.90
C GLY A 7 14.19 15.26 6.32
N ALA A 8 13.63 15.13 7.51
CA ALA A 8 13.22 13.82 8.02
C ALA A 8 11.71 13.68 8.04
N ASN A 9 11.23 12.49 8.35
CA ASN A 9 9.80 12.22 8.39
C ASN A 9 9.51 10.83 8.96
N CYS A 10 8.29 10.64 9.45
CA CYS A 10 7.90 9.36 10.03
C CYS A 10 6.45 9.02 9.66
N PHE A 11 5.95 7.91 10.18
CA PHE A 11 4.59 7.48 9.92
C PHE A 11 3.74 7.55 11.18
N THR A 12 2.66 8.34 11.11
CA THR A 12 1.77 8.50 12.24
C THR A 12 0.79 7.33 12.34
N GLU A 13 0.39 6.80 11.19
CA GLU A 13 -0.53 5.68 11.16
C GLU A 13 -0.04 4.60 10.20
N GLU A 14 0.58 3.56 10.75
CA GLU A 14 1.09 2.46 9.94
C GLU A 14 -0.03 1.78 9.17
N LEU A 15 0.34 1.03 8.14
CA LEU A 15 -0.63 0.33 7.31
C LEU A 15 -1.32 -0.77 8.11
N THR A 16 -2.30 -1.42 7.49
CA THR A 16 -3.05 -2.50 8.14
C THR A 16 -3.22 -3.69 7.19
N ASN A 17 -3.36 -4.87 7.78
CA ASN A 17 -3.54 -6.09 7.00
C ASN A 17 -4.87 -6.08 6.25
N LEU A 18 -4.82 -6.26 4.95
CA LEU A 18 -6.02 -6.25 4.12
C LEU A 18 -6.41 -7.68 3.73
N GLN A 19 -7.71 -7.93 3.61
CA GLN A 19 -8.20 -9.25 3.24
C GLN A 19 -9.37 -9.13 2.26
N VAL A 20 -9.15 -9.60 1.03
CA VAL A 20 -10.18 -9.55 0.01
C VAL A 20 -10.03 -10.70 -0.98
N GLU A 21 -11.15 -11.16 -1.53
CA GLU A 21 -11.14 -12.26 -2.49
C GLU A 21 -10.47 -11.85 -3.79
N GLU A 22 -9.62 -12.73 -4.32
CA GLU A 22 -8.92 -12.45 -5.57
C GLU A 22 -9.80 -11.66 -6.53
N LYS A 23 -9.17 -10.89 -7.42
CA LYS A 23 -9.89 -10.09 -8.40
C LYS A 23 -10.76 -9.05 -7.70
N GLY A 24 -10.37 -8.67 -6.49
CA GLY A 24 -11.13 -7.68 -5.75
C GLY A 24 -10.48 -6.31 -5.76
N THR A 25 -10.52 -5.62 -4.63
CA THR A 25 -9.94 -4.28 -4.53
C THR A 25 -9.32 -4.06 -3.15
N ALA A 26 -8.02 -3.75 -3.13
CA ALA A 26 -7.32 -3.52 -1.88
C ALA A 26 -6.57 -2.19 -1.92
N VAL A 27 -6.99 -1.26 -1.08
CA VAL A 27 -6.36 0.07 -1.02
C VAL A 27 -5.62 0.26 0.30
N PHE A 28 -4.31 0.07 0.28
CA PHE A 28 -3.50 0.23 1.48
C PHE A 28 -3.50 1.68 1.95
N THR A 29 -4.24 1.95 3.02
CA THR A 29 -4.32 3.29 3.57
C THR A 29 -3.28 3.51 4.66
N CYS A 30 -2.63 4.67 4.63
CA CYS A 30 -1.61 4.99 5.61
C CYS A 30 -1.59 6.50 5.90
N LYS A 31 -0.67 6.92 6.75
CA LYS A 31 -0.54 8.33 7.11
C LYS A 31 0.92 8.70 7.38
N THR A 32 1.20 9.99 7.38
CA THR A 32 2.55 10.48 7.62
C THR A 32 2.53 11.84 8.31
N GLU A 33 3.51 12.07 9.18
CA GLU A 33 3.60 13.32 9.91
C GLU A 33 3.72 14.51 8.94
N HIS A 34 4.51 14.32 7.89
CA HIS A 34 4.70 15.37 6.89
C HIS A 34 4.30 14.88 5.50
N PRO A 35 3.84 15.82 4.66
CA PRO A 35 3.42 15.51 3.30
C PRO A 35 4.58 15.11 2.39
N ALA A 36 4.90 13.82 2.38
CA ALA A 36 5.99 13.31 1.56
C ALA A 36 5.86 13.78 0.11
N ALA A 37 6.89 14.46 -0.38
CA ALA A 37 6.89 14.95 -1.76
C ALA A 37 6.88 13.82 -2.76
N THR A 38 7.23 12.61 -2.29
CA THR A 38 7.27 11.44 -3.15
C THR A 38 6.97 10.17 -2.36
N VAL A 39 6.50 9.14 -3.05
CA VAL A 39 6.18 7.87 -2.42
C VAL A 39 6.41 6.70 -3.36
N THR A 40 7.34 5.82 -3.00
CA THR A 40 7.66 4.66 -3.83
C THR A 40 7.25 3.37 -3.14
N TRP A 41 6.16 2.78 -3.58
CA TRP A 41 5.65 1.54 -3.01
C TRP A 41 6.47 0.35 -3.49
N ARG A 42 6.43 -0.75 -2.73
CA ARG A 42 7.17 -1.95 -3.09
C ARG A 42 6.35 -3.20 -2.76
N LYS A 43 6.36 -4.16 -3.69
CA LYS A 43 5.62 -5.40 -3.50
C LYS A 43 6.52 -6.61 -3.74
N GLY A 44 6.61 -7.47 -2.75
CA GLY A 44 7.45 -8.66 -2.87
C GLY A 44 8.82 -8.35 -3.43
N LEU A 45 9.58 -7.52 -2.71
CA LEU A 45 10.92 -7.14 -3.15
C LEU A 45 10.89 -6.60 -4.57
N LEU A 46 9.81 -5.89 -4.91
CA LEU A 46 9.66 -5.31 -6.23
C LEU A 46 9.19 -3.86 -6.15
N GLU A 47 9.64 -3.03 -7.08
CA GLU A 47 9.27 -1.62 -7.11
C GLU A 47 7.95 -1.43 -7.86
N LEU A 48 6.99 -0.80 -7.21
CA LEU A 48 5.69 -0.54 -7.81
C LEU A 48 5.67 0.81 -8.51
N ARG A 49 4.81 0.95 -9.51
CA ARG A 49 4.68 2.19 -10.26
C ARG A 49 3.23 2.48 -10.62
N ALA A 50 2.85 3.74 -10.57
CA ALA A 50 1.48 4.15 -10.89
C ALA A 50 1.00 3.48 -12.18
N SER A 51 0.18 2.45 -12.03
CA SER A 51 -0.34 1.72 -13.18
C SER A 51 -1.78 1.25 -12.93
N GLY A 52 -2.45 0.82 -13.99
CA GLY A 52 -3.82 0.36 -13.85
C GLY A 52 -4.03 -0.49 -12.62
N LYS A 53 -2.95 -1.14 -12.16
CA LYS A 53 -3.02 -1.99 -10.98
C LYS A 53 -2.78 -1.19 -9.71
N HIS A 54 -1.57 -0.65 -9.56
CA HIS A 54 -1.22 0.13 -8.39
C HIS A 54 -1.31 1.63 -8.71
N GLN A 55 -2.38 2.26 -8.24
CA GLN A 55 -2.59 3.69 -8.46
C GLN A 55 -2.57 4.46 -7.15
N PRO A 56 -1.37 4.85 -6.70
CA PRO A 56 -1.19 5.59 -5.45
C PRO A 56 -1.71 7.02 -5.54
N SER A 57 -1.69 7.73 -4.42
CA SER A 57 -2.17 9.10 -4.38
C SER A 57 -1.61 9.84 -3.17
N GLN A 58 -1.73 11.17 -3.18
CA GLN A 58 -1.23 11.98 -2.08
C GLN A 58 -2.27 13.01 -1.65
N GLU A 59 -2.75 12.88 -0.42
CA GLU A 59 -3.75 13.80 0.11
C GLU A 59 -3.28 14.42 1.42
N GLY A 60 -2.44 15.45 1.33
CA GLY A 60 -1.94 16.10 2.52
C GLY A 60 -1.07 15.19 3.36
N LEU A 61 -1.62 14.72 4.48
CA LEU A 61 -0.89 13.83 5.37
C LEU A 61 -1.46 12.42 5.33
N THR A 62 -2.28 12.15 4.31
CA THR A 62 -2.89 10.83 4.15
C THR A 62 -2.60 10.26 2.78
N LEU A 63 -1.99 9.07 2.74
CA LEU A 63 -1.66 8.42 1.48
C LEU A 63 -2.35 7.07 1.37
N ARG A 64 -2.55 6.60 0.15
CA ARG A 64 -3.19 5.31 -0.09
C ARG A 64 -2.85 4.78 -1.47
N LEU A 65 -2.93 3.47 -1.63
CA LEU A 65 -2.63 2.82 -2.91
C LEU A 65 -3.71 1.83 -3.28
N THR A 66 -4.59 2.22 -4.20
CA THR A 66 -5.67 1.36 -4.65
C THR A 66 -5.16 0.26 -5.57
N ILE A 67 -5.49 -0.98 -5.24
CA ILE A 67 -5.05 -2.13 -6.04
C ILE A 67 -6.25 -2.95 -6.50
N SER A 68 -6.41 -3.06 -7.82
CA SER A 68 -7.52 -3.83 -8.39
C SER A 68 -7.00 -5.03 -9.18
N ALA A 69 -7.88 -5.97 -9.47
CA ALA A 69 -7.51 -7.16 -10.23
C ALA A 69 -6.57 -8.05 -9.42
N LEU A 70 -6.67 -7.98 -8.10
CA LEU A 70 -5.83 -8.77 -7.22
C LEU A 70 -5.84 -10.23 -7.64
N GLU A 71 -5.03 -11.05 -6.96
CA GLU A 71 -4.96 -12.47 -7.26
C GLU A 71 -4.13 -13.20 -6.21
N LYS A 72 -4.04 -14.53 -6.34
CA LYS A 72 -3.28 -15.34 -5.40
C LYS A 72 -1.85 -14.82 -5.27
N ALA A 73 -1.35 -14.21 -6.33
CA ALA A 73 0.00 -13.66 -6.33
C ALA A 73 0.12 -12.46 -5.40
N ASP A 74 -0.85 -11.55 -5.50
CA ASP A 74 -0.86 -10.35 -4.67
C ASP A 74 -0.41 -10.66 -3.26
N SER A 75 -0.87 -11.81 -2.73
CA SER A 75 -0.51 -12.22 -1.38
C SER A 75 0.99 -12.07 -1.14
N ASP A 76 1.38 -10.97 -0.50
CA ASP A 76 2.78 -10.70 -0.22
C ASP A 76 2.93 -9.54 0.75
N THR A 77 4.17 -9.21 1.09
CA THR A 77 4.44 -8.12 2.01
C THR A 77 4.73 -6.82 1.27
N TYR A 78 3.82 -5.85 1.41
CA TYR A 78 3.97 -4.56 0.74
C TYR A 78 4.76 -3.59 1.61
N THR A 79 5.43 -2.63 0.97
CA THR A 79 6.22 -1.64 1.68
C THR A 79 6.04 -0.26 1.06
N CYS A 80 5.44 0.65 1.83
CA CYS A 80 5.22 2.01 1.36
C CYS A 80 6.30 2.95 1.87
N ASP A 81 7.24 3.30 0.99
CA ASP A 81 8.33 4.20 1.35
C ASP A 81 8.02 5.64 0.95
N ILE A 82 8.47 6.59 1.76
CA ILE A 82 8.24 8.00 1.48
C ILE A 82 9.56 8.73 1.23
N GLY A 83 10.63 8.24 1.83
CA GLY A 83 11.93 8.86 1.66
C GLY A 83 12.79 8.75 2.90
N GLN A 84 12.16 8.75 4.07
CA GLN A 84 12.88 8.66 5.33
C GLN A 84 12.43 7.44 6.12
N ALA A 85 11.19 7.02 5.91
CA ALA A 85 10.64 5.86 6.60
C ALA A 85 9.90 4.95 5.63
N GLN A 86 9.60 3.73 6.08
CA GLN A 86 8.89 2.76 5.25
C GLN A 86 7.99 1.87 6.11
N SER A 87 6.75 1.70 5.66
CA SER A 87 5.79 0.88 6.39
C SER A 87 5.72 -0.53 5.80
N ARG A 88 4.89 -1.38 6.39
CA ARG A 88 4.74 -2.75 5.93
C ARG A 88 3.36 -3.29 6.28
N ALA A 89 2.74 -3.98 5.33
CA ALA A 89 1.41 -4.56 5.54
C ALA A 89 1.28 -5.90 4.85
N GLN A 90 0.53 -6.81 5.46
CA GLN A 90 0.32 -8.14 4.89
C GLN A 90 -1.05 -8.24 4.23
N LEU A 91 -1.07 -8.69 2.98
CA LEU A 91 -2.31 -8.84 2.24
C LEU A 91 -2.73 -10.31 2.14
N LEU A 92 -4.03 -10.53 2.00
CA LEU A 92 -4.55 -11.90 1.90
C LEU A 92 -5.60 -12.00 0.79
N VAL A 93 -5.23 -12.65 -0.30
CA VAL A 93 -6.14 -12.81 -1.43
C VAL A 93 -6.92 -14.12 -1.32
N GLN A 94 -8.12 -14.04 -0.74
CA GLN A 94 -8.96 -15.22 -0.58
C GLN A 94 -9.34 -15.80 -1.93
N GLY A 95 -9.83 -17.05 -1.91
CA GLY A 95 -10.23 -17.70 -3.15
C GLY A 95 -11.72 -17.57 -3.42
N ARG A 96 -12.07 -16.71 -4.37
CA ARG A 96 -13.47 -16.49 -4.73
C ARG A 96 -14.20 -17.82 -4.86
N ARG A 97 -13.61 -18.75 -5.60
CA ARG A 97 -14.21 -20.06 -5.80
C ARG A 97 -13.15 -21.12 -6.06
N SER A 98 -13.19 -22.19 -5.27
CA SER A 98 -12.22 -23.28 -5.42
C SER A 98 -12.62 -24.23 -6.54
N GLY A 99 -12.72 -23.68 -7.75
CA GLY A 99 -13.09 -24.49 -8.89
C GLY A 99 -11.89 -24.99 -9.68
N PRO A 100 -12.14 -25.54 -10.87
CA PRO A 100 -11.08 -26.05 -11.75
C PRO A 100 -10.21 -24.95 -12.32
N SER A 101 -10.54 -23.70 -11.99
CA SER A 101 -9.79 -22.55 -12.49
C SER A 101 -8.40 -22.51 -11.85
N SER A 102 -7.39 -22.21 -12.66
CA SER A 102 -6.02 -22.13 -12.18
C SER A 102 -5.92 -21.23 -10.96
N GLY A 103 -6.56 -20.07 -11.04
CA GLY A 103 -6.54 -19.12 -9.93
C GLY A 103 -6.46 -17.68 -10.40
N GLY A 1 4.83 33.59 12.66
CA GLY A 1 5.27 32.88 13.86
C GLY A 1 5.04 31.39 13.79
N SER A 2 6.11 30.62 13.90
CA SER A 2 6.02 29.16 13.83
C SER A 2 7.32 28.52 14.32
N SER A 3 7.19 27.60 15.27
CA SER A 3 8.35 26.91 15.82
C SER A 3 8.20 25.39 15.69
N GLY A 4 9.31 24.72 15.44
CA GLY A 4 9.28 23.27 15.30
C GLY A 4 10.47 22.74 14.52
N SER A 5 11.54 22.42 15.23
CA SER A 5 12.75 21.90 14.58
C SER A 5 12.56 20.45 14.14
N SER A 6 12.51 20.24 12.84
CA SER A 6 12.32 18.90 12.28
C SER A 6 13.53 18.49 11.45
N GLY A 7 13.79 17.19 11.42
CA GLY A 7 14.92 16.68 10.66
C GLY A 7 14.57 15.44 9.85
N ALA A 8 13.72 14.59 10.41
CA ALA A 8 13.30 13.38 9.72
C ALA A 8 11.79 13.19 9.81
N ASN A 9 11.24 12.37 8.92
CA ASN A 9 9.80 12.11 8.90
C ASN A 9 9.50 10.73 9.46
N CYS A 10 8.22 10.47 9.72
CA CYS A 10 7.80 9.18 10.26
C CYS A 10 6.32 8.94 9.99
N PHE A 11 5.89 7.69 10.13
CA PHE A 11 4.50 7.32 9.89
C PHE A 11 3.69 7.35 11.18
N THR A 12 2.72 8.25 11.25
CA THR A 12 1.88 8.39 12.43
C THR A 12 0.90 7.23 12.54
N GLU A 13 0.48 6.69 11.39
CA GLU A 13 -0.46 5.58 11.35
C GLU A 13 0.00 4.50 10.38
N GLU A 14 0.61 3.46 10.92
CA GLU A 14 1.11 2.35 10.10
C GLU A 14 -0.03 1.65 9.39
N LEU A 15 0.29 0.96 8.29
CA LEU A 15 -0.71 0.26 7.51
C LEU A 15 -1.40 -0.82 8.35
N THR A 16 -2.40 -1.47 7.77
CA THR A 16 -3.13 -2.53 8.46
C THR A 16 -3.45 -3.68 7.53
N ASN A 17 -3.10 -4.89 7.95
CA ASN A 17 -3.35 -6.09 7.14
C ASN A 17 -4.71 -6.00 6.46
N LEU A 18 -4.75 -6.36 5.18
CA LEU A 18 -5.98 -6.32 4.40
C LEU A 18 -6.33 -7.70 3.87
N GLN A 19 -7.62 -8.02 3.86
CA GLN A 19 -8.09 -9.31 3.36
C GLN A 19 -9.25 -9.14 2.40
N VAL A 20 -9.02 -9.46 1.13
CA VAL A 20 -10.05 -9.34 0.12
C VAL A 20 -10.03 -10.53 -0.84
N GLU A 21 -11.17 -10.81 -1.46
CA GLU A 21 -11.28 -11.93 -2.40
C GLU A 21 -10.60 -11.60 -3.72
N GLU A 22 -9.90 -12.58 -4.28
CA GLU A 22 -9.21 -12.39 -5.55
C GLU A 22 -10.10 -11.69 -6.57
N LYS A 23 -9.48 -11.01 -7.52
CA LYS A 23 -10.21 -10.28 -8.56
C LYS A 23 -11.08 -9.19 -7.95
N GLY A 24 -10.60 -8.62 -6.84
CA GLY A 24 -11.35 -7.56 -6.17
C GLY A 24 -10.61 -6.24 -6.18
N THR A 25 -10.38 -5.69 -5.01
CA THR A 25 -9.68 -4.42 -4.87
C THR A 25 -9.11 -4.23 -3.47
N ALA A 26 -7.82 -3.98 -3.38
CA ALA A 26 -7.16 -3.78 -2.10
C ALA A 26 -6.41 -2.46 -2.07
N VAL A 27 -6.77 -1.59 -1.13
CA VAL A 27 -6.13 -0.29 -0.99
C VAL A 27 -5.43 -0.16 0.36
N PHE A 28 -4.12 0.01 0.32
CA PHE A 28 -3.33 0.15 1.54
C PHE A 28 -3.31 1.60 2.01
N THR A 29 -4.16 1.92 2.98
CA THR A 29 -4.24 3.27 3.52
C THR A 29 -3.23 3.48 4.63
N CYS A 30 -2.50 4.58 4.57
CA CYS A 30 -1.49 4.90 5.58
C CYS A 30 -1.48 6.40 5.88
N LYS A 31 -0.63 6.80 6.82
CA LYS A 31 -0.51 8.19 7.21
C LYS A 31 0.95 8.58 7.44
N THR A 32 1.20 9.88 7.56
CA THR A 32 2.55 10.37 7.78
C THR A 32 2.53 11.69 8.55
N GLU A 33 3.57 11.92 9.35
CA GLU A 33 3.66 13.14 10.14
C GLU A 33 3.89 14.35 9.24
N HIS A 34 4.56 14.13 8.12
CA HIS A 34 4.83 15.21 7.17
C HIS A 34 4.38 14.81 5.76
N PRO A 35 3.96 15.82 4.97
CA PRO A 35 3.51 15.60 3.59
C PRO A 35 4.65 15.21 2.66
N ALA A 36 5.00 13.94 2.65
CA ALA A 36 6.08 13.43 1.81
C ALA A 36 5.93 13.95 0.38
N ALA A 37 7.06 14.23 -0.26
CA ALA A 37 7.07 14.73 -1.63
C ALA A 37 6.85 13.60 -2.63
N THR A 38 7.54 12.49 -2.42
CA THR A 38 7.43 11.33 -3.30
C THR A 38 7.12 10.07 -2.51
N VAL A 39 6.41 9.14 -3.15
CA VAL A 39 6.04 7.88 -2.52
C VAL A 39 6.27 6.70 -3.44
N THR A 40 7.16 5.80 -3.05
CA THR A 40 7.48 4.62 -3.86
C THR A 40 7.08 3.35 -3.13
N TRP A 41 5.97 2.75 -3.54
CA TRP A 41 5.49 1.52 -2.94
C TRP A 41 6.29 0.32 -3.42
N ARG A 42 6.13 -0.82 -2.76
CA ARG A 42 6.83 -2.03 -3.12
C ARG A 42 5.99 -3.28 -2.82
N LYS A 43 5.88 -4.16 -3.81
CA LYS A 43 5.11 -5.38 -3.66
C LYS A 43 6.01 -6.58 -3.43
N GLY A 44 6.22 -6.94 -2.16
CA GLY A 44 7.08 -8.05 -1.84
C GLY A 44 8.55 -7.77 -2.08
N LEU A 45 9.01 -8.04 -3.29
CA LEU A 45 10.41 -7.80 -3.65
C LEU A 45 10.51 -6.96 -4.91
N LEU A 46 9.36 -6.63 -5.50
CA LEU A 46 9.33 -5.82 -6.71
C LEU A 46 8.86 -4.40 -6.39
N GLU A 47 9.42 -3.43 -7.11
CA GLU A 47 9.06 -2.03 -6.91
C GLU A 47 7.76 -1.69 -7.64
N LEU A 48 6.94 -0.85 -7.01
CA LEU A 48 5.66 -0.45 -7.59
C LEU A 48 5.76 0.95 -8.20
N ARG A 49 4.80 1.29 -9.05
CA ARG A 49 4.77 2.60 -9.68
C ARG A 49 3.38 2.91 -10.23
N ALA A 50 2.99 4.18 -10.16
CA ALA A 50 1.69 4.61 -10.65
C ALA A 50 1.34 3.93 -11.97
N SER A 51 0.48 2.92 -11.91
CA SER A 51 0.08 2.20 -13.10
C SER A 51 -1.34 1.63 -12.94
N GLY A 52 -1.97 1.31 -14.07
CA GLY A 52 -3.31 0.76 -14.02
C GLY A 52 -3.53 -0.18 -12.86
N LYS A 53 -2.44 -0.82 -12.41
CA LYS A 53 -2.52 -1.74 -11.29
C LYS A 53 -2.37 -1.00 -9.96
N HIS A 54 -1.22 -0.39 -9.75
CA HIS A 54 -0.95 0.36 -8.52
C HIS A 54 -1.07 1.86 -8.76
N GLN A 55 -2.23 2.41 -8.40
CA GLN A 55 -2.48 3.85 -8.58
C GLN A 55 -2.53 4.55 -7.23
N PRO A 56 -1.36 4.98 -6.73
CA PRO A 56 -1.26 5.69 -5.45
C PRO A 56 -1.86 7.08 -5.50
N SER A 57 -1.86 7.76 -4.36
CA SER A 57 -2.41 9.11 -4.27
C SER A 57 -1.79 9.87 -3.10
N GLN A 58 -2.07 11.17 -3.03
CA GLN A 58 -1.56 12.01 -1.97
C GLN A 58 -2.62 12.98 -1.47
N GLU A 59 -2.95 12.88 -0.19
CA GLU A 59 -3.96 13.74 0.41
C GLU A 59 -3.43 14.40 1.68
N GLY A 60 -2.62 15.44 1.50
CA GLY A 60 -2.05 16.14 2.64
C GLY A 60 -1.12 15.27 3.45
N LEU A 61 -1.62 14.74 4.56
CA LEU A 61 -0.82 13.88 5.43
C LEU A 61 -1.33 12.44 5.39
N THR A 62 -2.12 12.13 4.36
CA THR A 62 -2.66 10.79 4.21
C THR A 62 -2.37 10.24 2.81
N LEU A 63 -2.04 8.95 2.75
CA LEU A 63 -1.73 8.30 1.47
C LEU A 63 -2.45 6.96 1.36
N ARG A 64 -2.58 6.48 0.13
CA ARG A 64 -3.24 5.20 -0.12
C ARG A 64 -2.93 4.68 -1.51
N LEU A 65 -2.77 3.37 -1.64
CA LEU A 65 -2.46 2.75 -2.92
C LEU A 65 -3.55 1.75 -3.31
N THR A 66 -4.40 2.13 -4.25
CA THR A 66 -5.47 1.26 -4.72
C THR A 66 -4.95 0.20 -5.68
N ILE A 67 -5.21 -1.06 -5.37
CA ILE A 67 -4.77 -2.17 -6.21
C ILE A 67 -5.96 -2.99 -6.71
N SER A 68 -6.17 -2.99 -8.02
CA SER A 68 -7.27 -3.73 -8.62
C SER A 68 -6.76 -5.00 -9.29
N ALA A 69 -7.67 -5.93 -9.55
CA ALA A 69 -7.32 -7.19 -10.19
C ALA A 69 -6.44 -8.04 -9.28
N LEU A 70 -6.86 -8.20 -8.04
CA LEU A 70 -6.11 -8.99 -7.07
C LEU A 70 -6.05 -10.46 -7.48
N GLU A 71 -5.09 -11.18 -6.92
CA GLU A 71 -4.93 -12.61 -7.24
C GLU A 71 -4.00 -13.28 -6.24
N LYS A 72 -4.09 -14.61 -6.16
CA LYS A 72 -3.25 -15.37 -5.24
C LYS A 72 -1.87 -14.74 -5.12
N ALA A 73 -1.29 -14.36 -6.25
CA ALA A 73 0.03 -13.74 -6.27
C ALA A 73 0.08 -12.53 -5.35
N ASP A 74 -0.83 -11.60 -5.56
CA ASP A 74 -0.89 -10.38 -4.75
C ASP A 74 -0.49 -10.67 -3.31
N SER A 75 -0.97 -11.80 -2.78
CA SER A 75 -0.67 -12.19 -1.40
C SER A 75 0.82 -12.02 -1.11
N ASP A 76 1.17 -10.86 -0.56
CA ASP A 76 2.56 -10.57 -0.22
C ASP A 76 2.65 -9.39 0.74
N THR A 77 3.88 -9.02 1.10
CA THR A 77 4.11 -7.90 2.00
C THR A 77 4.42 -6.62 1.23
N TYR A 78 3.56 -5.62 1.38
CA TYR A 78 3.74 -4.35 0.70
C TYR A 78 4.50 -3.36 1.58
N THR A 79 5.40 -2.60 0.97
CA THR A 79 6.19 -1.62 1.71
C THR A 79 6.03 -0.22 1.09
N CYS A 80 5.48 0.70 1.88
CA CYS A 80 5.27 2.07 1.42
C CYS A 80 6.42 2.97 1.89
N ASP A 81 7.26 3.37 0.94
CA ASP A 81 8.40 4.25 1.26
C ASP A 81 8.09 5.69 0.87
N ILE A 82 8.57 6.62 1.68
CA ILE A 82 8.35 8.05 1.44
C ILE A 82 9.67 8.78 1.27
N GLY A 83 10.77 8.11 1.60
CA GLY A 83 12.08 8.72 1.49
C GLY A 83 12.86 8.66 2.78
N GLN A 84 12.17 8.78 3.90
CA GLN A 84 12.80 8.74 5.21
C GLN A 84 12.43 7.46 5.96
N ALA A 85 11.14 7.12 5.91
CA ALA A 85 10.66 5.92 6.59
C ALA A 85 9.87 5.03 5.63
N GLN A 86 9.54 3.83 6.08
CA GLN A 86 8.78 2.89 5.26
C GLN A 86 7.90 1.99 6.13
N SER A 87 6.70 1.70 5.63
CA SER A 87 5.75 0.87 6.36
C SER A 87 5.71 -0.54 5.78
N ARG A 88 4.90 -1.40 6.39
CA ARG A 88 4.76 -2.78 5.93
C ARG A 88 3.41 -3.35 6.33
N ALA A 89 2.77 -4.06 5.39
CA ALA A 89 1.47 -4.67 5.65
C ALA A 89 1.29 -5.94 4.83
N GLN A 90 0.68 -6.95 5.45
CA GLN A 90 0.45 -8.22 4.78
C GLN A 90 -0.94 -8.26 4.14
N LEU A 91 -1.01 -8.72 2.89
CA LEU A 91 -2.27 -8.80 2.18
C LEU A 91 -2.72 -10.25 2.03
N LEU A 92 -4.02 -10.48 2.10
CA LEU A 92 -4.58 -11.82 1.98
C LEU A 92 -5.63 -11.87 0.87
N VAL A 93 -5.36 -12.66 -0.16
CA VAL A 93 -6.27 -12.80 -1.29
C VAL A 93 -7.11 -14.07 -1.16
N GLN A 94 -8.27 -13.94 -0.51
CA GLN A 94 -9.16 -15.08 -0.33
C GLN A 94 -9.58 -15.67 -1.67
N GLY A 95 -9.40 -16.98 -1.81
CA GLY A 95 -9.78 -17.64 -3.05
C GLY A 95 -11.26 -17.52 -3.35
N ARG A 96 -11.62 -16.56 -4.20
CA ARG A 96 -13.01 -16.34 -4.58
C ARG A 96 -13.70 -17.66 -4.91
N ARG A 97 -13.20 -18.35 -5.92
CA ARG A 97 -13.76 -19.62 -6.34
C ARG A 97 -12.68 -20.58 -6.83
N SER A 98 -12.56 -21.72 -6.17
CA SER A 98 -11.55 -22.72 -6.53
C SER A 98 -12.10 -23.69 -7.57
N GLY A 99 -12.04 -23.30 -8.84
CA GLY A 99 -12.54 -24.15 -9.90
C GLY A 99 -11.45 -24.57 -10.87
N PRO A 100 -11.63 -25.74 -11.50
CA PRO A 100 -10.66 -26.26 -12.46
C PRO A 100 -10.63 -25.46 -13.76
N SER A 101 -11.62 -24.58 -13.93
CA SER A 101 -11.70 -23.76 -15.12
C SER A 101 -10.35 -23.12 -15.45
N SER A 102 -10.18 -22.69 -16.68
CA SER A 102 -8.93 -22.07 -17.12
C SER A 102 -9.21 -20.73 -17.80
N GLY A 103 -8.39 -19.73 -17.48
CA GLY A 103 -8.56 -18.41 -18.06
C GLY A 103 -7.24 -17.77 -18.45
N GLY A 1 -1.97 25.33 12.98
CA GLY A 1 -0.76 24.91 12.30
C GLY A 1 0.40 25.84 12.57
N SER A 2 1.44 25.32 13.21
CA SER A 2 2.62 26.11 13.53
C SER A 2 3.81 25.22 13.89
N SER A 3 4.78 25.15 12.99
CA SER A 3 5.96 24.32 13.22
C SER A 3 7.23 25.16 13.11
N GLY A 4 8.35 24.58 13.57
CA GLY A 4 9.62 25.29 13.52
C GLY A 4 10.73 24.45 12.93
N SER A 5 11.22 23.48 13.72
CA SER A 5 12.29 22.61 13.28
C SER A 5 11.73 21.29 12.76
N SER A 6 12.47 20.66 11.84
CA SER A 6 12.04 19.39 11.26
C SER A 6 13.20 18.72 10.54
N GLY A 7 13.36 17.41 10.77
CA GLY A 7 14.43 16.67 10.13
C GLY A 7 13.92 15.48 9.34
N ALA A 8 13.71 14.36 10.04
CA ALA A 8 13.22 13.15 9.39
C ALA A 8 11.70 13.06 9.46
N ASN A 9 11.14 12.00 8.89
CA ASN A 9 9.70 11.80 8.89
C ASN A 9 9.34 10.45 9.50
N CYS A 10 8.08 10.31 9.89
CA CYS A 10 7.59 9.07 10.49
C CYS A 10 6.13 8.83 10.16
N PHE A 11 5.70 7.58 10.25
CA PHE A 11 4.31 7.22 9.96
C PHE A 11 3.47 7.24 11.23
N THR A 12 2.53 8.18 11.28
CA THR A 12 1.66 8.31 12.44
C THR A 12 0.67 7.14 12.53
N GLU A 13 0.30 6.61 11.37
CA GLU A 13 -0.62 5.48 11.31
C GLU A 13 -0.13 4.42 10.34
N GLU A 14 0.48 3.37 10.89
CA GLU A 14 1.00 2.28 10.07
C GLU A 14 -0.13 1.55 9.36
N LEU A 15 0.20 0.91 8.24
CA LEU A 15 -0.79 0.18 7.46
C LEU A 15 -1.45 -0.91 8.31
N THR A 16 -2.38 -1.64 7.72
CA THR A 16 -3.09 -2.70 8.42
C THR A 16 -3.40 -3.87 7.49
N ASN A 17 -3.15 -5.08 7.96
CA ASN A 17 -3.41 -6.28 7.16
C ASN A 17 -4.80 -6.24 6.56
N LEU A 18 -4.87 -6.33 5.23
CA LEU A 18 -6.15 -6.30 4.52
C LEU A 18 -6.51 -7.69 3.99
N GLN A 19 -7.79 -8.04 4.09
CA GLN A 19 -8.25 -9.33 3.63
C GLN A 19 -9.34 -9.17 2.56
N VAL A 20 -9.03 -9.58 1.33
CA VAL A 20 -9.98 -9.48 0.23
C VAL A 20 -9.91 -10.70 -0.67
N GLU A 21 -10.90 -10.85 -1.54
CA GLU A 21 -10.94 -11.97 -2.47
C GLU A 21 -10.34 -11.61 -3.81
N GLU A 22 -9.71 -12.58 -4.46
CA GLU A 22 -9.10 -12.35 -5.77
C GLU A 22 -10.04 -11.61 -6.70
N LYS A 23 -9.46 -10.89 -7.67
CA LYS A 23 -10.25 -10.13 -8.63
C LYS A 23 -11.10 -9.07 -7.91
N GLY A 24 -10.62 -8.61 -6.76
CA GLY A 24 -11.35 -7.60 -6.02
C GLY A 24 -10.64 -6.26 -6.01
N THR A 25 -10.61 -5.62 -4.84
CA THR A 25 -9.96 -4.32 -4.71
C THR A 25 -9.34 -4.15 -3.33
N ALA A 26 -8.04 -3.88 -3.29
CA ALA A 26 -7.32 -3.71 -2.03
C ALA A 26 -6.50 -2.43 -2.05
N VAL A 27 -6.90 -1.45 -1.25
CA VAL A 27 -6.19 -0.18 -1.18
C VAL A 27 -5.50 -0.02 0.18
N PHE A 28 -4.17 -0.02 0.17
CA PHE A 28 -3.39 0.13 1.39
C PHE A 28 -3.37 1.59 1.85
N THR A 29 -4.11 1.88 2.92
CA THR A 29 -4.19 3.22 3.46
C THR A 29 -3.19 3.42 4.60
N CYS A 30 -2.53 4.57 4.61
CA CYS A 30 -1.55 4.88 5.65
C CYS A 30 -1.53 6.38 5.95
N LYS A 31 -0.68 6.77 6.90
CA LYS A 31 -0.57 8.17 7.28
C LYS A 31 0.88 8.53 7.59
N THR A 32 1.18 9.83 7.59
CA THR A 32 2.53 10.31 7.87
C THR A 32 2.50 11.62 8.64
N GLU A 33 3.57 11.88 9.39
CA GLU A 33 3.67 13.10 10.18
C GLU A 33 3.97 14.30 9.30
N HIS A 34 4.66 14.05 8.19
CA HIS A 34 5.02 15.12 7.25
C HIS A 34 4.58 14.77 5.83
N PRO A 35 4.26 15.80 5.04
CA PRO A 35 3.81 15.63 3.66
C PRO A 35 4.93 15.15 2.74
N ALA A 36 5.20 13.85 2.77
CA ALA A 36 6.25 13.27 1.94
C ALA A 36 6.20 13.83 0.52
N ALA A 37 7.35 14.25 0.02
CA ALA A 37 7.44 14.80 -1.33
C ALA A 37 7.36 13.70 -2.38
N THR A 38 7.82 12.51 -2.02
CA THR A 38 7.81 11.37 -2.93
C THR A 38 7.44 10.08 -2.21
N VAL A 39 6.76 9.18 -2.91
CA VAL A 39 6.35 7.91 -2.32
C VAL A 39 6.54 6.77 -3.31
N THR A 40 7.35 5.78 -2.91
CA THR A 40 7.62 4.63 -3.77
C THR A 40 7.16 3.34 -3.10
N TRP A 41 6.01 2.84 -3.54
CA TRP A 41 5.46 1.61 -2.99
C TRP A 41 6.18 0.39 -3.55
N ARG A 42 6.29 -0.66 -2.73
CA ARG A 42 6.97 -1.88 -3.14
C ARG A 42 6.12 -3.11 -2.79
N LYS A 43 6.09 -4.07 -3.71
CA LYS A 43 5.32 -5.29 -3.51
C LYS A 43 6.15 -6.52 -3.85
N GLY A 44 6.37 -7.39 -2.87
CA GLY A 44 7.15 -8.59 -3.10
C GLY A 44 8.49 -8.31 -3.73
N LEU A 45 9.32 -7.53 -3.04
CA LEU A 45 10.64 -7.18 -3.55
C LEU A 45 10.55 -6.64 -4.97
N LEU A 46 9.48 -5.88 -5.25
CA LEU A 46 9.28 -5.30 -6.57
C LEU A 46 8.81 -3.86 -6.46
N GLU A 47 9.38 -3.00 -7.31
CA GLU A 47 9.02 -1.58 -7.30
C GLU A 47 7.75 -1.34 -8.09
N LEU A 48 6.73 -0.81 -7.43
CA LEU A 48 5.46 -0.53 -8.08
C LEU A 48 5.50 0.79 -8.84
N ARG A 49 4.60 0.94 -9.80
CA ARG A 49 4.54 2.16 -10.60
C ARG A 49 3.10 2.52 -10.93
N ALA A 50 2.78 3.82 -10.83
CA ALA A 50 1.43 4.29 -11.13
C ALA A 50 0.89 3.68 -12.41
N SER A 51 -0.03 2.73 -12.27
CA SER A 51 -0.62 2.05 -13.42
C SER A 51 -1.98 1.47 -13.06
N GLY A 52 -2.76 1.13 -14.09
CA GLY A 52 -4.08 0.56 -13.86
C GLY A 52 -4.12 -0.34 -12.65
N LYS A 53 -3.01 -1.01 -12.37
CA LYS A 53 -2.92 -1.92 -11.23
C LYS A 53 -2.68 -1.14 -9.94
N HIS A 54 -1.49 -0.56 -9.82
CA HIS A 54 -1.14 0.22 -8.63
C HIS A 54 -1.29 1.71 -8.90
N GLN A 55 -2.35 2.29 -8.35
CA GLN A 55 -2.62 3.71 -8.52
C GLN A 55 -2.57 4.44 -7.19
N PRO A 56 -1.36 4.87 -6.79
CA PRO A 56 -1.16 5.59 -5.52
C PRO A 56 -1.75 6.99 -5.55
N SER A 57 -1.71 7.67 -4.40
CA SER A 57 -2.25 9.02 -4.30
C SER A 57 -1.67 9.74 -3.08
N GLN A 58 -1.91 11.04 -3.00
CA GLN A 58 -1.42 11.84 -1.88
C GLN A 58 -2.51 12.77 -1.37
N GLU A 59 -2.50 13.01 -0.07
CA GLU A 59 -3.49 13.89 0.56
C GLU A 59 -2.98 14.42 1.90
N GLY A 60 -3.78 15.27 2.53
CA GLY A 60 -3.40 15.84 3.81
C GLY A 60 -2.76 14.82 4.73
N LEU A 61 -1.44 14.70 4.66
CA LEU A 61 -0.71 13.75 5.49
C LEU A 61 -1.35 12.38 5.45
N THR A 62 -1.99 12.07 4.32
CA THR A 62 -2.65 10.78 4.14
C THR A 62 -2.31 10.17 2.78
N LEU A 63 -1.73 8.98 2.80
CA LEU A 63 -1.35 8.29 1.57
C LEU A 63 -2.11 6.97 1.43
N ARG A 64 -2.31 6.54 0.20
CA ARG A 64 -3.02 5.29 -0.06
C ARG A 64 -2.68 4.76 -1.45
N LEU A 65 -2.70 3.42 -1.59
CA LEU A 65 -2.38 2.79 -2.87
C LEU A 65 -3.45 1.75 -3.23
N THR A 66 -4.27 2.08 -4.22
CA THR A 66 -5.32 1.19 -4.66
C THR A 66 -4.77 0.08 -5.56
N ILE A 67 -5.20 -1.14 -5.31
CA ILE A 67 -4.75 -2.28 -6.09
C ILE A 67 -5.92 -3.16 -6.53
N SER A 68 -6.35 -2.99 -7.77
CA SER A 68 -7.47 -3.75 -8.32
C SER A 68 -6.97 -5.00 -9.05
N ALA A 69 -7.90 -5.89 -9.37
CA ALA A 69 -7.55 -7.12 -10.08
C ALA A 69 -6.66 -8.02 -9.22
N LEU A 70 -6.95 -8.06 -7.92
CA LEU A 70 -6.17 -8.88 -7.00
C LEU A 70 -6.03 -10.31 -7.52
N GLU A 71 -5.17 -11.09 -6.87
CA GLU A 71 -4.94 -12.46 -7.26
C GLU A 71 -4.13 -13.21 -6.20
N LYS A 72 -4.39 -14.51 -6.08
CA LYS A 72 -3.70 -15.34 -5.10
C LYS A 72 -2.24 -14.92 -4.98
N ALA A 73 -1.67 -14.44 -6.08
CA ALA A 73 -0.28 -14.00 -6.09
C ALA A 73 -0.11 -12.68 -5.35
N ASP A 74 -0.90 -11.69 -5.74
CA ASP A 74 -0.84 -10.37 -5.12
C ASP A 74 -0.55 -10.49 -3.62
N SER A 75 -1.22 -11.44 -2.98
CA SER A 75 -1.04 -11.66 -1.55
C SER A 75 0.44 -11.70 -1.18
N ASP A 76 0.96 -10.58 -0.69
CA ASP A 76 2.36 -10.49 -0.30
C ASP A 76 2.60 -9.30 0.62
N THR A 77 3.85 -9.09 1.01
CA THR A 77 4.21 -7.99 1.89
C THR A 77 4.53 -6.73 1.09
N TYR A 78 3.75 -5.68 1.32
CA TYR A 78 3.95 -4.41 0.63
C TYR A 78 4.70 -3.41 1.51
N THR A 79 5.33 -2.43 0.89
CA THR A 79 6.08 -1.41 1.61
C THR A 79 5.83 -0.03 1.03
N CYS A 80 5.52 0.93 1.90
CA CYS A 80 5.26 2.30 1.47
C CYS A 80 6.41 3.22 1.86
N ASP A 81 7.38 3.35 0.95
CA ASP A 81 8.55 4.20 1.20
C ASP A 81 8.22 5.66 0.91
N ILE A 82 8.62 6.54 1.82
CA ILE A 82 8.37 7.97 1.67
C ILE A 82 9.68 8.75 1.57
N GLY A 83 10.79 8.06 1.80
CA GLY A 83 12.09 8.70 1.75
C GLY A 83 12.84 8.62 3.06
N GLN A 84 12.13 8.80 4.16
CA GLN A 84 12.74 8.73 5.49
C GLN A 84 12.29 7.48 6.24
N ALA A 85 11.04 7.11 6.03
CA ALA A 85 10.48 5.92 6.70
C ALA A 85 9.78 5.02 5.69
N GLN A 86 9.45 3.80 6.12
CA GLN A 86 8.79 2.83 5.26
C GLN A 86 7.83 1.96 6.07
N SER A 87 6.59 1.87 5.59
CA SER A 87 5.57 1.07 6.27
C SER A 87 5.51 -0.35 5.69
N ARG A 88 4.63 -1.17 6.24
CA ARG A 88 4.48 -2.54 5.77
C ARG A 88 3.12 -3.10 6.18
N ALA A 89 2.56 -3.97 5.34
CA ALA A 89 1.26 -4.58 5.62
C ALA A 89 1.09 -5.86 4.82
N GLN A 90 0.54 -6.89 5.46
CA GLN A 90 0.31 -8.17 4.81
C GLN A 90 -1.09 -8.24 4.21
N LEU A 91 -1.18 -8.75 2.99
CA LEU A 91 -2.46 -8.87 2.30
C LEU A 91 -2.86 -10.33 2.15
N LEU A 92 -4.17 -10.58 2.04
CA LEU A 92 -4.68 -11.94 1.89
C LEU A 92 -5.72 -12.00 0.77
N VAL A 93 -5.34 -12.61 -0.34
CA VAL A 93 -6.25 -12.75 -1.48
C VAL A 93 -7.01 -14.07 -1.42
N GLN A 94 -8.17 -14.04 -0.77
CA GLN A 94 -8.99 -15.23 -0.64
C GLN A 94 -9.37 -15.78 -2.00
N GLY A 95 -10.14 -16.87 -2.01
CA GLY A 95 -10.57 -17.48 -3.26
C GLY A 95 -12.05 -17.29 -3.52
N ARG A 96 -12.39 -16.44 -4.48
CA ARG A 96 -13.78 -16.19 -4.82
C ARG A 96 -14.55 -17.50 -5.01
N ARG A 97 -15.66 -17.64 -4.29
CA ARG A 97 -16.47 -18.85 -4.37
C ARG A 97 -15.65 -20.09 -4.04
N SER A 98 -14.86 -19.99 -2.97
CA SER A 98 -14.02 -21.10 -2.54
C SER A 98 -14.87 -22.29 -2.12
N GLY A 99 -14.52 -23.47 -2.64
CA GLY A 99 -15.26 -24.68 -2.30
C GLY A 99 -14.70 -25.91 -2.98
N PRO A 100 -14.96 -27.08 -2.39
CA PRO A 100 -14.47 -28.36 -2.92
C PRO A 100 -15.18 -28.75 -4.22
N SER A 101 -14.57 -29.67 -4.96
CA SER A 101 -15.14 -30.13 -6.22
C SER A 101 -15.62 -31.57 -6.12
N SER A 102 -16.26 -31.90 -5.00
CA SER A 102 -16.77 -33.24 -4.77
C SER A 102 -18.00 -33.51 -5.63
N GLY A 103 -17.99 -34.63 -6.34
CA GLY A 103 -19.12 -34.99 -7.19
C GLY A 103 -18.80 -34.85 -8.67
N GLY A 1 6.07 20.84 -7.71
CA GLY A 1 5.34 21.99 -7.19
C GLY A 1 4.97 21.81 -5.73
N SER A 2 5.05 22.90 -4.96
CA SER A 2 4.71 22.86 -3.54
C SER A 2 5.31 21.62 -2.89
N SER A 3 6.56 21.31 -3.23
CA SER A 3 7.24 20.15 -2.68
C SER A 3 7.66 20.41 -1.23
N GLY A 4 7.57 19.37 -0.41
CA GLY A 4 7.94 19.51 0.99
C GLY A 4 9.43 19.71 1.19
N SER A 5 9.79 20.59 2.10
CA SER A 5 11.19 20.89 2.37
C SER A 5 11.96 19.60 2.70
N SER A 6 13.23 19.56 2.32
CA SER A 6 14.06 18.40 2.56
C SER A 6 14.26 18.16 4.06
N GLY A 7 13.58 17.17 4.59
CA GLY A 7 13.69 16.86 6.00
C GLY A 7 13.18 15.47 6.34
N ALA A 8 13.64 14.94 7.47
CA ALA A 8 13.22 13.61 7.90
C ALA A 8 11.70 13.48 7.91
N ASN A 9 11.22 12.29 8.26
CA ASN A 9 9.78 12.05 8.31
C ASN A 9 9.48 10.67 8.91
N CYS A 10 8.30 10.54 9.51
CA CYS A 10 7.90 9.28 10.11
C CYS A 10 6.42 8.99 9.85
N PHE A 11 6.03 7.73 10.01
CA PHE A 11 4.65 7.33 9.78
C PHE A 11 3.85 7.39 11.07
N THR A 12 2.80 8.21 11.08
CA THR A 12 1.95 8.36 12.25
C THR A 12 1.00 7.18 12.40
N GLU A 13 0.52 6.66 11.27
CA GLU A 13 -0.40 5.53 11.29
C GLU A 13 0.06 4.46 10.31
N GLU A 14 0.71 3.42 10.83
CA GLU A 14 1.20 2.32 10.01
C GLU A 14 0.06 1.66 9.25
N LEU A 15 0.40 0.94 8.19
CA LEU A 15 -0.61 0.26 7.38
C LEU A 15 -1.30 -0.83 8.18
N THR A 16 -2.26 -1.51 7.54
CA THR A 16 -3.00 -2.57 8.20
C THR A 16 -3.17 -3.77 7.28
N ASN A 17 -3.50 -4.92 7.86
CA ASN A 17 -3.69 -6.14 7.09
C ASN A 17 -5.04 -6.15 6.39
N LEU A 18 -5.03 -6.38 5.08
CA LEU A 18 -6.25 -6.41 4.30
C LEU A 18 -6.58 -7.82 3.84
N GLN A 19 -7.87 -8.13 3.75
CA GLN A 19 -8.32 -9.46 3.33
C GLN A 19 -9.50 -9.35 2.37
N VAL A 20 -9.28 -9.77 1.13
CA VAL A 20 -10.32 -9.72 0.11
C VAL A 20 -10.20 -10.90 -0.84
N GLU A 21 -11.29 -11.20 -1.54
CA GLU A 21 -11.31 -12.29 -2.50
C GLU A 21 -10.63 -11.90 -3.80
N GLU A 22 -9.85 -12.82 -4.37
CA GLU A 22 -9.14 -12.58 -5.61
C GLU A 22 -10.01 -11.79 -6.59
N LYS A 23 -9.36 -11.08 -7.50
CA LYS A 23 -10.07 -10.28 -8.49
C LYS A 23 -10.92 -9.21 -7.82
N GLY A 24 -10.47 -8.72 -6.67
CA GLY A 24 -11.20 -7.71 -5.95
C GLY A 24 -10.54 -6.35 -6.02
N THR A 25 -10.29 -5.76 -4.86
CA THR A 25 -9.66 -4.44 -4.79
C THR A 25 -9.12 -4.16 -3.39
N ALA A 26 -7.80 -4.05 -3.27
CA ALA A 26 -7.17 -3.77 -1.98
C ALA A 26 -6.50 -2.40 -1.98
N VAL A 27 -6.90 -1.55 -1.04
CA VAL A 27 -6.34 -0.21 -0.93
C VAL A 27 -5.59 -0.04 0.39
N PHE A 28 -4.26 -0.07 0.32
CA PHE A 28 -3.43 0.09 1.51
C PHE A 28 -3.43 1.54 1.98
N THR A 29 -4.22 1.82 3.01
CA THR A 29 -4.31 3.17 3.56
C THR A 29 -3.27 3.38 4.65
N CYS A 30 -2.54 4.49 4.56
CA CYS A 30 -1.51 4.82 5.55
C CYS A 30 -1.50 6.30 5.86
N LYS A 31 -0.64 6.71 6.79
CA LYS A 31 -0.54 8.11 7.17
C LYS A 31 0.92 8.51 7.40
N THR A 32 1.18 9.81 7.44
CA THR A 32 2.53 10.32 7.65
C THR A 32 2.51 11.56 8.52
N GLU A 33 3.62 11.81 9.22
CA GLU A 33 3.74 12.98 10.08
C GLU A 33 3.89 14.25 9.25
N HIS A 34 4.57 14.14 8.12
CA HIS A 34 4.79 15.28 7.24
C HIS A 34 4.35 14.96 5.81
N PRO A 35 3.98 16.00 5.05
CA PRO A 35 3.54 15.86 3.66
C PRO A 35 4.67 15.45 2.73
N ALA A 36 4.90 14.15 2.62
CA ALA A 36 5.96 13.62 1.76
C ALA A 36 5.83 14.17 0.34
N ALA A 37 6.95 14.55 -0.25
CA ALA A 37 6.96 15.08 -1.61
C ALA A 37 6.78 13.97 -2.64
N THR A 38 7.35 12.81 -2.34
CA THR A 38 7.25 11.67 -3.24
C THR A 38 7.04 10.37 -2.47
N VAL A 39 6.47 9.37 -3.13
CA VAL A 39 6.21 8.08 -2.51
C VAL A 39 6.42 6.94 -3.50
N THR A 40 7.17 5.92 -3.07
CA THR A 40 7.45 4.77 -3.92
C THR A 40 7.04 3.48 -3.24
N TRP A 41 5.88 2.96 -3.62
CA TRP A 41 5.38 1.71 -3.04
C TRP A 41 6.18 0.51 -3.53
N ARG A 42 6.28 -0.51 -2.69
CA ARG A 42 7.02 -1.71 -3.04
C ARG A 42 6.24 -2.97 -2.66
N LYS A 43 6.28 -3.98 -3.53
CA LYS A 43 5.58 -5.22 -3.28
C LYS A 43 6.45 -6.42 -3.65
N GLY A 44 6.67 -7.31 -2.69
CA GLY A 44 7.48 -8.49 -2.94
C GLY A 44 8.81 -8.14 -3.58
N LEU A 45 9.56 -7.24 -2.96
CA LEU A 45 10.85 -6.82 -3.47
C LEU A 45 10.73 -6.30 -4.90
N LEU A 46 9.58 -5.71 -5.21
CA LEU A 46 9.34 -5.16 -6.54
C LEU A 46 8.84 -3.72 -6.45
N GLU A 47 9.40 -2.85 -7.29
CA GLU A 47 9.00 -1.44 -7.30
C GLU A 47 7.70 -1.26 -8.09
N LEU A 48 6.74 -0.60 -7.45
CA LEU A 48 5.44 -0.36 -8.08
C LEU A 48 5.42 1.00 -8.76
N ARG A 49 4.66 1.09 -9.85
CA ARG A 49 4.56 2.35 -10.60
C ARG A 49 3.10 2.76 -10.77
N ALA A 50 2.85 4.07 -10.68
CA ALA A 50 1.50 4.60 -10.82
C ALA A 50 0.87 4.16 -12.14
N SER A 51 -0.04 3.19 -12.07
CA SER A 51 -0.70 2.69 -13.26
C SER A 51 -2.07 2.08 -12.91
N GLY A 52 -2.79 1.66 -13.93
CA GLY A 52 -4.10 1.06 -13.72
C GLY A 52 -4.12 0.12 -12.52
N LYS A 53 -3.09 -0.70 -12.41
CA LYS A 53 -2.98 -1.66 -11.31
C LYS A 53 -2.71 -0.95 -9.99
N HIS A 54 -1.51 -0.40 -9.86
CA HIS A 54 -1.12 0.33 -8.65
C HIS A 54 -1.18 1.83 -8.87
N GLN A 55 -2.29 2.45 -8.46
CA GLN A 55 -2.47 3.88 -8.61
C GLN A 55 -2.48 4.58 -7.25
N PRO A 56 -1.29 4.93 -6.76
CA PRO A 56 -1.13 5.61 -5.47
C PRO A 56 -1.65 7.03 -5.50
N SER A 57 -1.62 7.70 -4.34
CA SER A 57 -2.09 9.07 -4.23
C SER A 57 -1.33 9.82 -3.14
N GLN A 58 -1.62 11.12 -3.01
CA GLN A 58 -0.96 11.94 -2.01
C GLN A 58 -1.93 12.95 -1.43
N GLU A 59 -2.36 12.72 -0.18
CA GLU A 59 -3.29 13.61 0.49
C GLU A 59 -2.68 14.18 1.77
N GLY A 60 -3.34 15.17 2.35
CA GLY A 60 -2.85 15.78 3.57
C GLY A 60 -2.42 14.74 4.60
N LEU A 61 -1.11 14.58 4.76
CA LEU A 61 -0.57 13.62 5.71
C LEU A 61 -1.30 12.29 5.62
N THR A 62 -1.87 12.01 4.45
CA THR A 62 -2.60 10.77 4.23
C THR A 62 -2.31 10.19 2.84
N LEU A 63 -1.88 8.94 2.81
CA LEU A 63 -1.55 8.27 1.56
C LEU A 63 -2.33 6.96 1.42
N ARG A 64 -2.44 6.47 0.19
CA ARG A 64 -3.15 5.22 -0.07
C ARG A 64 -2.84 4.70 -1.47
N LEU A 65 -2.77 3.38 -1.60
CA LEU A 65 -2.48 2.76 -2.89
C LEU A 65 -3.60 1.81 -3.30
N THR A 66 -4.44 2.27 -4.23
CA THR A 66 -5.55 1.47 -4.71
C THR A 66 -5.07 0.36 -5.65
N ILE A 67 -5.36 -0.89 -5.28
CA ILE A 67 -4.96 -2.02 -6.10
C ILE A 67 -6.17 -2.84 -6.54
N SER A 68 -6.25 -3.10 -7.84
CA SER A 68 -7.37 -3.86 -8.39
C SER A 68 -6.87 -5.11 -9.11
N ALA A 69 -7.78 -6.01 -9.43
CA ALA A 69 -7.43 -7.25 -10.12
C ALA A 69 -6.53 -8.13 -9.24
N LEU A 70 -6.81 -8.15 -7.94
CA LEU A 70 -6.02 -8.93 -7.00
C LEU A 70 -5.92 -10.39 -7.47
N GLU A 71 -5.14 -11.18 -6.75
CA GLU A 71 -4.95 -12.59 -7.08
C GLU A 71 -4.12 -13.31 -6.02
N LYS A 72 -4.41 -14.58 -5.81
CA LYS A 72 -3.69 -15.37 -4.83
C LYS A 72 -2.19 -15.05 -4.85
N ALA A 73 -1.71 -14.58 -6.00
CA ALA A 73 -0.31 -14.22 -6.16
C ALA A 73 0.01 -12.94 -5.40
N ASP A 74 -0.75 -11.89 -5.67
CA ASP A 74 -0.55 -10.60 -5.01
C ASP A 74 -0.18 -10.79 -3.55
N SER A 75 -0.85 -11.74 -2.89
CA SER A 75 -0.60 -12.01 -1.48
C SER A 75 0.89 -11.94 -1.17
N ASP A 76 1.32 -10.80 -0.64
CA ASP A 76 2.72 -10.60 -0.29
C ASP A 76 2.89 -9.41 0.64
N THR A 77 4.11 -9.18 1.11
CA THR A 77 4.41 -8.08 2.00
C THR A 77 4.70 -6.80 1.23
N TYR A 78 3.87 -5.79 1.42
CA TYR A 78 4.05 -4.51 0.74
C TYR A 78 4.85 -3.54 1.61
N THR A 79 5.34 -2.47 0.99
CA THR A 79 6.13 -1.47 1.69
C THR A 79 6.01 -0.11 1.02
N CYS A 80 5.47 0.86 1.76
CA CYS A 80 5.29 2.21 1.24
C CYS A 80 6.42 3.13 1.72
N ASP A 81 7.31 3.49 0.80
CA ASP A 81 8.44 4.37 1.13
C ASP A 81 8.11 5.81 0.78
N ILE A 82 8.50 6.73 1.66
CA ILE A 82 8.25 8.15 1.44
C ILE A 82 9.56 8.90 1.19
N GLY A 83 10.67 8.31 1.63
CA GLY A 83 11.96 8.94 1.43
C GLY A 83 12.86 8.78 2.64
N GLN A 84 12.26 8.80 3.83
CA GLN A 84 13.02 8.66 5.07
C GLN A 84 12.55 7.45 5.86
N ALA A 85 11.30 7.07 5.66
CA ALA A 85 10.73 5.93 6.36
C ALA A 85 9.87 5.08 5.42
N GLN A 86 9.48 3.90 5.89
CA GLN A 86 8.67 2.99 5.10
C GLN A 86 7.78 2.12 5.98
N SER A 87 6.59 1.81 5.49
CA SER A 87 5.64 0.99 6.24
C SER A 87 5.59 -0.42 5.69
N ARG A 88 4.76 -1.27 6.29
CA ARG A 88 4.61 -2.65 5.86
C ARG A 88 3.26 -3.22 6.28
N ALA A 89 2.67 -4.02 5.40
CA ALA A 89 1.37 -4.63 5.68
C ALA A 89 1.21 -5.96 4.95
N GLN A 90 0.48 -6.88 5.55
CA GLN A 90 0.26 -8.20 4.96
C GLN A 90 -1.11 -8.26 4.28
N LEU A 91 -1.12 -8.67 3.02
CA LEU A 91 -2.36 -8.77 2.26
C LEU A 91 -2.78 -10.24 2.12
N LEU A 92 -4.09 -10.46 2.07
CA LEU A 92 -4.63 -11.81 1.94
C LEU A 92 -5.67 -11.87 0.83
N VAL A 93 -5.39 -12.67 -0.20
CA VAL A 93 -6.30 -12.83 -1.32
C VAL A 93 -7.11 -14.11 -1.21
N GLN A 94 -8.28 -14.01 -0.56
CA GLN A 94 -9.15 -15.16 -0.38
C GLN A 94 -9.54 -15.77 -1.72
N GLY A 95 -9.48 -17.09 -1.81
CA GLY A 95 -9.84 -17.76 -3.04
C GLY A 95 -11.31 -17.63 -3.37
N ARG A 96 -11.61 -16.80 -4.37
CA ARG A 96 -12.99 -16.57 -4.79
C ARG A 96 -13.62 -17.87 -5.27
N ARG A 97 -13.22 -18.33 -6.45
CA ARG A 97 -13.75 -19.55 -7.03
C ARG A 97 -12.63 -20.49 -7.47
N SER A 98 -12.46 -21.59 -6.75
CA SER A 98 -11.43 -22.56 -7.06
C SER A 98 -11.47 -22.95 -8.53
N GLY A 99 -10.33 -23.42 -9.05
CA GLY A 99 -10.27 -23.83 -10.45
C GLY A 99 -9.43 -22.88 -11.27
N PRO A 100 -8.91 -23.38 -12.42
CA PRO A 100 -8.08 -22.59 -13.32
C PRO A 100 -8.88 -21.51 -14.05
N SER A 101 -8.26 -20.34 -14.21
CA SER A 101 -8.91 -19.22 -14.89
C SER A 101 -8.46 -19.12 -16.33
N SER A 102 -9.21 -19.73 -17.24
CA SER A 102 -8.88 -19.72 -18.65
C SER A 102 -9.84 -18.82 -19.42
N GLY A 103 -9.30 -18.02 -20.33
CA GLY A 103 -10.13 -17.12 -21.12
C GLY A 103 -9.37 -16.49 -22.27
N GLY A 1 5.54 26.55 13.59
CA GLY A 1 6.73 26.22 12.83
C GLY A 1 6.59 24.92 12.06
N SER A 2 6.89 24.96 10.76
CA SER A 2 6.79 23.78 9.92
C SER A 2 8.18 23.31 9.48
N SER A 3 8.25 22.07 9.01
CA SER A 3 9.52 21.49 8.56
C SER A 3 9.78 21.84 7.11
N GLY A 4 10.95 22.41 6.84
CA GLY A 4 11.30 22.78 5.47
C GLY A 4 12.29 21.82 4.85
N SER A 5 13.50 21.78 5.39
CA SER A 5 14.55 20.91 4.88
C SER A 5 15.11 20.03 6.00
N SER A 6 15.35 20.63 7.15
CA SER A 6 15.90 19.90 8.29
C SER A 6 14.78 19.23 9.09
N GLY A 7 14.71 17.91 9.00
CA GLY A 7 13.69 17.17 9.72
C GLY A 7 13.41 15.82 9.10
N ALA A 8 13.04 14.86 9.93
CA ALA A 8 12.73 13.51 9.46
C ALA A 8 11.24 13.22 9.54
N ASN A 9 10.74 12.48 8.56
CA ASN A 9 9.32 12.14 8.51
C ASN A 9 9.04 10.86 9.31
N CYS A 10 7.77 10.56 9.52
CA CYS A 10 7.37 9.38 10.27
C CYS A 10 5.94 8.99 9.95
N PHE A 11 5.59 7.73 10.22
CA PHE A 11 4.24 7.24 9.95
C PHE A 11 3.40 7.26 11.23
N THR A 12 2.44 8.18 11.27
CA THR A 12 1.56 8.31 12.42
C THR A 12 0.60 7.13 12.53
N GLU A 13 0.21 6.58 11.38
CA GLU A 13 -0.70 5.45 11.34
C GLU A 13 -0.18 4.36 10.39
N GLU A 14 0.44 3.35 10.96
CA GLU A 14 0.99 2.25 10.16
C GLU A 14 -0.13 1.53 9.40
N LEU A 15 0.23 0.93 8.27
CA LEU A 15 -0.74 0.21 7.45
C LEU A 15 -1.46 -0.86 8.27
N THR A 16 -2.39 -1.56 7.63
CA THR A 16 -3.15 -2.60 8.30
C THR A 16 -3.47 -3.75 7.34
N ASN A 17 -2.97 -4.93 7.66
CA ASN A 17 -3.19 -6.11 6.83
C ASN A 17 -4.61 -6.13 6.28
N LEU A 18 -4.72 -6.22 4.95
CA LEU A 18 -6.02 -6.24 4.30
C LEU A 18 -6.41 -7.66 3.89
N GLN A 19 -7.70 -7.95 3.95
CA GLN A 19 -8.19 -9.28 3.59
C GLN A 19 -9.36 -9.17 2.60
N VAL A 20 -9.14 -9.66 1.38
CA VAL A 20 -10.16 -9.63 0.35
C VAL A 20 -10.02 -10.81 -0.60
N GLU A 21 -11.11 -11.14 -1.30
CA GLU A 21 -11.11 -12.24 -2.24
C GLU A 21 -10.55 -11.80 -3.60
N GLU A 22 -9.79 -12.69 -4.23
CA GLU A 22 -9.20 -12.40 -5.53
C GLU A 22 -10.19 -11.67 -6.43
N LYS A 23 -9.67 -11.00 -7.45
CA LYS A 23 -10.52 -10.26 -8.39
C LYS A 23 -11.30 -9.17 -7.67
N GLY A 24 -10.73 -8.65 -6.59
CA GLY A 24 -11.39 -7.61 -5.83
C GLY A 24 -10.64 -6.29 -5.90
N THR A 25 -10.67 -5.53 -4.79
CA THR A 25 -10.00 -4.24 -4.73
C THR A 25 -9.37 -4.01 -3.36
N ALA A 26 -8.05 -3.90 -3.33
CA ALA A 26 -7.33 -3.68 -2.08
C ALA A 26 -6.57 -2.35 -2.12
N VAL A 27 -6.87 -1.47 -1.16
CA VAL A 27 -6.22 -0.17 -1.07
C VAL A 27 -5.52 0.00 0.27
N PHE A 28 -4.20 -0.01 0.24
CA PHE A 28 -3.40 0.15 1.46
C PHE A 28 -3.42 1.60 1.93
N THR A 29 -4.18 1.87 2.98
CA THR A 29 -4.28 3.21 3.53
C THR A 29 -3.28 3.43 4.65
N CYS A 30 -2.53 4.53 4.57
CA CYS A 30 -1.52 4.85 5.57
C CYS A 30 -1.53 6.34 5.88
N LYS A 31 -0.73 6.73 6.87
CA LYS A 31 -0.65 8.13 7.28
C LYS A 31 0.79 8.53 7.60
N THR A 32 1.05 9.82 7.65
CA THR A 32 2.38 10.32 7.94
C THR A 32 2.32 11.60 8.79
N GLU A 33 3.43 11.92 9.44
CA GLU A 33 3.50 13.11 10.28
C GLU A 33 3.66 14.37 9.44
N HIS A 34 4.52 14.29 8.41
CA HIS A 34 4.77 15.42 7.53
C HIS A 34 4.37 15.08 6.11
N PRO A 35 3.98 16.12 5.34
CA PRO A 35 3.57 15.97 3.94
C PRO A 35 4.74 15.60 3.03
N ALA A 36 4.90 14.31 2.77
CA ALA A 36 5.97 13.82 1.92
C ALA A 36 5.88 14.44 0.52
N ALA A 37 6.96 14.33 -0.25
CA ALA A 37 7.00 14.87 -1.60
C ALA A 37 6.88 13.77 -2.63
N THR A 38 7.34 12.57 -2.29
CA THR A 38 7.28 11.44 -3.19
C THR A 38 7.09 10.13 -2.42
N VAL A 39 6.39 9.17 -3.04
CA VAL A 39 6.13 7.88 -2.42
C VAL A 39 6.42 6.74 -3.38
N THR A 40 7.22 5.78 -2.94
CA THR A 40 7.58 4.63 -3.76
C THR A 40 7.13 3.33 -3.11
N TRP A 41 5.99 2.81 -3.55
CA TRP A 41 5.46 1.57 -3.00
C TRP A 41 6.26 0.37 -3.50
N ARG A 42 6.37 -0.65 -2.67
CA ARG A 42 7.11 -1.86 -3.03
C ARG A 42 6.28 -3.11 -2.74
N LYS A 43 6.18 -3.99 -3.73
CA LYS A 43 5.42 -5.23 -3.57
C LYS A 43 6.29 -6.44 -3.87
N GLY A 44 6.34 -7.38 -2.93
CA GLY A 44 7.14 -8.58 -3.11
C GLY A 44 8.53 -8.27 -3.62
N LEU A 45 9.31 -7.57 -2.80
CA LEU A 45 10.67 -7.21 -3.17
C LEU A 45 10.73 -6.65 -4.59
N LEU A 46 9.74 -5.84 -4.93
CA LEU A 46 9.67 -5.23 -6.26
C LEU A 46 9.13 -3.81 -6.18
N GLU A 47 9.74 -2.90 -6.94
CA GLU A 47 9.31 -1.51 -6.97
C GLU A 47 8.03 -1.35 -7.78
N LEU A 48 7.07 -0.61 -7.24
CA LEU A 48 5.81 -0.38 -7.91
C LEU A 48 5.75 1.03 -8.51
N ARG A 49 4.68 1.32 -9.24
CA ARG A 49 4.51 2.63 -9.86
C ARG A 49 3.03 2.93 -10.10
N ALA A 50 2.75 4.15 -10.54
CA ALA A 50 1.38 4.56 -10.81
C ALA A 50 0.89 4.01 -12.15
N SER A 51 0.10 2.94 -12.09
CA SER A 51 -0.43 2.32 -13.30
C SER A 51 -1.82 1.74 -13.05
N GLY A 52 -2.44 1.24 -14.12
CA GLY A 52 -3.77 0.67 -13.99
C GLY A 52 -3.90 -0.24 -12.78
N LYS A 53 -2.81 -0.91 -12.43
CA LYS A 53 -2.80 -1.81 -11.28
C LYS A 53 -2.63 -1.04 -9.98
N HIS A 54 -1.42 -0.51 -9.78
CA HIS A 54 -1.12 0.25 -8.56
C HIS A 54 -1.22 1.75 -8.84
N GLN A 55 -2.30 2.37 -8.38
CA GLN A 55 -2.51 3.80 -8.57
C GLN A 55 -2.53 4.53 -7.23
N PRO A 56 -1.34 4.97 -6.79
CA PRO A 56 -1.20 5.70 -5.52
C PRO A 56 -1.81 7.10 -5.57
N SER A 57 -1.80 7.79 -4.44
CA SER A 57 -2.36 9.13 -4.36
C SER A 57 -1.67 9.94 -3.26
N GLN A 58 -2.12 11.18 -3.08
CA GLN A 58 -1.54 12.06 -2.07
C GLN A 58 -2.61 12.97 -1.47
N GLU A 59 -2.71 12.96 -0.14
CA GLU A 59 -3.69 13.79 0.56
C GLU A 59 -3.11 14.34 1.85
N GLY A 60 -3.90 15.18 2.53
CA GLY A 60 -3.45 15.77 3.78
C GLY A 60 -2.81 14.74 4.70
N LEU A 61 -1.47 14.73 4.73
CA LEU A 61 -0.75 13.79 5.58
C LEU A 61 -1.35 12.40 5.50
N THR A 62 -1.95 12.08 4.36
CA THR A 62 -2.58 10.77 4.16
C THR A 62 -2.24 10.21 2.79
N LEU A 63 -1.75 8.98 2.75
CA LEU A 63 -1.41 8.33 1.49
C LEU A 63 -2.08 6.96 1.37
N ARG A 64 -2.32 6.53 0.15
CA ARG A 64 -2.96 5.24 -0.11
C ARG A 64 -2.63 4.74 -1.50
N LEU A 65 -2.72 3.42 -1.69
CA LEU A 65 -2.44 2.81 -2.99
C LEU A 65 -3.52 1.80 -3.36
N THR A 66 -4.27 2.12 -4.41
CA THR A 66 -5.34 1.24 -4.87
C THR A 66 -4.79 0.11 -5.74
N ILE A 67 -5.20 -1.11 -5.44
CA ILE A 67 -4.74 -2.28 -6.20
C ILE A 67 -5.93 -3.13 -6.63
N SER A 68 -6.36 -2.95 -7.87
CA SER A 68 -7.48 -3.71 -8.42
C SER A 68 -6.99 -4.97 -9.14
N ALA A 69 -7.92 -5.85 -9.48
CA ALA A 69 -7.59 -7.09 -10.18
C ALA A 69 -6.69 -7.97 -9.32
N LEU A 70 -6.99 -8.04 -8.04
CA LEU A 70 -6.21 -8.85 -7.11
C LEU A 70 -6.09 -10.29 -7.61
N GLU A 71 -5.21 -11.06 -6.98
CA GLU A 71 -5.00 -12.45 -7.35
C GLU A 71 -4.25 -13.20 -6.26
N LYS A 72 -4.49 -14.51 -6.18
CA LYS A 72 -3.84 -15.35 -5.18
C LYS A 72 -2.37 -15.00 -5.04
N ALA A 73 -1.75 -14.60 -6.15
CA ALA A 73 -0.34 -14.23 -6.16
C ALA A 73 -0.13 -12.88 -5.46
N ASP A 74 -0.93 -11.90 -5.84
CA ASP A 74 -0.84 -10.57 -5.25
C ASP A 74 -0.56 -10.65 -3.76
N SER A 75 -1.25 -11.57 -3.08
CA SER A 75 -1.08 -11.75 -1.65
C SER A 75 0.40 -11.76 -1.27
N ASP A 76 0.88 -10.64 -0.76
CA ASP A 76 2.29 -10.52 -0.36
C ASP A 76 2.48 -9.35 0.60
N THR A 77 3.73 -9.09 0.97
CA THR A 77 4.05 -8.00 1.88
C THR A 77 4.45 -6.75 1.12
N TYR A 78 3.70 -5.67 1.33
CA TYR A 78 3.99 -4.40 0.66
C TYR A 78 4.72 -3.45 1.59
N THR A 79 5.44 -2.49 1.00
CA THR A 79 6.19 -1.52 1.79
C THR A 79 6.05 -0.12 1.20
N CYS A 80 5.45 0.78 1.97
CA CYS A 80 5.24 2.16 1.53
C CYS A 80 6.41 3.05 1.95
N ASP A 81 7.30 3.36 1.00
CA ASP A 81 8.46 4.19 1.29
C ASP A 81 8.18 5.64 0.91
N ILE A 82 8.63 6.56 1.76
CA ILE A 82 8.43 7.98 1.51
C ILE A 82 9.76 8.70 1.31
N GLY A 83 10.84 8.08 1.79
CA GLY A 83 12.15 8.67 1.66
C GLY A 83 13.03 8.41 2.87
N GLN A 84 12.47 8.63 4.05
CA GLN A 84 13.22 8.42 5.30
C GLN A 84 12.59 7.30 6.12
N ALA A 85 11.28 7.12 5.96
CA ALA A 85 10.55 6.09 6.69
C ALA A 85 9.75 5.21 5.74
N GLN A 86 9.42 4.01 6.20
CA GLN A 86 8.64 3.07 5.39
C GLN A 86 7.73 2.22 6.26
N SER A 87 6.64 1.73 5.68
CA SER A 87 5.69 0.90 6.40
C SER A 87 5.64 -0.51 5.82
N ARG A 88 4.81 -1.35 6.41
CA ARG A 88 4.67 -2.74 5.96
C ARG A 88 3.28 -3.28 6.30
N ALA A 89 2.74 -4.10 5.40
CA ALA A 89 1.42 -4.70 5.61
C ALA A 89 1.24 -5.93 4.74
N GLN A 90 0.68 -6.99 5.33
CA GLN A 90 0.45 -8.23 4.61
C GLN A 90 -0.94 -8.25 3.99
N LEU A 91 -1.04 -8.82 2.80
CA LEU A 91 -2.32 -8.90 2.09
C LEU A 91 -2.77 -10.35 1.95
N LEU A 92 -4.08 -10.57 2.04
CA LEU A 92 -4.65 -11.92 1.92
C LEU A 92 -5.69 -11.97 0.81
N VAL A 93 -5.37 -12.71 -0.26
CA VAL A 93 -6.28 -12.84 -1.39
C VAL A 93 -7.12 -14.11 -1.26
N GLN A 94 -8.27 -13.99 -0.63
CA GLN A 94 -9.17 -15.13 -0.45
C GLN A 94 -9.63 -15.68 -1.79
N GLY A 95 -10.27 -16.85 -1.77
CA GLY A 95 -10.75 -17.46 -2.99
C GLY A 95 -12.22 -17.20 -3.23
N ARG A 96 -12.51 -16.42 -4.27
CA ARG A 96 -13.90 -16.08 -4.60
C ARG A 96 -14.73 -17.35 -4.78
N ARG A 97 -14.32 -18.19 -5.72
CA ARG A 97 -15.04 -19.44 -5.99
C ARG A 97 -14.07 -20.52 -6.44
N SER A 98 -14.31 -21.75 -5.98
CA SER A 98 -13.45 -22.87 -6.33
C SER A 98 -14.14 -23.76 -7.37
N GLY A 99 -13.46 -23.97 -8.50
CA GLY A 99 -14.00 -24.79 -9.56
C GLY A 99 -14.77 -23.98 -10.59
N PRO A 100 -14.72 -24.42 -11.86
CA PRO A 100 -15.40 -23.74 -12.96
C PRO A 100 -16.92 -23.89 -12.87
N SER A 101 -17.56 -22.93 -12.21
CA SER A 101 -19.02 -22.94 -12.05
C SER A 101 -19.70 -23.12 -13.40
N SER A 102 -20.40 -24.24 -13.55
CA SER A 102 -21.11 -24.53 -14.80
C SER A 102 -21.97 -23.36 -15.22
N GLY A 103 -22.43 -23.39 -16.47
CA GLY A 103 -23.26 -22.31 -16.98
C GLY A 103 -23.74 -22.56 -18.39
N GLY A 1 13.32 10.81 20.64
CA GLY A 1 14.27 11.31 21.61
C GLY A 1 14.40 12.82 21.58
N SER A 2 15.40 13.31 20.84
CA SER A 2 15.62 14.75 20.74
C SER A 2 14.42 15.45 20.11
N SER A 3 14.31 16.75 20.34
CA SER A 3 13.21 17.53 19.80
C SER A 3 13.57 18.11 18.44
N GLY A 4 12.64 17.99 17.49
CA GLY A 4 12.88 18.51 16.15
C GLY A 4 11.62 18.59 15.33
N SER A 5 11.09 19.81 15.17
CA SER A 5 9.87 20.02 14.40
C SER A 5 10.11 19.73 12.92
N SER A 6 11.18 20.29 12.38
CA SER A 6 11.51 20.11 10.97
C SER A 6 12.82 19.33 10.82
N GLY A 7 12.77 18.23 10.08
CA GLY A 7 13.95 17.41 9.88
C GLY A 7 13.63 16.09 9.20
N ALA A 8 13.26 15.10 10.01
CA ALA A 8 12.93 13.78 9.50
C ALA A 8 11.42 13.57 9.44
N ASN A 9 11.00 12.45 8.88
CA ASN A 9 9.58 12.13 8.77
C ASN A 9 9.29 10.73 9.31
N CYS A 10 8.04 10.50 9.68
CA CYS A 10 7.63 9.20 10.22
C CYS A 10 6.18 8.90 9.86
N PHE A 11 5.73 7.69 10.21
CA PHE A 11 4.36 7.28 9.92
C PHE A 11 3.50 7.32 11.19
N THR A 12 2.59 8.28 11.24
CA THR A 12 1.71 8.42 12.39
C THR A 12 0.71 7.27 12.47
N GLU A 13 0.34 6.75 11.30
CA GLU A 13 -0.62 5.64 11.24
C GLU A 13 -0.11 4.56 10.29
N GLU A 14 0.47 3.50 10.86
CA GLU A 14 0.99 2.40 10.06
C GLU A 14 -0.13 1.72 9.28
N LEU A 15 0.24 0.98 8.24
CA LEU A 15 -0.73 0.28 7.41
C LEU A 15 -1.46 -0.80 8.20
N THR A 16 -2.43 -1.44 7.57
CA THR A 16 -3.20 -2.50 8.22
C THR A 16 -3.50 -3.64 7.26
N ASN A 17 -3.22 -4.86 7.70
CA ASN A 17 -3.45 -6.04 6.87
C ASN A 17 -4.84 -5.98 6.22
N LEU A 18 -4.90 -6.38 4.96
CA LEU A 18 -6.16 -6.38 4.21
C LEU A 18 -6.47 -7.77 3.68
N GLN A 19 -7.73 -8.16 3.81
CA GLN A 19 -8.18 -9.47 3.34
C GLN A 19 -9.36 -9.34 2.38
N VAL A 20 -9.13 -9.67 1.12
CA VAL A 20 -10.18 -9.59 0.11
C VAL A 20 -10.05 -10.71 -0.91
N GLU A 21 -11.18 -11.17 -1.44
CA GLU A 21 -11.19 -12.23 -2.43
C GLU A 21 -10.50 -11.79 -3.71
N GLU A 22 -9.73 -12.70 -4.30
CA GLU A 22 -9.02 -12.39 -5.54
C GLU A 22 -9.91 -11.65 -6.52
N LYS A 23 -9.30 -10.88 -7.42
CA LYS A 23 -10.04 -10.12 -8.41
C LYS A 23 -10.95 -9.08 -7.75
N GLY A 24 -10.44 -8.46 -6.68
CA GLY A 24 -11.22 -7.47 -5.97
C GLY A 24 -10.53 -6.11 -5.94
N THR A 25 -10.64 -5.42 -4.81
CA THR A 25 -10.03 -4.11 -4.66
C THR A 25 -9.46 -3.92 -3.26
N ALA A 26 -8.14 -3.79 -3.17
CA ALA A 26 -7.47 -3.61 -1.89
C ALA A 26 -6.63 -2.33 -1.89
N VAL A 27 -7.08 -1.35 -1.11
CA VAL A 27 -6.37 -0.08 -1.01
C VAL A 27 -5.65 0.06 0.33
N PHE A 28 -4.32 0.12 0.27
CA PHE A 28 -3.52 0.25 1.47
C PHE A 28 -3.49 1.69 1.97
N THR A 29 -4.31 1.98 2.97
CA THR A 29 -4.38 3.32 3.53
C THR A 29 -3.35 3.51 4.64
N CYS A 30 -2.64 4.63 4.59
CA CYS A 30 -1.62 4.94 5.59
C CYS A 30 -1.57 6.43 5.88
N LYS A 31 -0.65 6.83 6.75
CA LYS A 31 -0.50 8.23 7.12
C LYS A 31 0.97 8.57 7.39
N THR A 32 1.26 9.86 7.46
CA THR A 32 2.63 10.31 7.71
C THR A 32 2.63 11.62 8.50
N GLU A 33 3.65 11.80 9.34
CA GLU A 33 3.77 13.01 10.14
C GLU A 33 3.91 14.25 9.26
N HIS A 34 4.66 14.10 8.17
CA HIS A 34 4.88 15.21 7.23
C HIS A 34 4.39 14.84 5.84
N PRO A 35 4.05 15.86 5.04
CA PRO A 35 3.56 15.67 3.67
C PRO A 35 4.65 15.17 2.73
N ALA A 36 4.87 13.86 2.74
CA ALA A 36 5.89 13.25 1.88
C ALA A 36 5.79 13.78 0.45
N ALA A 37 6.89 14.37 -0.03
CA ALA A 37 6.93 14.92 -1.38
C ALA A 37 6.96 13.81 -2.42
N THR A 38 7.30 12.60 -1.98
CA THR A 38 7.37 11.45 -2.87
C THR A 38 7.03 10.17 -2.15
N VAL A 39 6.44 9.22 -2.86
CA VAL A 39 6.06 7.93 -2.29
C VAL A 39 6.37 6.78 -3.25
N THR A 40 7.23 5.87 -2.81
CA THR A 40 7.60 4.73 -3.62
C THR A 40 7.20 3.41 -2.95
N TRP A 41 6.13 2.82 -3.45
CA TRP A 41 5.63 1.56 -2.89
C TRP A 41 6.50 0.39 -3.36
N ARG A 42 6.43 -0.71 -2.62
CA ARG A 42 7.21 -1.91 -2.95
C ARG A 42 6.41 -3.17 -2.68
N LYS A 43 6.49 -4.12 -3.61
CA LYS A 43 5.76 -5.39 -3.46
C LYS A 43 6.69 -6.57 -3.73
N GLY A 44 6.76 -7.49 -2.76
CA GLY A 44 7.61 -8.66 -2.92
C GLY A 44 8.99 -8.31 -3.40
N LEU A 45 9.70 -7.48 -2.63
CA LEU A 45 11.05 -7.07 -2.98
C LEU A 45 11.09 -6.48 -4.39
N LEU A 46 10.02 -5.78 -4.76
CA LEU A 46 9.94 -5.16 -6.08
C LEU A 46 9.40 -3.74 -5.98
N GLU A 47 9.84 -2.87 -6.90
CA GLU A 47 9.40 -1.49 -6.91
C GLU A 47 8.09 -1.33 -7.66
N LEU A 48 7.15 -0.62 -7.06
CA LEU A 48 5.84 -0.40 -7.66
C LEU A 48 5.75 0.98 -8.29
N ARG A 49 4.99 1.09 -9.37
CA ARG A 49 4.82 2.37 -10.07
C ARG A 49 3.36 2.59 -10.44
N ALA A 50 2.90 3.83 -10.30
CA ALA A 50 1.52 4.17 -10.63
C ALA A 50 1.10 3.54 -11.95
N SER A 51 0.34 2.45 -11.85
CA SER A 51 -0.13 1.74 -13.04
C SER A 51 -1.59 1.33 -12.89
N GLY A 52 -2.17 0.80 -13.95
CA GLY A 52 -3.56 0.38 -13.92
C GLY A 52 -3.88 -0.47 -12.71
N LYS A 53 -2.85 -1.06 -12.12
CA LYS A 53 -3.03 -1.91 -10.94
C LYS A 53 -2.84 -1.10 -9.66
N HIS A 54 -1.61 -0.65 -9.41
CA HIS A 54 -1.29 0.13 -8.24
C HIS A 54 -1.37 1.62 -8.53
N GLN A 55 -2.50 2.24 -8.18
CA GLN A 55 -2.68 3.66 -8.42
C GLN A 55 -2.64 4.45 -7.11
N PRO A 56 -1.42 4.85 -6.71
CA PRO A 56 -1.20 5.61 -5.46
C PRO A 56 -1.75 7.03 -5.55
N SER A 57 -1.72 7.74 -4.44
CA SER A 57 -2.21 9.11 -4.39
C SER A 57 -1.46 9.92 -3.33
N GLN A 58 -1.80 11.21 -3.23
CA GLN A 58 -1.15 12.09 -2.27
C GLN A 58 -2.12 13.16 -1.78
N GLU A 59 -2.52 13.06 -0.52
CA GLU A 59 -3.44 14.01 0.08
C GLU A 59 -2.90 14.55 1.40
N GLY A 60 -1.96 15.48 1.31
CA GLY A 60 -1.38 16.06 2.51
C GLY A 60 -0.65 15.03 3.35
N LEU A 61 -1.11 14.85 4.58
CA LEU A 61 -0.49 13.88 5.49
C LEU A 61 -1.17 12.52 5.39
N THR A 62 -1.81 12.27 4.25
CA THR A 62 -2.50 10.99 4.03
C THR A 62 -2.10 10.38 2.69
N LEU A 63 -1.91 9.07 2.68
CA LEU A 63 -1.53 8.36 1.47
C LEU A 63 -2.26 7.03 1.36
N ARG A 64 -2.45 6.55 0.13
CA ARG A 64 -3.13 5.29 -0.10
C ARG A 64 -2.84 4.77 -1.51
N LEU A 65 -2.87 3.45 -1.66
CA LEU A 65 -2.61 2.82 -2.95
C LEU A 65 -3.73 1.84 -3.32
N THR A 66 -4.57 2.25 -4.26
CA THR A 66 -5.68 1.41 -4.70
C THR A 66 -5.20 0.31 -5.63
N ILE A 67 -5.42 -0.94 -5.21
CA ILE A 67 -5.00 -2.09 -6.01
C ILE A 67 -6.21 -2.91 -6.46
N SER A 68 -6.39 -3.02 -7.78
CA SER A 68 -7.50 -3.77 -8.33
C SER A 68 -7.00 -4.97 -9.13
N ALA A 69 -7.93 -5.85 -9.51
CA ALA A 69 -7.58 -7.03 -10.29
C ALA A 69 -6.64 -7.94 -9.50
N LEU A 70 -6.73 -7.88 -8.17
CA LEU A 70 -5.88 -8.69 -7.31
C LEU A 70 -5.90 -10.15 -7.76
N GLU A 71 -5.02 -10.96 -7.15
CA GLU A 71 -4.93 -12.38 -7.49
C GLU A 71 -4.25 -13.16 -6.37
N LYS A 72 -4.18 -14.47 -6.54
CA LYS A 72 -3.56 -15.34 -5.54
C LYS A 72 -2.07 -15.04 -5.42
N ALA A 73 -1.54 -14.30 -6.38
CA ALA A 73 -0.13 -13.94 -6.38
C ALA A 73 0.11 -12.63 -5.64
N ASP A 74 -0.72 -11.63 -5.93
CA ASP A 74 -0.61 -10.33 -5.30
C ASP A 74 -0.37 -10.48 -3.80
N SER A 75 -1.01 -11.48 -3.19
CA SER A 75 -0.88 -11.73 -1.76
C SER A 75 0.59 -11.78 -1.36
N ASP A 76 1.12 -10.65 -0.90
CA ASP A 76 2.51 -10.58 -0.47
C ASP A 76 2.73 -9.39 0.48
N THR A 77 3.96 -9.24 0.94
CA THR A 77 4.30 -8.15 1.85
C THR A 77 4.67 -6.88 1.09
N TYR A 78 3.89 -5.82 1.28
CA TYR A 78 4.15 -4.56 0.61
C TYR A 78 4.84 -3.57 1.55
N THR A 79 5.55 -2.61 0.97
CA THR A 79 6.26 -1.60 1.75
C THR A 79 6.11 -0.22 1.13
N CYS A 80 5.52 0.70 1.88
CA CYS A 80 5.32 2.07 1.40
C CYS A 80 6.43 2.98 1.89
N ASP A 81 7.29 3.41 0.97
CA ASP A 81 8.40 4.30 1.31
C ASP A 81 8.05 5.75 1.02
N ILE A 82 8.58 6.66 1.83
CA ILE A 82 8.31 8.09 1.66
C ILE A 82 9.62 8.87 1.57
N GLY A 83 10.73 8.23 1.90
CA GLY A 83 12.02 8.87 1.84
C GLY A 83 12.74 8.86 3.18
N GLN A 84 11.99 9.06 4.26
CA GLN A 84 12.56 9.06 5.60
C GLN A 84 12.19 7.79 6.37
N ALA A 85 11.02 7.23 6.03
CA ALA A 85 10.56 6.02 6.68
C ALA A 85 9.76 5.15 5.70
N GLN A 86 9.42 3.94 6.15
CA GLN A 86 8.66 3.02 5.31
C GLN A 86 7.76 2.13 6.16
N SER A 87 6.60 1.78 5.62
CA SER A 87 5.63 0.95 6.33
C SER A 87 5.60 -0.46 5.73
N ARG A 88 4.75 -1.32 6.31
CA ARG A 88 4.63 -2.68 5.84
C ARG A 88 3.26 -3.25 6.20
N ALA A 89 2.69 -4.05 5.30
CA ALA A 89 1.38 -4.65 5.52
C ALA A 89 1.23 -5.95 4.72
N GLN A 90 0.60 -6.95 5.34
CA GLN A 90 0.40 -8.23 4.68
C GLN A 90 -0.99 -8.32 4.07
N LEU A 91 -1.06 -8.75 2.82
CA LEU A 91 -2.34 -8.87 2.12
C LEU A 91 -2.72 -10.34 1.94
N LEU A 92 -4.00 -10.64 2.11
CA LEU A 92 -4.50 -12.00 1.98
C LEU A 92 -5.54 -12.09 0.87
N VAL A 93 -5.20 -12.78 -0.22
CA VAL A 93 -6.11 -12.94 -1.34
C VAL A 93 -6.91 -14.23 -1.21
N GLN A 94 -8.15 -14.11 -0.75
CA GLN A 94 -9.03 -15.26 -0.58
C GLN A 94 -9.46 -15.81 -1.93
N GLY A 95 -9.69 -17.13 -1.98
CA GLY A 95 -10.10 -17.76 -3.22
C GLY A 95 -11.60 -17.71 -3.42
N ARG A 96 -12.05 -16.79 -4.27
CA ARG A 96 -13.47 -16.64 -4.55
C ARG A 96 -14.12 -18.00 -4.82
N ARG A 97 -13.35 -18.91 -5.40
CA ARG A 97 -13.86 -20.24 -5.71
C ARG A 97 -12.95 -21.32 -5.13
N SER A 98 -11.64 -21.14 -5.28
CA SER A 98 -10.67 -22.09 -4.76
C SER A 98 -11.18 -23.52 -4.91
N GLY A 99 -11.75 -23.82 -6.07
CA GLY A 99 -12.28 -25.15 -6.31
C GLY A 99 -13.46 -25.49 -5.42
N PRO A 100 -13.72 -26.79 -5.24
CA PRO A 100 -14.82 -27.27 -4.40
C PRO A 100 -14.58 -27.01 -2.92
N SER A 101 -15.65 -26.69 -2.20
CA SER A 101 -15.57 -26.41 -0.77
C SER A 101 -16.85 -26.82 -0.06
N SER A 102 -16.82 -26.76 1.28
CA SER A 102 -17.98 -27.12 2.07
C SER A 102 -18.77 -25.89 2.48
N GLY A 103 -18.11 -24.94 3.12
CA GLY A 103 -18.77 -23.72 3.55
C GLY A 103 -19.06 -22.78 2.39
N GLY A 1 1.56 25.22 10.27
CA GLY A 1 1.93 24.73 11.58
C GLY A 1 3.05 23.70 11.53
N SER A 2 2.78 22.51 12.06
CA SER A 2 3.77 21.44 12.07
C SER A 2 5.12 21.95 12.60
N SER A 3 5.06 22.73 13.67
CA SER A 3 6.27 23.28 14.28
C SER A 3 6.86 22.31 15.30
N GLY A 4 5.98 21.78 16.16
CA GLY A 4 6.43 20.84 17.18
C GLY A 4 6.88 19.52 16.60
N SER A 5 8.13 19.46 16.16
CA SER A 5 8.68 18.24 15.57
C SER A 5 10.20 18.34 15.44
N SER A 6 10.85 17.17 15.33
CA SER A 6 12.30 17.12 15.21
C SER A 6 12.73 17.50 13.79
N GLY A 7 12.12 16.86 12.80
CA GLY A 7 12.46 17.14 11.42
C GLY A 7 12.22 15.95 10.51
N ALA A 8 12.84 14.82 10.84
CA ALA A 8 12.69 13.60 10.04
C ALA A 8 11.22 13.20 9.95
N ASN A 9 10.87 12.56 8.83
CA ASN A 9 9.50 12.11 8.62
C ASN A 9 9.20 10.83 9.40
N CYS A 10 7.92 10.60 9.69
CA CYS A 10 7.52 9.41 10.43
C CYS A 10 6.06 9.08 10.15
N PHE A 11 5.74 7.79 10.16
CA PHE A 11 4.38 7.33 9.90
C PHE A 11 3.54 7.39 11.18
N THR A 12 2.55 8.28 11.19
CA THR A 12 1.68 8.43 12.35
C THR A 12 0.73 7.24 12.48
N GLU A 13 0.32 6.69 11.36
CA GLU A 13 -0.60 5.55 11.35
C GLU A 13 -0.10 4.48 10.38
N GLU A 14 0.56 3.46 10.91
CA GLU A 14 1.08 2.37 10.10
C GLU A 14 -0.04 1.71 9.30
N LEU A 15 0.33 0.95 8.28
CA LEU A 15 -0.64 0.27 7.43
C LEU A 15 -1.40 -0.79 8.23
N THR A 16 -2.34 -1.46 7.57
CA THR A 16 -3.14 -2.50 8.21
C THR A 16 -3.36 -3.68 7.27
N ASN A 17 -3.22 -4.89 7.79
CA ASN A 17 -3.41 -6.10 7.00
C ASN A 17 -4.74 -6.06 6.26
N LEU A 18 -4.69 -6.19 4.94
CA LEU A 18 -5.89 -6.18 4.12
C LEU A 18 -6.34 -7.59 3.78
N GLN A 19 -7.65 -7.81 3.82
CA GLN A 19 -8.21 -9.12 3.51
C GLN A 19 -9.37 -9.01 2.52
N VAL A 20 -9.14 -9.45 1.29
CA VAL A 20 -10.17 -9.40 0.26
C VAL A 20 -10.01 -10.56 -0.73
N GLU A 21 -11.15 -11.05 -1.23
CA GLU A 21 -11.14 -12.16 -2.17
C GLU A 21 -10.48 -11.73 -3.49
N GLU A 22 -9.87 -12.70 -4.17
CA GLU A 22 -9.20 -12.43 -5.43
C GLU A 22 -10.14 -11.73 -6.41
N LYS A 23 -9.57 -11.06 -7.40
CA LYS A 23 -10.35 -10.33 -8.40
C LYS A 23 -11.15 -9.21 -7.76
N GLY A 24 -10.61 -8.64 -6.68
CA GLY A 24 -11.30 -7.55 -6.00
C GLY A 24 -10.51 -6.26 -6.05
N THR A 25 -10.25 -5.69 -4.87
CA THR A 25 -9.51 -4.42 -4.78
C THR A 25 -8.96 -4.21 -3.38
N ALA A 26 -7.67 -3.94 -3.30
CA ALA A 26 -7.01 -3.71 -2.01
C ALA A 26 -6.24 -2.39 -2.01
N VAL A 27 -6.68 -1.45 -1.17
CA VAL A 27 -6.03 -0.15 -1.07
C VAL A 27 -5.32 0.01 0.26
N PHE A 28 -3.99 -0.01 0.23
CA PHE A 28 -3.18 0.12 1.43
C PHE A 28 -3.22 1.57 1.94
N THR A 29 -4.09 1.83 2.91
CA THR A 29 -4.23 3.16 3.48
C THR A 29 -3.22 3.39 4.60
N CYS A 30 -2.54 4.52 4.56
CA CYS A 30 -1.54 4.86 5.57
C CYS A 30 -1.54 6.35 5.85
N LYS A 31 -0.78 6.76 6.87
CA LYS A 31 -0.68 8.16 7.24
C LYS A 31 0.77 8.55 7.53
N THR A 32 1.06 9.84 7.46
CA THR A 32 2.40 10.34 7.72
C THR A 32 2.37 11.68 8.45
N GLU A 33 3.40 11.95 9.24
CA GLU A 33 3.49 13.19 9.99
C GLU A 33 3.66 14.38 9.05
N HIS A 34 4.45 14.20 8.00
CA HIS A 34 4.70 15.26 7.03
C HIS A 34 4.36 14.79 5.62
N PRO A 35 3.84 15.71 4.80
CA PRO A 35 3.47 15.41 3.41
C PRO A 35 4.68 15.16 2.52
N ALA A 36 4.98 13.89 2.29
CA ALA A 36 6.11 13.50 1.45
C ALA A 36 5.96 14.07 0.04
N ALA A 37 7.09 14.28 -0.63
CA ALA A 37 7.09 14.81 -1.98
C ALA A 37 6.92 13.70 -3.01
N THR A 38 7.14 12.46 -2.58
CA THR A 38 7.02 11.31 -3.46
C THR A 38 6.87 10.02 -2.66
N VAL A 39 6.25 9.03 -3.28
CA VAL A 39 6.03 7.74 -2.62
C VAL A 39 6.31 6.59 -3.59
N THR A 40 7.23 5.71 -3.20
CA THR A 40 7.58 4.56 -4.02
C THR A 40 7.23 3.25 -3.33
N TRP A 41 6.03 2.73 -3.63
CA TRP A 41 5.57 1.49 -3.03
C TRP A 41 6.39 0.31 -3.54
N ARG A 42 6.34 -0.80 -2.81
CA ARG A 42 7.09 -2.00 -3.18
C ARG A 42 6.26 -3.26 -2.90
N LYS A 43 6.24 -4.16 -3.87
CA LYS A 43 5.49 -5.41 -3.73
C LYS A 43 6.43 -6.58 -3.44
N GLY A 44 6.61 -6.89 -2.17
CA GLY A 44 7.48 -7.98 -1.78
C GLY A 44 8.94 -7.70 -2.10
N LEU A 45 9.35 -8.03 -3.33
CA LEU A 45 10.72 -7.82 -3.76
C LEU A 45 10.76 -7.07 -5.09
N LEU A 46 9.76 -6.21 -5.32
CA LEU A 46 9.69 -5.43 -6.54
C LEU A 46 9.18 -4.02 -6.27
N GLU A 47 9.59 -3.07 -7.10
CA GLU A 47 9.17 -1.68 -6.93
C GLU A 47 7.94 -1.39 -7.78
N LEU A 48 6.97 -0.69 -7.19
CA LEU A 48 5.75 -0.34 -7.89
C LEU A 48 5.80 1.09 -8.42
N ARG A 49 4.93 1.40 -9.38
CA ARG A 49 4.89 2.72 -9.98
C ARG A 49 3.47 3.07 -10.41
N ALA A 50 3.11 4.36 -10.30
CA ALA A 50 1.79 4.83 -10.69
C ALA A 50 1.38 4.25 -12.04
N SER A 51 0.52 3.24 -12.00
CA SER A 51 0.03 2.59 -13.22
C SER A 51 -1.36 2.02 -13.03
N GLY A 52 -2.04 1.75 -14.14
CA GLY A 52 -3.38 1.20 -14.07
C GLY A 52 -3.56 0.26 -12.89
N LYS A 53 -2.52 -0.51 -12.58
CA LYS A 53 -2.57 -1.45 -11.48
C LYS A 53 -2.42 -0.74 -10.14
N HIS A 54 -1.23 -0.22 -9.88
CA HIS A 54 -0.96 0.49 -8.64
C HIS A 54 -1.07 2.00 -8.84
N GLN A 55 -2.18 2.58 -8.40
CA GLN A 55 -2.41 4.01 -8.54
C GLN A 55 -2.44 4.69 -7.17
N PRO A 56 -1.26 5.11 -6.69
CA PRO A 56 -1.12 5.77 -5.39
C PRO A 56 -1.73 7.17 -5.40
N SER A 57 -1.70 7.82 -4.24
CA SER A 57 -2.26 9.17 -4.10
C SER A 57 -1.99 9.73 -2.71
N GLN A 58 -2.28 11.01 -2.53
CA GLN A 58 -2.06 11.68 -1.25
C GLN A 58 -3.22 12.61 -0.93
N GLU A 59 -3.57 12.70 0.36
CA GLU A 59 -4.67 13.55 0.80
C GLU A 59 -4.52 13.88 2.28
N GLY A 60 -4.46 15.18 2.59
CA GLY A 60 -4.32 15.60 3.97
C GLY A 60 -3.46 14.67 4.79
N LEU A 61 -2.18 14.58 4.42
CA LEU A 61 -1.24 13.71 5.13
C LEU A 61 -1.74 12.26 5.12
N THR A 62 -2.50 11.90 4.09
CA THR A 62 -3.02 10.55 3.96
C THR A 62 -2.64 9.92 2.64
N LEU A 63 -1.87 8.84 2.69
CA LEU A 63 -1.44 8.14 1.49
C LEU A 63 -2.14 6.80 1.35
N ARG A 64 -2.42 6.42 0.11
CA ARG A 64 -3.09 5.15 -0.16
C ARG A 64 -2.79 4.66 -1.58
N LEU A 65 -2.68 3.35 -1.75
CA LEU A 65 -2.39 2.76 -3.05
C LEU A 65 -3.48 1.77 -3.44
N THR A 66 -4.34 2.17 -4.36
CA THR A 66 -5.43 1.31 -4.83
C THR A 66 -4.90 0.23 -5.77
N ILE A 67 -5.11 -1.02 -5.40
CA ILE A 67 -4.66 -2.15 -6.20
C ILE A 67 -5.84 -2.99 -6.68
N SER A 68 -6.16 -2.89 -7.96
CA SER A 68 -7.27 -3.64 -8.54
C SER A 68 -6.76 -4.89 -9.25
N ALA A 69 -7.67 -5.82 -9.53
CA ALA A 69 -7.32 -7.06 -10.22
C ALA A 69 -6.40 -7.92 -9.36
N LEU A 70 -6.80 -8.13 -8.10
CA LEU A 70 -6.01 -8.94 -7.18
C LEU A 70 -5.93 -10.39 -7.65
N GLU A 71 -5.12 -11.19 -6.96
CA GLU A 71 -4.97 -12.60 -7.30
C GLU A 71 -4.17 -13.33 -6.22
N LYS A 72 -4.35 -14.64 -6.17
CA LYS A 72 -3.65 -15.47 -5.19
C LYS A 72 -2.20 -15.02 -5.04
N ALA A 73 -1.54 -14.75 -6.16
CA ALA A 73 -0.16 -14.32 -6.14
C ALA A 73 -0.02 -12.97 -5.44
N ASP A 74 -0.94 -12.06 -5.72
CA ASP A 74 -0.92 -10.73 -5.12
C ASP A 74 -0.53 -10.82 -3.64
N SER A 75 -1.07 -11.83 -2.95
CA SER A 75 -0.79 -12.01 -1.54
C SER A 75 0.70 -11.89 -1.26
N ASP A 76 1.09 -10.79 -0.62
CA ASP A 76 2.49 -10.56 -0.28
C ASP A 76 2.62 -9.38 0.68
N THR A 77 3.87 -9.01 0.98
CA THR A 77 4.13 -7.90 1.90
C THR A 77 4.51 -6.64 1.14
N TYR A 78 3.64 -5.64 1.18
CA TYR A 78 3.90 -4.38 0.49
C TYR A 78 4.57 -3.38 1.42
N THR A 79 5.50 -2.60 0.86
CA THR A 79 6.22 -1.60 1.63
C THR A 79 6.05 -0.20 1.04
N CYS A 80 5.46 0.70 1.82
CA CYS A 80 5.23 2.06 1.36
C CYS A 80 6.38 2.97 1.79
N ASP A 81 7.26 3.30 0.86
CA ASP A 81 8.39 4.17 1.14
C ASP A 81 8.07 5.63 0.80
N ILE A 82 8.47 6.54 1.67
CA ILE A 82 8.23 7.96 1.46
C ILE A 82 9.54 8.73 1.29
N GLY A 83 10.64 8.11 1.72
CA GLY A 83 11.94 8.74 1.59
C GLY A 83 12.76 8.62 2.86
N GLN A 84 12.11 8.77 4.01
CA GLN A 84 12.78 8.67 5.29
C GLN A 84 12.35 7.42 6.05
N ALA A 85 11.07 7.08 5.94
CA ALA A 85 10.53 5.91 6.61
C ALA A 85 9.76 5.03 5.63
N GLN A 86 9.46 3.81 6.06
CA GLN A 86 8.73 2.86 5.21
C GLN A 86 7.80 1.99 6.06
N SER A 87 6.58 1.80 5.58
CA SER A 87 5.60 0.99 6.29
C SER A 87 5.52 -0.42 5.70
N ARG A 88 4.79 -1.29 6.37
CA ARG A 88 4.64 -2.67 5.93
C ARG A 88 3.28 -3.23 6.33
N ALA A 89 2.67 -4.00 5.44
CA ALA A 89 1.37 -4.61 5.72
C ALA A 89 1.18 -5.89 4.91
N GLN A 90 0.49 -6.86 5.51
CA GLN A 90 0.24 -8.13 4.85
C GLN A 90 -1.14 -8.15 4.21
N LEU A 91 -1.21 -8.67 2.99
CA LEU A 91 -2.48 -8.75 2.27
C LEU A 91 -2.96 -10.20 2.15
N LEU A 92 -4.27 -10.40 2.19
CA LEU A 92 -4.85 -11.73 2.09
C LEU A 92 -5.80 -11.81 0.90
N VAL A 93 -5.53 -12.75 -0.01
CA VAL A 93 -6.37 -12.94 -1.18
C VAL A 93 -7.22 -14.20 -1.06
N GLN A 94 -8.41 -14.04 -0.50
CA GLN A 94 -9.31 -15.17 -0.33
C GLN A 94 -9.79 -15.71 -1.68
N GLY A 95 -9.96 -17.03 -1.75
CA GLY A 95 -10.41 -17.64 -2.98
C GLY A 95 -11.88 -17.38 -3.26
N ARG A 96 -12.15 -16.83 -4.45
CA ARG A 96 -13.53 -16.52 -4.83
C ARG A 96 -14.31 -17.80 -5.14
N ARG A 97 -15.62 -17.75 -4.94
CA ARG A 97 -16.48 -18.90 -5.18
C ARG A 97 -15.99 -19.68 -6.40
N SER A 98 -15.20 -20.73 -6.15
CA SER A 98 -14.67 -21.55 -7.23
C SER A 98 -15.77 -22.40 -7.86
N GLY A 99 -16.77 -22.75 -7.06
CA GLY A 99 -17.87 -23.55 -7.56
C GLY A 99 -18.61 -24.28 -6.47
N PRO A 100 -19.49 -25.22 -6.85
CA PRO A 100 -20.28 -26.01 -5.91
C PRO A 100 -19.43 -27.00 -5.12
N SER A 101 -18.30 -27.40 -5.72
CA SER A 101 -17.40 -28.35 -5.09
C SER A 101 -17.12 -27.95 -3.64
N SER A 102 -17.07 -28.94 -2.75
CA SER A 102 -16.81 -28.69 -1.34
C SER A 102 -15.34 -28.34 -1.11
N GLY A 103 -15.09 -27.17 -0.55
CA GLY A 103 -13.73 -26.75 -0.28
C GLY A 103 -12.97 -26.41 -1.55
N GLY A 1 17.64 24.29 5.67
CA GLY A 1 18.66 24.82 6.57
C GLY A 1 18.31 24.59 8.02
N SER A 2 18.97 25.33 8.91
CA SER A 2 18.74 25.20 10.34
C SER A 2 17.31 25.60 10.71
N SER A 3 16.87 26.75 10.20
CA SER A 3 15.53 27.25 10.47
C SER A 3 14.58 26.88 9.33
N GLY A 4 13.71 25.89 9.59
CA GLY A 4 12.76 25.46 8.59
C GLY A 4 11.88 24.33 9.08
N SER A 5 11.04 23.81 8.19
CA SER A 5 10.13 22.72 8.54
C SER A 5 10.66 21.40 8.02
N SER A 6 11.09 21.38 6.76
CA SER A 6 11.61 20.17 6.15
C SER A 6 12.52 19.42 7.12
N GLY A 7 12.26 18.12 7.28
CA GLY A 7 13.05 17.31 8.18
C GLY A 7 12.82 15.83 7.99
N ALA A 8 12.95 15.07 9.08
CA ALA A 8 12.74 13.62 9.02
C ALA A 8 11.27 13.27 9.10
N ASN A 9 10.76 12.61 8.06
CA ASN A 9 9.36 12.21 8.02
C ASN A 9 9.14 10.89 8.74
N CYS A 10 7.93 10.68 9.24
CA CYS A 10 7.58 9.45 9.95
C CYS A 10 6.16 9.01 9.62
N PHE A 11 5.77 7.87 10.17
CA PHE A 11 4.43 7.33 9.94
C PHE A 11 3.60 7.36 11.22
N THR A 12 2.62 8.26 11.26
CA THR A 12 1.76 8.40 12.42
C THR A 12 0.81 7.21 12.54
N GLU A 13 0.40 6.66 11.41
CA GLU A 13 -0.50 5.52 11.39
C GLU A 13 -0.02 4.45 10.41
N GLU A 14 0.64 3.42 10.94
CA GLU A 14 1.15 2.34 10.12
C GLU A 14 0.03 1.62 9.39
N LEU A 15 0.35 1.03 8.25
CA LEU A 15 -0.65 0.31 7.45
C LEU A 15 -1.32 -0.78 8.27
N THR A 16 -2.31 -1.44 7.68
CA THR A 16 -3.04 -2.50 8.36
C THR A 16 -3.28 -3.68 7.43
N ASN A 17 -3.11 -4.89 7.95
CA ASN A 17 -3.31 -6.10 7.18
C ASN A 17 -4.70 -6.12 6.54
N LEU A 18 -4.74 -6.31 5.22
CA LEU A 18 -6.01 -6.35 4.50
C LEU A 18 -6.30 -7.76 3.99
N GLN A 19 -7.57 -8.15 4.05
CA GLN A 19 -7.98 -9.47 3.59
C GLN A 19 -9.18 -9.37 2.65
N VAL A 20 -8.94 -9.63 1.37
CA VAL A 20 -9.99 -9.56 0.36
C VAL A 20 -9.90 -10.74 -0.60
N GLU A 21 -11.00 -11.04 -1.27
CA GLU A 21 -11.04 -12.14 -2.22
C GLU A 21 -10.38 -11.75 -3.55
N GLU A 22 -9.82 -12.73 -4.23
CA GLU A 22 -9.15 -12.49 -5.51
C GLU A 22 -10.06 -11.71 -6.46
N LYS A 23 -9.45 -11.00 -7.40
CA LYS A 23 -10.20 -10.21 -8.36
C LYS A 23 -11.04 -9.14 -7.66
N GLY A 24 -10.51 -8.58 -6.59
CA GLY A 24 -11.22 -7.56 -5.86
C GLY A 24 -10.54 -6.20 -5.94
N THR A 25 -10.41 -5.54 -4.79
CA THR A 25 -9.78 -4.22 -4.74
C THR A 25 -9.26 -3.92 -3.33
N ALA A 26 -7.94 -3.87 -3.19
CA ALA A 26 -7.32 -3.58 -1.91
C ALA A 26 -6.61 -2.23 -1.93
N VAL A 27 -6.99 -1.37 -0.99
CA VAL A 27 -6.39 -0.04 -0.90
C VAL A 27 -5.62 0.13 0.41
N PHE A 28 -4.30 0.06 0.32
CA PHE A 28 -3.45 0.21 1.50
C PHE A 28 -3.42 1.66 1.96
N THR A 29 -4.23 1.97 2.96
CA THR A 29 -4.29 3.32 3.51
C THR A 29 -3.29 3.50 4.64
N CYS A 30 -2.59 4.63 4.63
CA CYS A 30 -1.61 4.93 5.66
C CYS A 30 -1.60 6.43 6.00
N LYS A 31 -0.73 6.80 6.93
CA LYS A 31 -0.62 8.20 7.34
C LYS A 31 0.83 8.58 7.61
N THR A 32 1.10 9.88 7.60
CA THR A 32 2.45 10.38 7.84
C THR A 32 2.43 11.66 8.66
N GLU A 33 3.48 11.88 9.44
CA GLU A 33 3.58 13.06 10.28
C GLU A 33 3.80 14.32 9.43
N HIS A 34 4.52 14.15 8.33
CA HIS A 34 4.81 15.26 7.44
C HIS A 34 4.47 14.90 5.99
N PRO A 35 4.05 15.91 5.21
CA PRO A 35 3.68 15.71 3.81
C PRO A 35 4.89 15.41 2.93
N ALA A 36 5.09 14.13 2.62
CA ALA A 36 6.21 13.70 1.80
C ALA A 36 6.12 14.31 0.40
N ALA A 37 7.23 14.28 -0.32
CA ALA A 37 7.28 14.84 -1.68
C ALA A 37 7.23 13.72 -2.72
N THR A 38 7.64 12.53 -2.32
CA THR A 38 7.64 11.38 -3.23
C THR A 38 7.31 10.09 -2.48
N VAL A 39 6.62 9.19 -3.16
CA VAL A 39 6.24 7.90 -2.56
C VAL A 39 6.50 6.75 -3.53
N THR A 40 7.25 5.75 -3.07
CA THR A 40 7.56 4.60 -3.89
C THR A 40 7.17 3.30 -3.18
N TRP A 41 6.04 2.74 -3.58
CA TRP A 41 5.54 1.49 -2.99
C TRP A 41 6.35 0.30 -3.48
N ARG A 42 6.36 -0.77 -2.70
CA ARG A 42 7.10 -1.97 -3.05
C ARG A 42 6.27 -3.22 -2.76
N LYS A 43 6.13 -4.08 -3.76
CA LYS A 43 5.37 -5.31 -3.62
C LYS A 43 6.26 -6.53 -3.82
N GLY A 44 6.23 -7.45 -2.85
CA GLY A 44 7.04 -8.65 -2.94
C GLY A 44 8.45 -8.36 -3.44
N LEU A 45 9.23 -7.65 -2.63
CA LEU A 45 10.60 -7.31 -2.99
C LEU A 45 10.66 -6.77 -4.41
N LEU A 46 9.68 -5.95 -4.78
CA LEU A 46 9.64 -5.38 -6.12
C LEU A 46 9.15 -3.94 -6.07
N GLU A 47 9.73 -3.08 -6.90
CA GLU A 47 9.35 -1.68 -6.96
C GLU A 47 8.08 -1.48 -7.78
N LEU A 48 7.07 -0.86 -7.17
CA LEU A 48 5.81 -0.61 -7.84
C LEU A 48 5.86 0.68 -8.64
N ARG A 49 4.86 0.88 -9.50
CA ARG A 49 4.80 2.08 -10.33
C ARG A 49 3.36 2.47 -10.61
N ALA A 50 3.08 3.77 -10.63
CA ALA A 50 1.74 4.27 -10.89
C ALA A 50 1.19 3.73 -12.20
N SER A 51 0.32 2.74 -12.11
CA SER A 51 -0.27 2.14 -13.31
C SER A 51 -1.66 1.60 -13.01
N GLY A 52 -2.41 1.28 -14.06
CA GLY A 52 -3.75 0.76 -13.89
C GLY A 52 -3.88 -0.15 -12.69
N LYS A 53 -2.83 -0.93 -12.43
CA LYS A 53 -2.83 -1.86 -11.31
C LYS A 53 -2.60 -1.12 -9.99
N HIS A 54 -1.40 -0.58 -9.82
CA HIS A 54 -1.06 0.16 -8.61
C HIS A 54 -1.10 1.66 -8.86
N GLN A 55 -2.23 2.29 -8.50
CA GLN A 55 -2.38 3.73 -8.69
C GLN A 55 -2.42 4.45 -7.35
N PRO A 56 -1.24 4.84 -6.85
CA PRO A 56 -1.12 5.54 -5.56
C PRO A 56 -1.65 6.97 -5.63
N SER A 57 -1.71 7.63 -4.49
CA SER A 57 -2.21 9.00 -4.42
C SER A 57 -1.63 9.73 -3.21
N GLN A 58 -1.96 11.01 -3.08
CA GLN A 58 -1.47 11.83 -1.98
C GLN A 58 -2.55 12.76 -1.47
N GLU A 59 -2.65 12.88 -0.14
CA GLU A 59 -3.65 13.75 0.48
C GLU A 59 -3.16 14.27 1.82
N GLY A 60 -3.94 15.16 2.42
CA GLY A 60 -3.57 15.73 3.71
C GLY A 60 -2.96 14.69 4.63
N LEU A 61 -1.63 14.70 4.74
CA LEU A 61 -0.93 13.77 5.60
C LEU A 61 -1.57 12.39 5.55
N THR A 62 -2.16 12.05 4.40
CA THR A 62 -2.81 10.77 4.24
C THR A 62 -2.52 10.18 2.86
N LEU A 63 -1.86 9.03 2.84
CA LEU A 63 -1.51 8.36 1.58
C LEU A 63 -2.25 7.03 1.45
N ARG A 64 -2.36 6.53 0.23
CA ARG A 64 -3.04 5.28 -0.04
C ARG A 64 -2.71 4.75 -1.44
N LEU A 65 -2.80 3.45 -1.61
CA LEU A 65 -2.51 2.82 -2.89
C LEU A 65 -3.62 1.85 -3.29
N THR A 66 -4.38 2.20 -4.31
CA THR A 66 -5.47 1.36 -4.79
C THR A 66 -4.95 0.23 -5.66
N ILE A 67 -5.38 -0.99 -5.38
CA ILE A 67 -4.95 -2.16 -6.14
C ILE A 67 -6.16 -2.99 -6.59
N SER A 68 -6.35 -3.07 -7.90
CA SER A 68 -7.46 -3.83 -8.46
C SER A 68 -6.95 -5.09 -9.15
N ALA A 69 -7.89 -5.95 -9.54
CA ALA A 69 -7.54 -7.20 -10.22
C ALA A 69 -6.59 -8.04 -9.37
N LEU A 70 -6.87 -8.13 -8.08
CA LEU A 70 -6.05 -8.89 -7.16
C LEU A 70 -5.94 -10.35 -7.61
N GLU A 71 -5.15 -11.13 -6.88
CA GLU A 71 -4.96 -12.54 -7.21
C GLU A 71 -4.11 -13.24 -6.14
N LYS A 72 -4.31 -14.54 -6.01
CA LYS A 72 -3.57 -15.32 -5.03
C LYS A 72 -2.12 -14.84 -4.93
N ALA A 73 -1.48 -14.63 -6.08
CA ALA A 73 -0.11 -14.17 -6.12
C ALA A 73 0.04 -12.81 -5.44
N ASP A 74 -0.76 -11.84 -5.90
CA ASP A 74 -0.71 -10.50 -5.33
C ASP A 74 -0.50 -10.55 -3.82
N SER A 75 -1.15 -11.50 -3.17
CA SER A 75 -1.03 -11.65 -1.72
C SER A 75 0.44 -11.72 -1.31
N ASP A 76 0.92 -10.64 -0.69
CA ASP A 76 2.31 -10.57 -0.25
C ASP A 76 2.52 -9.39 0.68
N THR A 77 3.76 -9.19 1.12
CA THR A 77 4.09 -8.09 2.01
C THR A 77 4.49 -6.85 1.22
N TYR A 78 3.74 -5.77 1.41
CA TYR A 78 4.02 -4.52 0.72
C TYR A 78 4.72 -3.53 1.64
N THR A 79 5.50 -2.62 1.04
CA THR A 79 6.22 -1.62 1.81
C THR A 79 6.07 -0.23 1.19
N CYS A 80 5.47 0.68 1.94
CA CYS A 80 5.26 2.05 1.46
C CYS A 80 6.40 2.96 1.91
N ASP A 81 7.23 3.37 0.95
CA ASP A 81 8.37 4.24 1.24
C ASP A 81 8.06 5.68 0.85
N ILE A 82 8.49 6.61 1.69
CA ILE A 82 8.26 8.03 1.43
C ILE A 82 9.57 8.77 1.25
N GLY A 83 10.66 8.19 1.74
CA GLY A 83 11.97 8.81 1.61
C GLY A 83 12.76 8.77 2.90
N GLN A 84 12.07 8.93 4.02
CA GLN A 84 12.72 8.91 5.33
C GLN A 84 12.33 7.65 6.11
N ALA A 85 11.10 7.21 5.93
CA ALA A 85 10.60 6.02 6.62
C ALA A 85 9.83 5.12 5.66
N GLN A 86 9.52 3.91 6.11
CA GLN A 86 8.79 2.95 5.30
C GLN A 86 7.86 2.10 6.15
N SER A 87 6.68 1.82 5.63
CA SER A 87 5.69 1.02 6.35
C SER A 87 5.64 -0.41 5.79
N ARG A 88 4.81 -1.25 6.41
CA ARG A 88 4.67 -2.63 5.98
C ARG A 88 3.26 -3.14 6.25
N ALA A 89 2.73 -3.93 5.32
CA ALA A 89 1.39 -4.48 5.45
C ALA A 89 1.26 -5.80 4.69
N GLN A 90 0.48 -6.72 5.24
CA GLN A 90 0.27 -8.01 4.62
C GLN A 90 -1.13 -8.11 4.01
N LEU A 91 -1.20 -8.55 2.75
CA LEU A 91 -2.47 -8.69 2.06
C LEU A 91 -2.84 -10.15 1.88
N LEU A 92 -4.13 -10.43 1.80
CA LEU A 92 -4.62 -11.79 1.63
C LEU A 92 -5.64 -11.87 0.51
N VAL A 93 -5.36 -12.72 -0.48
CA VAL A 93 -6.28 -12.88 -1.61
C VAL A 93 -7.10 -14.15 -1.48
N GLN A 94 -8.24 -14.05 -0.80
CA GLN A 94 -9.12 -15.19 -0.60
C GLN A 94 -9.66 -15.71 -1.93
N GLY A 95 -9.28 -16.93 -2.29
CA GLY A 95 -9.73 -17.52 -3.53
C GLY A 95 -11.24 -17.55 -3.64
N ARG A 96 -11.83 -16.46 -4.14
CA ARG A 96 -13.27 -16.37 -4.29
C ARG A 96 -13.86 -17.72 -4.67
N ARG A 97 -13.58 -18.15 -5.90
CA ARG A 97 -14.08 -19.43 -6.38
C ARG A 97 -13.13 -20.04 -7.41
N SER A 98 -13.26 -21.34 -7.63
CA SER A 98 -12.41 -22.04 -8.58
C SER A 98 -13.24 -22.71 -9.66
N GLY A 99 -13.13 -22.20 -10.89
CA GLY A 99 -13.88 -22.75 -11.99
C GLY A 99 -14.72 -21.71 -12.71
N PRO A 100 -14.08 -20.93 -13.60
CA PRO A 100 -14.76 -19.88 -14.36
C PRO A 100 -15.71 -20.45 -15.41
N SER A 101 -15.54 -21.73 -15.73
CA SER A 101 -16.39 -22.39 -16.71
C SER A 101 -17.86 -22.11 -16.45
N SER A 102 -18.60 -21.81 -17.50
CA SER A 102 -20.03 -21.51 -17.38
C SER A 102 -20.85 -22.36 -18.35
N GLY A 103 -21.94 -22.92 -17.86
CA GLY A 103 -22.79 -23.75 -18.69
C GLY A 103 -22.09 -25.02 -19.15
N GLY A 1 0.77 27.30 7.28
CA GLY A 1 1.77 27.45 8.32
C GLY A 1 3.18 27.30 7.80
N SER A 2 3.87 26.26 8.22
CA SER A 2 5.24 26.01 7.80
C SER A 2 5.39 24.61 7.21
N SER A 3 6.46 24.41 6.45
CA SER A 3 6.71 23.11 5.83
C SER A 3 7.70 22.29 6.67
N GLY A 4 8.83 22.90 7.00
CA GLY A 4 9.83 22.21 7.79
C GLY A 4 11.01 21.75 6.96
N SER A 5 11.83 22.70 6.51
CA SER A 5 12.99 22.39 5.69
C SER A 5 13.76 21.20 6.27
N SER A 6 14.00 21.24 7.59
CA SER A 6 14.72 20.18 8.26
C SER A 6 13.79 19.35 9.13
N GLY A 7 14.00 18.04 9.14
CA GLY A 7 13.16 17.15 9.93
C GLY A 7 13.00 15.79 9.30
N ALA A 8 12.89 14.76 10.13
CA ALA A 8 12.73 13.39 9.65
C ALA A 8 11.25 13.01 9.57
N ASN A 9 10.89 12.31 8.50
CA ASN A 9 9.50 11.88 8.32
C ASN A 9 9.22 10.58 9.07
N CYS A 10 7.95 10.33 9.35
CA CYS A 10 7.55 9.12 10.07
C CYS A 10 6.13 8.71 9.69
N PHE A 11 5.66 7.62 10.30
CA PHE A 11 4.32 7.12 10.02
C PHE A 11 3.47 7.12 11.30
N THR A 12 2.51 8.03 11.36
CA THR A 12 1.63 8.14 12.52
C THR A 12 0.68 6.96 12.59
N GLU A 13 0.29 6.43 11.44
CA GLU A 13 -0.62 5.30 11.37
C GLU A 13 -0.12 4.25 10.38
N GLU A 14 0.51 3.21 10.92
CA GLU A 14 1.04 2.13 10.08
C GLU A 14 -0.08 1.43 9.33
N LEU A 15 0.28 0.79 8.22
CA LEU A 15 -0.70 0.07 7.41
C LEU A 15 -1.38 -1.02 8.22
N THR A 16 -2.39 -1.66 7.62
CA THR A 16 -3.13 -2.73 8.29
C THR A 16 -3.40 -3.88 7.34
N ASN A 17 -3.13 -5.10 7.80
CA ASN A 17 -3.34 -6.29 6.98
C ASN A 17 -4.73 -6.27 6.36
N LEU A 18 -4.78 -6.28 5.03
CA LEU A 18 -6.05 -6.27 4.31
C LEU A 18 -6.40 -7.66 3.80
N GLN A 19 -7.69 -7.97 3.79
CA GLN A 19 -8.16 -9.28 3.33
C GLN A 19 -9.33 -9.12 2.36
N VAL A 20 -9.15 -9.57 1.12
CA VAL A 20 -10.19 -9.48 0.12
C VAL A 20 -10.10 -10.64 -0.87
N GLU A 21 -11.22 -10.98 -1.49
CA GLU A 21 -11.27 -12.07 -2.45
C GLU A 21 -10.57 -11.68 -3.75
N GLU A 22 -9.80 -12.61 -4.31
CA GLU A 22 -9.07 -12.36 -5.54
C GLU A 22 -9.93 -11.59 -6.53
N LYS A 23 -9.29 -10.98 -7.52
CA LYS A 23 -9.99 -10.21 -8.54
C LYS A 23 -10.86 -9.13 -7.89
N GLY A 24 -10.42 -8.63 -6.75
CA GLY A 24 -11.17 -7.60 -6.05
C GLY A 24 -10.48 -6.24 -6.11
N THR A 25 -10.20 -5.67 -4.94
CA THR A 25 -9.55 -4.36 -4.87
C THR A 25 -8.99 -4.11 -3.47
N ALA A 26 -7.68 -3.99 -3.38
CA ALA A 26 -7.01 -3.74 -2.10
C ALA A 26 -6.44 -2.33 -2.05
N VAL A 27 -6.88 -1.54 -1.08
CA VAL A 27 -6.40 -0.18 -0.91
C VAL A 27 -5.57 -0.03 0.35
N PHE A 28 -4.25 0.02 0.19
CA PHE A 28 -3.36 0.15 1.33
C PHE A 28 -3.34 1.59 1.85
N THR A 29 -4.10 1.84 2.90
CA THR A 29 -4.19 3.17 3.49
C THR A 29 -3.16 3.35 4.59
N CYS A 30 -2.52 4.52 4.61
CA CYS A 30 -1.50 4.81 5.62
C CYS A 30 -1.51 6.29 5.97
N LYS A 31 -0.68 6.67 6.94
CA LYS A 31 -0.59 8.05 7.39
C LYS A 31 0.86 8.42 7.70
N THR A 32 1.13 9.73 7.71
CA THR A 32 2.47 10.22 8.01
C THR A 32 2.43 11.53 8.78
N GLU A 33 3.52 11.85 9.47
CA GLU A 33 3.60 13.09 10.24
C GLU A 33 3.72 14.30 9.33
N HIS A 34 4.54 14.18 8.30
CA HIS A 34 4.74 15.27 7.35
C HIS A 34 4.37 14.84 5.93
N PRO A 35 3.92 15.81 5.12
CA PRO A 35 3.53 15.56 3.73
C PRO A 35 4.72 15.21 2.84
N ALA A 36 4.94 13.93 2.62
CA ALA A 36 6.04 13.46 1.78
C ALA A 36 5.93 14.03 0.37
N ALA A 37 7.07 14.43 -0.19
CA ALA A 37 7.10 14.98 -1.53
C ALA A 37 6.95 13.90 -2.58
N THR A 38 7.28 12.67 -2.20
CA THR A 38 7.19 11.53 -3.12
C THR A 38 7.01 10.23 -2.35
N VAL A 39 6.34 9.27 -2.98
CA VAL A 39 6.10 7.97 -2.36
C VAL A 39 6.36 6.83 -3.34
N THR A 40 7.13 5.84 -2.90
CA THR A 40 7.46 4.70 -3.75
C THR A 40 7.08 3.40 -3.06
N TRP A 41 5.95 2.81 -3.48
CA TRP A 41 5.48 1.57 -2.91
C TRP A 41 6.26 0.38 -3.46
N ARG A 42 6.31 -0.70 -2.70
CA ARG A 42 7.03 -1.90 -3.11
C ARG A 42 6.20 -3.15 -2.84
N LYS A 43 6.14 -4.03 -3.84
CA LYS A 43 5.37 -5.27 -3.72
C LYS A 43 6.27 -6.48 -3.95
N GLY A 44 6.38 -7.33 -2.93
CA GLY A 44 7.21 -8.52 -3.05
C GLY A 44 8.57 -8.22 -3.64
N LEU A 45 9.38 -7.45 -2.92
CA LEU A 45 10.71 -7.09 -3.38
C LEU A 45 10.66 -6.52 -4.80
N LEU A 46 9.63 -5.74 -5.08
CA LEU A 46 9.47 -5.15 -6.40
C LEU A 46 8.98 -3.70 -6.29
N GLU A 47 9.45 -2.85 -7.20
CA GLU A 47 9.06 -1.45 -7.20
C GLU A 47 7.75 -1.25 -7.97
N LEU A 48 6.81 -0.57 -7.33
CA LEU A 48 5.51 -0.30 -7.95
C LEU A 48 5.50 1.05 -8.64
N ARG A 49 4.60 1.22 -9.60
CA ARG A 49 4.48 2.47 -10.34
C ARG A 49 3.02 2.89 -10.48
N ALA A 50 2.80 4.17 -10.73
CA ALA A 50 1.45 4.70 -10.89
C ALA A 50 0.84 4.25 -12.21
N SER A 51 -0.04 3.26 -12.16
CA SER A 51 -0.68 2.74 -13.36
C SER A 51 -2.02 2.08 -13.01
N GLY A 52 -2.74 1.65 -14.05
CA GLY A 52 -4.03 1.02 -13.84
C GLY A 52 -4.00 0.04 -12.68
N LYS A 53 -2.90 -0.70 -12.55
CA LYS A 53 -2.75 -1.67 -11.47
C LYS A 53 -2.55 -0.97 -10.13
N HIS A 54 -1.39 -0.34 -9.97
CA HIS A 54 -1.07 0.37 -8.73
C HIS A 54 -1.17 1.88 -8.93
N GLN A 55 -2.30 2.46 -8.54
CA GLN A 55 -2.52 3.89 -8.67
C GLN A 55 -2.51 4.57 -7.31
N PRO A 56 -1.33 5.00 -6.87
CA PRO A 56 -1.16 5.68 -5.58
C PRO A 56 -1.78 7.08 -5.58
N SER A 57 -1.76 7.72 -4.41
CA SER A 57 -2.32 9.06 -4.27
C SER A 57 -1.64 9.82 -3.12
N GLN A 58 -1.99 11.09 -2.98
CA GLN A 58 -1.41 11.92 -1.93
C GLN A 58 -2.45 12.90 -1.39
N GLU A 59 -2.87 12.70 -0.16
CA GLU A 59 -3.86 13.58 0.47
C GLU A 59 -3.31 14.16 1.77
N GLY A 60 -2.61 15.29 1.67
CA GLY A 60 -2.05 15.93 2.83
C GLY A 60 -1.18 14.99 3.65
N LEU A 61 -1.69 14.56 4.79
CA LEU A 61 -0.95 13.66 5.67
C LEU A 61 -1.51 12.25 5.59
N THR A 62 -2.21 11.95 4.50
CA THR A 62 -2.80 10.63 4.31
C THR A 62 -2.53 10.11 2.90
N LEU A 63 -1.94 8.92 2.82
CA LEU A 63 -1.63 8.30 1.53
C LEU A 63 -2.33 6.96 1.38
N ARG A 64 -2.63 6.58 0.15
CA ARG A 64 -3.30 5.31 -0.13
C ARG A 64 -2.98 4.83 -1.54
N LEU A 65 -2.89 3.51 -1.70
CA LEU A 65 -2.59 2.92 -3.00
C LEU A 65 -3.66 1.91 -3.40
N THR A 66 -4.52 2.30 -4.34
CA THR A 66 -5.59 1.43 -4.81
C THR A 66 -5.05 0.36 -5.75
N ILE A 67 -5.30 -0.91 -5.42
CA ILE A 67 -4.85 -2.01 -6.25
C ILE A 67 -6.02 -2.85 -6.75
N SER A 68 -6.12 -2.99 -8.07
CA SER A 68 -7.20 -3.75 -8.67
C SER A 68 -6.65 -5.00 -9.36
N ALA A 69 -7.55 -5.93 -9.69
CA ALA A 69 -7.17 -7.17 -10.35
C ALA A 69 -6.31 -8.04 -9.43
N LEU A 70 -6.73 -8.15 -8.17
CA LEU A 70 -6.01 -8.95 -7.19
C LEU A 70 -5.93 -10.41 -7.62
N GLU A 71 -5.02 -11.16 -7.01
CA GLU A 71 -4.85 -12.57 -7.34
C GLU A 71 -3.97 -13.26 -6.31
N LYS A 72 -4.10 -14.58 -6.21
CA LYS A 72 -3.30 -15.36 -5.27
C LYS A 72 -1.89 -14.82 -5.15
N ALA A 73 -1.36 -14.33 -6.27
CA ALA A 73 -0.01 -13.78 -6.30
C ALA A 73 0.09 -12.52 -5.45
N ASP A 74 -0.86 -11.61 -5.63
CA ASP A 74 -0.88 -10.36 -4.88
C ASP A 74 -0.50 -10.60 -3.42
N SER A 75 -1.01 -11.70 -2.87
CA SER A 75 -0.73 -12.05 -1.48
C SER A 75 0.76 -11.93 -1.17
N ASP A 76 1.15 -10.82 -0.55
CA ASP A 76 2.55 -10.58 -0.21
C ASP A 76 2.68 -9.40 0.73
N THR A 77 3.92 -9.06 1.08
CA THR A 77 4.18 -7.94 1.98
C THR A 77 4.57 -6.69 1.20
N TYR A 78 3.78 -5.63 1.37
CA TYR A 78 4.03 -4.37 0.68
C TYR A 78 4.80 -3.41 1.57
N THR A 79 5.65 -2.59 0.97
CA THR A 79 6.44 -1.62 1.72
C THR A 79 6.28 -0.21 1.13
N CYS A 80 5.59 0.65 1.87
CA CYS A 80 5.37 2.02 1.42
C CYS A 80 6.50 2.93 1.88
N ASP A 81 7.34 3.35 0.93
CA ASP A 81 8.46 4.22 1.24
C ASP A 81 8.15 5.67 0.88
N ILE A 82 8.53 6.60 1.74
CA ILE A 82 8.28 8.02 1.51
C ILE A 82 9.59 8.78 1.33
N GLY A 83 10.68 8.19 1.82
CA GLY A 83 11.97 8.82 1.71
C GLY A 83 12.83 8.66 2.95
N GLN A 84 12.20 8.83 4.11
CA GLN A 84 12.90 8.69 5.39
C GLN A 84 12.54 7.39 6.07
N ALA A 85 11.25 7.05 6.05
CA ALA A 85 10.77 5.82 6.66
C ALA A 85 9.95 4.99 5.68
N GLN A 86 9.57 3.79 6.10
CA GLN A 86 8.77 2.91 5.25
C GLN A 86 7.84 2.04 6.10
N SER A 87 6.63 1.82 5.59
CA SER A 87 5.64 1.02 6.29
C SER A 87 5.62 -0.41 5.76
N ARG A 88 4.78 -1.25 6.36
CA ARG A 88 4.67 -2.64 5.95
C ARG A 88 3.30 -3.21 6.30
N ALA A 89 2.77 -4.06 5.43
CA ALA A 89 1.46 -4.66 5.65
C ALA A 89 1.31 -5.95 4.83
N GLN A 90 0.66 -6.94 5.42
CA GLN A 90 0.45 -8.22 4.74
C GLN A 90 -0.97 -8.31 4.19
N LEU A 91 -1.09 -8.74 2.94
CA LEU A 91 -2.38 -8.88 2.29
C LEU A 91 -2.80 -10.34 2.20
N LEU A 92 -4.11 -10.58 2.18
CA LEU A 92 -4.64 -11.94 2.09
C LEU A 92 -5.71 -12.03 1.00
N VAL A 93 -5.45 -12.87 0.01
CA VAL A 93 -6.40 -13.06 -1.09
C VAL A 93 -7.26 -14.30 -0.87
N GLN A 94 -8.41 -14.11 -0.25
CA GLN A 94 -9.33 -15.21 0.02
C GLN A 94 -9.93 -15.75 -1.27
N GLY A 95 -9.48 -16.94 -1.67
CA GLY A 95 -9.98 -17.55 -2.89
C GLY A 95 -11.49 -17.47 -3.00
N ARG A 96 -11.96 -16.57 -3.85
CA ARG A 96 -13.40 -16.38 -4.06
C ARG A 96 -14.08 -17.71 -4.35
N ARG A 97 -15.39 -17.66 -4.56
CA ARG A 97 -16.16 -18.86 -4.84
C ARG A 97 -16.13 -19.82 -3.66
N SER A 98 -16.31 -19.28 -2.46
CA SER A 98 -16.30 -20.08 -1.24
C SER A 98 -17.71 -20.52 -0.87
N GLY A 99 -18.18 -21.60 -1.50
CA GLY A 99 -19.51 -22.11 -1.22
C GLY A 99 -20.58 -21.05 -1.42
N PRO A 100 -21.82 -21.38 -1.01
CA PRO A 100 -22.96 -20.48 -1.13
C PRO A 100 -22.86 -19.29 -0.18
N SER A 101 -22.01 -19.42 0.83
CA SER A 101 -21.82 -18.36 1.82
C SER A 101 -20.60 -17.50 1.47
N SER A 102 -20.84 -16.23 1.18
CA SER A 102 -19.77 -15.31 0.84
C SER A 102 -18.83 -15.09 2.02
N GLY A 103 -17.55 -14.89 1.72
CA GLY A 103 -16.57 -14.67 2.77
C GLY A 103 -15.43 -15.68 2.72
N GLY A 1 3.88 23.23 3.31
CA GLY A 1 5.18 22.88 3.82
C GLY A 1 5.58 23.70 5.03
N SER A 2 6.70 24.42 4.92
CA SER A 2 7.19 25.23 6.01
C SER A 2 8.13 26.32 5.50
N SER A 3 8.58 27.19 6.40
CA SER A 3 9.47 28.27 6.04
C SER A 3 10.86 28.07 6.66
N GLY A 4 11.33 26.83 6.62
CA GLY A 4 12.64 26.52 7.18
C GLY A 4 13.17 25.18 6.71
N SER A 5 14.34 24.80 7.22
CA SER A 5 14.95 23.54 6.84
C SER A 5 14.25 22.36 7.50
N SER A 6 13.96 21.33 6.72
CA SER A 6 13.27 20.14 7.23
C SER A 6 14.28 19.18 7.86
N GLY A 7 13.76 18.19 8.57
CA GLY A 7 14.62 17.21 9.23
C GLY A 7 14.36 15.79 8.73
N ALA A 8 13.51 15.07 9.46
CA ALA A 8 13.17 13.70 9.09
C ALA A 8 11.67 13.48 9.10
N ASN A 9 11.23 12.38 8.50
CA ASN A 9 9.80 12.06 8.44
C ASN A 9 9.54 10.66 9.00
N CYS A 10 8.30 10.41 9.39
CA CYS A 10 7.91 9.12 9.95
C CYS A 10 6.46 8.79 9.62
N PHE A 11 6.01 7.63 10.07
CA PHE A 11 4.63 7.20 9.81
C PHE A 11 3.80 7.26 11.09
N THR A 12 2.79 8.14 11.09
CA THR A 12 1.92 8.30 12.24
C THR A 12 0.96 7.13 12.38
N GLU A 13 0.52 6.59 11.24
CA GLU A 13 -0.40 5.47 11.23
C GLU A 13 0.06 4.39 10.25
N GLU A 14 0.71 3.36 10.77
CA GLU A 14 1.20 2.26 9.94
C GLU A 14 0.05 1.58 9.21
N LEU A 15 0.37 0.93 8.09
CA LEU A 15 -0.63 0.24 7.30
C LEU A 15 -1.32 -0.85 8.11
N THR A 16 -2.40 -1.40 7.56
CA THR A 16 -3.15 -2.45 8.24
C THR A 16 -3.41 -3.62 7.31
N ASN A 17 -3.13 -4.82 7.79
CA ASN A 17 -3.34 -6.03 7.00
C ASN A 17 -4.77 -6.12 6.50
N LEU A 18 -4.93 -6.31 5.19
CA LEU A 18 -6.25 -6.41 4.58
C LEU A 18 -6.55 -7.85 4.16
N GLN A 19 -7.83 -8.14 3.95
CA GLN A 19 -8.24 -9.47 3.53
C GLN A 19 -9.39 -9.40 2.54
N VAL A 20 -9.12 -9.76 1.29
CA VAL A 20 -10.14 -9.74 0.25
C VAL A 20 -9.93 -10.88 -0.75
N GLU A 21 -10.97 -11.18 -1.52
CA GLU A 21 -10.91 -12.25 -2.51
C GLU A 21 -10.29 -11.75 -3.81
N GLU A 22 -9.46 -12.58 -4.42
CA GLU A 22 -8.79 -12.23 -5.68
C GLU A 22 -9.75 -11.49 -6.60
N LYS A 23 -9.20 -10.79 -7.58
CA LYS A 23 -10.00 -10.04 -8.54
C LYS A 23 -10.89 -9.02 -7.83
N GLY A 24 -10.42 -8.53 -6.68
CA GLY A 24 -11.18 -7.56 -5.92
C GLY A 24 -10.57 -6.17 -5.99
N THR A 25 -10.35 -5.58 -4.82
CA THR A 25 -9.77 -4.23 -4.75
C THR A 25 -9.28 -3.92 -3.33
N ALA A 26 -7.97 -3.87 -3.16
CA ALA A 26 -7.39 -3.57 -1.87
C ALA A 26 -6.66 -2.22 -1.88
N VAL A 27 -7.10 -1.30 -1.02
CA VAL A 27 -6.51 0.01 -0.94
C VAL A 27 -5.73 0.19 0.36
N PHE A 28 -4.41 0.12 0.27
CA PHE A 28 -3.55 0.28 1.45
C PHE A 28 -3.50 1.73 1.90
N THR A 29 -4.24 2.03 2.98
CA THR A 29 -4.27 3.39 3.51
C THR A 29 -3.26 3.56 4.64
N CYS A 30 -2.49 4.64 4.57
CA CYS A 30 -1.49 4.92 5.59
C CYS A 30 -1.44 6.41 5.92
N LYS A 31 -0.57 6.78 6.84
CA LYS A 31 -0.43 8.17 7.25
C LYS A 31 1.03 8.52 7.53
N THR A 32 1.33 9.81 7.51
CA THR A 32 2.69 10.29 7.75
C THR A 32 2.70 11.54 8.61
N GLU A 33 3.77 11.74 9.37
CA GLU A 33 3.89 12.90 10.22
C GLU A 33 3.99 14.18 9.40
N HIS A 34 4.70 14.11 8.29
CA HIS A 34 4.87 15.26 7.40
C HIS A 34 4.42 14.93 5.98
N PRO A 35 3.98 15.95 5.25
CA PRO A 35 3.51 15.80 3.87
C PRO A 35 4.65 15.47 2.90
N ALA A 36 4.88 14.18 2.69
CA ALA A 36 5.93 13.72 1.80
C ALA A 36 5.71 14.25 0.38
N ALA A 37 6.79 14.46 -0.35
CA ALA A 37 6.71 14.96 -1.71
C ALA A 37 6.60 13.81 -2.72
N THR A 38 7.07 12.63 -2.30
CA THR A 38 7.03 11.46 -3.17
C THR A 38 6.77 10.19 -2.35
N VAL A 39 6.38 9.12 -3.04
CA VAL A 39 6.11 7.86 -2.39
C VAL A 39 6.28 6.69 -3.35
N THR A 40 7.22 5.80 -3.05
CA THR A 40 7.49 4.64 -3.89
C THR A 40 7.04 3.35 -3.21
N TRP A 41 5.93 2.80 -3.67
CA TRP A 41 5.40 1.56 -3.11
C TRP A 41 6.18 0.36 -3.61
N ARG A 42 6.26 -0.68 -2.78
CA ARG A 42 6.98 -1.90 -3.14
C ARG A 42 6.23 -3.14 -2.67
N LYS A 43 6.15 -4.14 -3.54
CA LYS A 43 5.46 -5.38 -3.22
C LYS A 43 6.34 -6.59 -3.51
N GLY A 44 6.35 -7.55 -2.59
CA GLY A 44 7.15 -8.74 -2.77
C GLY A 44 8.53 -8.43 -3.32
N LEU A 45 9.22 -7.48 -2.70
CA LEU A 45 10.56 -7.09 -3.13
C LEU A 45 10.54 -6.60 -4.57
N LEU A 46 9.45 -5.94 -4.96
CA LEU A 46 9.31 -5.42 -6.31
C LEU A 46 8.82 -3.97 -6.29
N GLU A 47 9.39 -3.14 -7.16
CA GLU A 47 9.00 -1.74 -7.25
C GLU A 47 7.73 -1.56 -8.06
N LEU A 48 6.79 -0.79 -7.53
CA LEU A 48 5.53 -0.55 -8.21
C LEU A 48 5.55 0.80 -8.92
N ARG A 49 4.50 1.06 -9.71
CA ARG A 49 4.39 2.31 -10.45
C ARG A 49 2.93 2.69 -10.68
N ALA A 50 2.66 3.98 -10.77
CA ALA A 50 1.31 4.47 -11.00
C ALA A 50 0.73 3.91 -12.30
N SER A 51 -0.15 2.92 -12.17
CA SER A 51 -0.77 2.29 -13.33
C SER A 51 -2.10 1.66 -12.96
N GLY A 52 -2.84 1.23 -13.98
CA GLY A 52 -4.14 0.61 -13.74
C GLY A 52 -4.13 -0.31 -12.54
N LYS A 53 -2.98 -0.94 -12.29
CA LYS A 53 -2.85 -1.87 -11.17
C LYS A 53 -2.63 -1.09 -9.87
N HIS A 54 -1.46 -0.50 -9.72
CA HIS A 54 -1.12 0.27 -8.52
C HIS A 54 -1.26 1.77 -8.78
N GLN A 55 -2.41 2.32 -8.40
CA GLN A 55 -2.67 3.75 -8.59
C GLN A 55 -2.64 4.48 -7.25
N PRO A 56 -1.43 4.89 -6.83
CA PRO A 56 -1.24 5.62 -5.56
C PRO A 56 -1.81 7.03 -5.62
N SER A 57 -1.77 7.72 -4.48
CA SER A 57 -2.28 9.08 -4.40
C SER A 57 -1.61 9.84 -3.26
N GLN A 58 -1.90 11.14 -3.19
CA GLN A 58 -1.32 11.99 -2.15
C GLN A 58 -2.36 12.93 -1.56
N GLU A 59 -2.63 12.78 -0.27
CA GLU A 59 -3.62 13.62 0.42
C GLU A 59 -3.04 14.21 1.69
N GLY A 60 -3.80 15.09 2.33
CA GLY A 60 -3.35 15.72 3.55
C GLY A 60 -2.76 14.72 4.53
N LEU A 61 -1.43 14.64 4.56
CA LEU A 61 -0.74 13.72 5.46
C LEU A 61 -1.39 12.34 5.43
N THR A 62 -2.00 12.01 4.30
CA THR A 62 -2.66 10.71 4.15
C THR A 62 -2.42 10.13 2.76
N LEU A 63 -1.75 8.98 2.71
CA LEU A 63 -1.44 8.32 1.45
C LEU A 63 -2.19 7.01 1.32
N ARG A 64 -2.46 6.59 0.09
CA ARG A 64 -3.19 5.35 -0.16
C ARG A 64 -2.84 4.81 -1.54
N LEU A 65 -2.87 3.48 -1.67
CA LEU A 65 -2.56 2.83 -2.95
C LEU A 65 -3.67 1.83 -3.32
N THR A 66 -4.51 2.23 -4.25
CA THR A 66 -5.61 1.38 -4.71
C THR A 66 -5.09 0.27 -5.63
N ILE A 67 -5.38 -0.97 -5.26
CA ILE A 67 -4.95 -2.12 -6.05
C ILE A 67 -6.15 -2.95 -6.52
N SER A 68 -6.38 -2.95 -7.83
CA SER A 68 -7.50 -3.71 -8.39
C SER A 68 -7.00 -4.96 -9.11
N ALA A 69 -7.91 -5.88 -9.39
CA ALA A 69 -7.57 -7.12 -10.08
C ALA A 69 -6.54 -7.93 -9.28
N LEU A 70 -6.75 -7.99 -7.98
CA LEU A 70 -5.84 -8.73 -7.10
C LEU A 70 -5.64 -10.16 -7.61
N GLU A 71 -4.87 -10.94 -6.85
CA GLU A 71 -4.59 -12.32 -7.23
C GLU A 71 -3.85 -13.05 -6.12
N LYS A 72 -4.08 -14.36 -6.02
CA LYS A 72 -3.43 -15.17 -5.00
C LYS A 72 -1.93 -14.89 -4.95
N ALA A 73 -1.40 -14.33 -6.04
CA ALA A 73 0.02 -14.00 -6.11
C ALA A 73 0.31 -12.64 -5.48
N ASP A 74 -0.59 -11.70 -5.67
CA ASP A 74 -0.44 -10.35 -5.12
C ASP A 74 -0.28 -10.41 -3.61
N SER A 75 -0.82 -11.46 -3.00
CA SER A 75 -0.75 -11.63 -1.54
C SER A 75 0.70 -11.68 -1.08
N ASP A 76 1.18 -10.56 -0.55
CA ASP A 76 2.55 -10.48 -0.06
C ASP A 76 2.72 -9.28 0.88
N THR A 77 3.92 -9.12 1.41
CA THR A 77 4.22 -8.02 2.32
C THR A 77 4.65 -6.78 1.56
N TYR A 78 3.75 -5.80 1.48
CA TYR A 78 4.03 -4.55 0.78
C TYR A 78 4.88 -3.62 1.64
N THR A 79 5.44 -2.59 1.02
CA THR A 79 6.27 -1.63 1.72
C THR A 79 6.12 -0.23 1.12
N CYS A 80 5.54 0.68 1.89
CA CYS A 80 5.35 2.05 1.43
C CYS A 80 6.50 2.94 1.88
N ASP A 81 7.37 3.31 0.94
CA ASP A 81 8.52 4.15 1.23
C ASP A 81 8.23 5.61 0.86
N ILE A 82 8.76 6.53 1.65
CA ILE A 82 8.56 7.96 1.41
C ILE A 82 9.89 8.68 1.25
N GLY A 83 10.97 8.03 1.66
CA GLY A 83 12.29 8.62 1.54
C GLY A 83 13.07 8.55 2.84
N GLN A 84 12.36 8.56 3.95
CA GLN A 84 12.99 8.50 5.26
C GLN A 84 12.56 7.25 6.03
N ALA A 85 11.29 6.90 5.89
CA ALA A 85 10.74 5.72 6.55
C ALA A 85 10.00 4.82 5.58
N GLN A 86 9.57 3.65 6.05
CA GLN A 86 8.85 2.70 5.22
C GLN A 86 7.92 1.85 6.06
N SER A 87 6.69 1.67 5.58
CA SER A 87 5.70 0.88 6.29
C SER A 87 5.66 -0.55 5.75
N ARG A 88 4.79 -1.37 6.32
CA ARG A 88 4.65 -2.76 5.91
C ARG A 88 3.28 -3.31 6.28
N ALA A 89 2.65 -4.00 5.35
CA ALA A 89 1.33 -4.59 5.58
C ALA A 89 1.15 -5.88 4.79
N GLN A 90 0.54 -6.87 5.43
CA GLN A 90 0.31 -8.16 4.78
C GLN A 90 -1.10 -8.22 4.18
N LEU A 91 -1.16 -8.57 2.90
CA LEU A 91 -2.45 -8.67 2.20
C LEU A 91 -2.85 -10.13 2.01
N LEU A 92 -4.14 -10.40 2.12
CA LEU A 92 -4.65 -11.75 1.95
C LEU A 92 -5.63 -11.82 0.78
N VAL A 93 -5.20 -12.49 -0.30
CA VAL A 93 -6.03 -12.63 -1.48
C VAL A 93 -6.72 -13.99 -1.51
N GLN A 94 -7.93 -14.04 -0.97
CA GLN A 94 -8.70 -15.29 -0.94
C GLN A 94 -9.02 -15.77 -2.35
N GLY A 95 -9.61 -16.96 -2.44
CA GLY A 95 -9.96 -17.52 -3.73
C GLY A 95 -11.41 -17.27 -4.10
N ARG A 96 -11.71 -16.07 -4.57
CA ARG A 96 -13.07 -15.71 -4.95
C ARG A 96 -13.77 -16.88 -5.64
N ARG A 97 -15.10 -16.85 -5.64
CA ARG A 97 -15.87 -17.91 -6.27
C ARG A 97 -15.21 -18.39 -7.56
N SER A 98 -14.49 -17.48 -8.21
CA SER A 98 -13.81 -17.82 -9.46
C SER A 98 -14.72 -18.63 -10.38
N GLY A 99 -15.96 -18.17 -10.54
CA GLY A 99 -16.90 -18.86 -11.40
C GLY A 99 -16.68 -18.57 -12.86
N PRO A 100 -17.31 -19.37 -13.73
CA PRO A 100 -17.19 -19.23 -15.18
C PRO A 100 -17.90 -17.97 -15.69
N SER A 101 -18.96 -17.57 -14.99
CA SER A 101 -19.72 -16.38 -15.37
C SER A 101 -18.84 -15.14 -15.34
N SER A 102 -19.04 -14.25 -16.31
CA SER A 102 -18.26 -13.02 -16.40
C SER A 102 -19.00 -11.87 -15.72
N GLY A 103 -18.25 -10.83 -15.36
CA GLY A 103 -18.84 -9.68 -14.71
C GLY A 103 -19.24 -9.96 -13.27
N GLY A 1 12.23 17.42 26.14
CA GLY A 1 11.15 17.58 25.18
C GLY A 1 11.11 18.97 24.58
N SER A 2 11.28 19.05 23.26
CA SER A 2 11.26 20.33 22.57
C SER A 2 9.90 20.57 21.90
N SER A 3 9.53 21.83 21.78
CA SER A 3 8.26 22.19 21.15
C SER A 3 8.48 22.86 19.80
N GLY A 4 7.75 22.39 18.79
CA GLY A 4 7.88 22.95 17.46
C GLY A 4 7.76 21.90 16.38
N SER A 5 8.62 21.99 15.36
CA SER A 5 8.59 21.05 14.25
C SER A 5 9.81 20.14 14.29
N SER A 6 9.61 18.87 13.95
CA SER A 6 10.69 17.90 13.95
C SER A 6 11.33 17.79 12.57
N GLY A 7 12.47 17.10 12.50
CA GLY A 7 13.16 16.93 11.24
C GLY A 7 12.67 15.73 10.46
N ALA A 8 13.48 14.68 10.43
CA ALA A 8 13.13 13.45 9.72
C ALA A 8 11.63 13.18 9.82
N ASN A 9 11.09 12.56 8.78
CA ASN A 9 9.66 12.24 8.75
C ASN A 9 9.40 10.87 9.38
N CYS A 10 8.12 10.58 9.62
CA CYS A 10 7.74 9.31 10.22
C CYS A 10 6.30 8.96 9.86
N PHE A 11 5.87 7.76 10.27
CA PHE A 11 4.52 7.30 9.99
C PHE A 11 3.67 7.27 11.26
N THR A 12 2.67 8.14 11.32
CA THR A 12 1.80 8.22 12.47
C THR A 12 0.85 7.03 12.53
N GLU A 13 0.44 6.55 11.36
CA GLU A 13 -0.47 5.41 11.27
C GLU A 13 0.06 4.36 10.29
N GLU A 14 0.69 3.33 10.83
CA GLU A 14 1.25 2.26 10.00
C GLU A 14 0.14 1.54 9.25
N LEU A 15 0.51 0.88 8.15
CA LEU A 15 -0.44 0.14 7.34
C LEU A 15 -1.10 -0.97 8.14
N THR A 16 -2.19 -1.52 7.60
CA THR A 16 -2.91 -2.59 8.27
C THR A 16 -3.24 -3.72 7.30
N ASN A 17 -3.08 -4.96 7.76
CA ASN A 17 -3.37 -6.12 6.93
C ASN A 17 -4.74 -6.01 6.28
N LEU A 18 -4.85 -6.48 5.05
CA LEU A 18 -6.11 -6.43 4.31
C LEU A 18 -6.51 -7.82 3.83
N GLN A 19 -7.81 -8.09 3.86
CA GLN A 19 -8.32 -9.39 3.41
C GLN A 19 -9.48 -9.22 2.43
N VAL A 20 -9.25 -9.61 1.19
CA VAL A 20 -10.27 -9.50 0.14
C VAL A 20 -10.22 -10.69 -0.80
N GLU A 21 -11.25 -10.81 -1.64
CA GLU A 21 -11.33 -11.91 -2.59
C GLU A 21 -10.57 -11.58 -3.88
N GLU A 22 -9.94 -12.58 -4.46
CA GLU A 22 -9.17 -12.39 -5.69
C GLU A 22 -9.98 -11.59 -6.71
N LYS A 23 -9.27 -10.88 -7.58
CA LYS A 23 -9.92 -10.07 -8.61
C LYS A 23 -10.78 -8.99 -7.98
N GLY A 24 -10.40 -8.55 -6.78
CA GLY A 24 -11.16 -7.52 -6.09
C GLY A 24 -10.45 -6.18 -6.08
N THR A 25 -10.31 -5.59 -4.90
CA THR A 25 -9.64 -4.30 -4.76
C THR A 25 -9.06 -4.14 -3.37
N ALA A 26 -7.76 -3.88 -3.30
CA ALA A 26 -7.08 -3.69 -2.03
C ALA A 26 -6.30 -2.38 -2.00
N VAL A 27 -6.77 -1.43 -1.19
CA VAL A 27 -6.11 -0.13 -1.08
C VAL A 27 -5.42 0.02 0.27
N PHE A 28 -4.09 0.01 0.24
CA PHE A 28 -3.31 0.14 1.46
C PHE A 28 -3.31 1.59 1.96
N THR A 29 -4.12 1.85 2.98
CA THR A 29 -4.22 3.19 3.55
C THR A 29 -3.20 3.39 4.66
N CYS A 30 -2.49 4.53 4.61
CA CYS A 30 -1.48 4.83 5.61
C CYS A 30 -1.49 6.32 5.94
N LYS A 31 -0.59 6.74 6.83
CA LYS A 31 -0.49 8.14 7.22
C LYS A 31 0.96 8.52 7.51
N THR A 32 1.21 9.83 7.61
CA THR A 32 2.56 10.32 7.87
C THR A 32 2.51 11.60 8.72
N GLU A 33 3.57 11.83 9.47
CA GLU A 33 3.65 13.01 10.33
C GLU A 33 3.71 14.28 9.49
N HIS A 34 4.49 14.24 8.41
CA HIS A 34 4.64 15.38 7.53
C HIS A 34 4.20 15.03 6.10
N PRO A 35 3.79 16.06 5.34
CA PRO A 35 3.35 15.88 3.96
C PRO A 35 4.50 15.53 3.03
N ALA A 36 4.78 14.23 2.89
CA ALA A 36 5.85 13.76 2.03
C ALA A 36 5.73 14.36 0.63
N ALA A 37 6.86 14.45 -0.07
CA ALA A 37 6.88 15.00 -1.42
C ALA A 37 6.94 13.90 -2.46
N THR A 38 7.30 12.69 -2.03
CA THR A 38 7.40 11.55 -2.92
C THR A 38 7.12 10.24 -2.19
N VAL A 39 6.58 9.27 -2.91
CA VAL A 39 6.26 7.97 -2.33
C VAL A 39 6.56 6.84 -3.31
N THR A 40 7.43 5.92 -2.89
CA THR A 40 7.80 4.79 -3.72
C THR A 40 7.41 3.47 -3.07
N TRP A 41 6.28 2.91 -3.52
CA TRP A 41 5.79 1.65 -2.98
C TRP A 41 6.61 0.48 -3.49
N ARG A 42 6.56 -0.64 -2.77
CA ARG A 42 7.31 -1.83 -3.16
C ARG A 42 6.50 -3.10 -2.87
N LYS A 43 6.43 -3.98 -3.86
CA LYS A 43 5.70 -5.23 -3.71
C LYS A 43 6.58 -6.43 -4.03
N GLY A 44 6.80 -7.27 -3.03
CA GLY A 44 7.64 -8.46 -3.23
C GLY A 44 9.01 -8.11 -3.77
N LEU A 45 9.77 -7.33 -3.02
CA LEU A 45 11.11 -6.93 -3.43
C LEU A 45 11.08 -6.33 -4.83
N LEU A 46 9.99 -5.64 -5.16
CA LEU A 46 9.85 -5.02 -6.47
C LEU A 46 9.29 -3.60 -6.33
N GLU A 47 9.77 -2.70 -7.18
CA GLU A 47 9.33 -1.31 -7.16
C GLU A 47 8.04 -1.14 -7.96
N LEU A 48 7.04 -0.50 -7.34
CA LEU A 48 5.76 -0.27 -7.99
C LEU A 48 5.74 1.07 -8.70
N ARG A 49 4.85 1.21 -9.67
CA ARG A 49 4.72 2.46 -10.43
C ARG A 49 3.26 2.75 -10.75
N ALA A 50 2.90 4.03 -10.72
CA ALA A 50 1.54 4.45 -11.02
C ALA A 50 1.04 3.82 -12.32
N SER A 51 0.20 2.80 -12.20
CA SER A 51 -0.34 2.12 -13.37
C SER A 51 -1.71 1.51 -13.05
N GLY A 52 -2.43 1.16 -14.10
CA GLY A 52 -3.76 0.57 -13.93
C GLY A 52 -3.84 -0.31 -12.69
N LYS A 53 -2.73 -0.98 -12.38
CA LYS A 53 -2.68 -1.86 -11.21
C LYS A 53 -2.44 -1.07 -9.93
N HIS A 54 -1.23 -0.54 -9.80
CA HIS A 54 -0.87 0.24 -8.61
C HIS A 54 -1.08 1.73 -8.87
N GLN A 55 -2.17 2.26 -8.36
CA GLN A 55 -2.49 3.68 -8.53
C GLN A 55 -2.48 4.41 -7.20
N PRO A 56 -1.29 4.88 -6.78
CA PRO A 56 -1.12 5.59 -5.52
C PRO A 56 -1.77 6.97 -5.54
N SER A 57 -1.77 7.64 -4.40
CA SER A 57 -2.36 8.97 -4.29
C SER A 57 -1.73 9.76 -3.14
N GLN A 58 -2.26 10.95 -2.89
CA GLN A 58 -1.75 11.80 -1.82
C GLN A 58 -2.85 12.69 -1.25
N GLU A 59 -2.88 12.84 0.06
CA GLU A 59 -3.88 13.66 0.73
C GLU A 59 -3.33 14.27 2.02
N GLY A 60 -4.15 15.04 2.71
CA GLY A 60 -3.74 15.66 3.95
C GLY A 60 -3.02 14.69 4.87
N LEU A 61 -1.70 14.64 4.77
CA LEU A 61 -0.89 13.75 5.59
C LEU A 61 -1.44 12.32 5.55
N THR A 62 -2.12 11.98 4.45
CA THR A 62 -2.70 10.67 4.28
C THR A 62 -2.38 10.09 2.90
N LEU A 63 -1.75 8.93 2.87
CA LEU A 63 -1.40 8.29 1.61
C LEU A 63 -2.10 6.94 1.47
N ARG A 64 -2.37 6.55 0.23
CA ARG A 64 -3.04 5.28 -0.04
C ARG A 64 -2.66 4.75 -1.42
N LEU A 65 -2.71 3.43 -1.58
CA LEU A 65 -2.38 2.79 -2.85
C LEU A 65 -3.45 1.78 -3.25
N THR A 66 -4.30 2.17 -4.18
CA THR A 66 -5.37 1.30 -4.66
C THR A 66 -4.82 0.22 -5.57
N ILE A 67 -5.19 -1.03 -5.29
CA ILE A 67 -4.73 -2.16 -6.09
C ILE A 67 -5.92 -2.98 -6.60
N SER A 68 -6.16 -2.89 -7.91
CA SER A 68 -7.26 -3.63 -8.52
C SER A 68 -6.75 -4.87 -9.24
N ALA A 69 -7.68 -5.74 -9.65
CA ALA A 69 -7.32 -6.97 -10.34
C ALA A 69 -6.41 -7.84 -9.50
N LEU A 70 -6.72 -7.95 -8.22
CA LEU A 70 -5.93 -8.76 -7.29
C LEU A 70 -5.88 -10.20 -7.76
N GLU A 71 -5.17 -11.04 -6.99
CA GLU A 71 -5.05 -12.45 -7.33
C GLU A 71 -4.43 -13.22 -6.16
N LYS A 72 -4.53 -14.55 -6.23
CA LYS A 72 -3.98 -15.41 -5.19
C LYS A 72 -2.50 -15.13 -4.96
N ALA A 73 -1.82 -14.72 -6.02
CA ALA A 73 -0.39 -14.41 -5.95
C ALA A 73 -0.17 -13.05 -5.29
N ASP A 74 -1.07 -12.11 -5.56
CA ASP A 74 -0.97 -10.78 -4.99
C ASP A 74 -0.58 -10.83 -3.52
N SER A 75 -1.14 -11.79 -2.80
CA SER A 75 -0.87 -11.95 -1.38
C SER A 75 0.63 -11.84 -1.10
N ASP A 76 1.07 -10.66 -0.70
CA ASP A 76 2.47 -10.42 -0.41
C ASP A 76 2.63 -9.26 0.58
N THR A 77 3.88 -8.90 0.86
CA THR A 77 4.17 -7.81 1.78
C THR A 77 4.51 -6.53 1.03
N TYR A 78 3.62 -5.54 1.12
CA TYR A 78 3.83 -4.26 0.44
C TYR A 78 4.52 -3.27 1.37
N THR A 79 5.39 -2.43 0.80
CA THR A 79 6.11 -1.43 1.57
C THR A 79 5.90 -0.04 1.00
N CYS A 80 5.40 0.87 1.82
CA CYS A 80 5.14 2.25 1.39
C CYS A 80 6.27 3.17 1.86
N ASP A 81 7.18 3.50 0.96
CA ASP A 81 8.30 4.37 1.28
C ASP A 81 7.99 5.82 0.90
N ILE A 82 8.46 6.76 1.72
CA ILE A 82 8.23 8.17 1.46
C ILE A 82 9.54 8.93 1.35
N GLY A 83 10.64 8.24 1.65
CA GLY A 83 11.94 8.88 1.56
C GLY A 83 12.70 8.81 2.88
N GLN A 84 11.97 8.89 3.99
CA GLN A 84 12.59 8.83 5.31
C GLN A 84 12.14 7.58 6.06
N ALA A 85 10.86 7.25 5.94
CA ALA A 85 10.32 6.08 6.62
C ALA A 85 9.58 5.17 5.63
N GLN A 86 9.26 3.96 6.07
CA GLN A 86 8.56 3.00 5.23
C GLN A 86 7.70 2.06 6.06
N SER A 87 6.47 1.84 5.61
CA SER A 87 5.54 0.97 6.32
C SER A 87 5.46 -0.40 5.65
N ARG A 88 4.69 -1.31 6.25
CA ARG A 88 4.53 -2.65 5.72
C ARG A 88 3.16 -3.22 6.08
N ALA A 89 2.63 -4.06 5.20
CA ALA A 89 1.32 -4.67 5.42
C ALA A 89 1.19 -5.98 4.65
N GLN A 90 0.48 -6.94 5.23
CA GLN A 90 0.27 -8.24 4.60
C GLN A 90 -1.12 -8.34 3.99
N LEU A 91 -1.17 -8.73 2.72
CA LEU A 91 -2.45 -8.86 2.02
C LEU A 91 -2.89 -10.32 1.97
N LEU A 92 -4.18 -10.56 2.19
CA LEU A 92 -4.72 -11.91 2.16
C LEU A 92 -5.82 -12.03 1.12
N VAL A 93 -5.60 -12.90 0.13
CA VAL A 93 -6.56 -13.12 -0.94
C VAL A 93 -7.37 -14.39 -0.70
N GLN A 94 -8.57 -14.23 -0.15
CA GLN A 94 -9.43 -15.37 0.13
C GLN A 94 -9.76 -16.12 -1.14
N GLY A 95 -10.61 -15.52 -1.98
CA GLY A 95 -10.99 -16.16 -3.23
C GLY A 95 -12.49 -16.04 -3.51
N ARG A 96 -12.83 -15.24 -4.50
CA ARG A 96 -14.24 -15.03 -4.86
C ARG A 96 -15.04 -16.32 -4.68
N ARG A 97 -14.64 -17.35 -5.41
CA ARG A 97 -15.33 -18.64 -5.33
C ARG A 97 -14.35 -19.79 -5.58
N SER A 98 -14.59 -20.92 -4.93
CA SER A 98 -13.73 -22.09 -5.09
C SER A 98 -14.52 -23.27 -5.65
N GLY A 99 -13.87 -24.04 -6.51
CA GLY A 99 -14.53 -25.19 -7.11
C GLY A 99 -13.65 -26.42 -7.12
N PRO A 100 -14.26 -27.61 -7.05
CA PRO A 100 -13.54 -28.89 -7.05
C PRO A 100 -12.91 -29.19 -8.41
N SER A 101 -11.64 -29.56 -8.39
CA SER A 101 -10.92 -29.89 -9.62
C SER A 101 -10.70 -31.39 -9.75
N SER A 102 -10.43 -32.04 -8.61
CA SER A 102 -10.21 -33.48 -8.59
C SER A 102 -11.53 -34.24 -8.62
N GLY A 103 -11.71 -35.09 -9.62
CA GLY A 103 -12.93 -35.88 -9.73
C GLY A 103 -12.66 -37.36 -9.73
N GLY A 1 10.38 28.52 10.02
CA GLY A 1 9.85 28.52 8.66
C GLY A 1 9.71 27.13 8.10
N SER A 2 10.71 26.68 7.34
CA SER A 2 10.68 25.36 6.74
C SER A 2 11.88 24.52 7.21
N SER A 3 11.63 23.25 7.48
CA SER A 3 12.68 22.34 7.93
C SER A 3 13.44 22.94 9.10
N GLY A 4 12.72 23.62 9.99
CA GLY A 4 13.33 24.24 11.14
C GLY A 4 13.19 23.39 12.39
N SER A 5 11.95 23.14 12.80
CA SER A 5 11.68 22.35 14.00
C SER A 5 11.66 20.86 13.66
N SER A 6 11.03 20.52 12.53
CA SER A 6 10.93 19.13 12.10
C SER A 6 11.97 18.82 11.02
N GLY A 7 12.64 17.68 11.16
CA GLY A 7 13.65 17.29 10.19
C GLY A 7 13.25 16.05 9.40
N ALA A 8 13.34 14.89 10.06
CA ALA A 8 12.98 13.64 9.41
C ALA A 8 11.47 13.42 9.42
N ASN A 9 11.02 12.45 8.63
CA ASN A 9 9.60 12.15 8.53
C ASN A 9 9.28 10.80 9.18
N CYS A 10 8.02 10.60 9.53
CA CYS A 10 7.59 9.35 10.16
C CYS A 10 6.15 9.01 9.77
N PHE A 11 5.69 7.85 10.22
CA PHE A 11 4.33 7.41 9.91
C PHE A 11 3.47 7.39 11.18
N THR A 12 2.47 8.28 11.22
CA THR A 12 1.58 8.36 12.37
C THR A 12 0.58 7.21 12.38
N GLU A 13 0.23 6.73 11.19
CA GLU A 13 -0.72 5.64 11.06
C GLU A 13 -0.19 4.56 10.13
N GLU A 14 0.37 3.50 10.71
CA GLU A 14 0.93 2.40 9.93
C GLU A 14 -0.18 1.65 9.19
N LEU A 15 0.19 1.01 8.08
CA LEU A 15 -0.77 0.26 7.28
C LEU A 15 -1.51 -0.76 8.14
N THR A 16 -2.52 -1.41 7.55
CA THR A 16 -3.29 -2.41 8.26
C THR A 16 -3.61 -3.61 7.37
N ASN A 17 -3.26 -4.80 7.83
CA ASN A 17 -3.50 -6.01 7.06
C ASN A 17 -4.86 -5.96 6.38
N LEU A 18 -4.87 -6.23 5.08
CA LEU A 18 -6.11 -6.21 4.30
C LEU A 18 -6.47 -7.62 3.84
N GLN A 19 -7.77 -7.94 3.85
CA GLN A 19 -8.24 -9.25 3.42
C GLN A 19 -9.45 -9.11 2.50
N VAL A 20 -9.27 -9.50 1.24
CA VAL A 20 -10.35 -9.43 0.26
C VAL A 20 -10.20 -10.52 -0.80
N GLU A 21 -11.31 -11.15 -1.15
CA GLU A 21 -11.32 -12.22 -2.14
C GLU A 21 -10.64 -11.75 -3.44
N GLU A 22 -10.12 -12.71 -4.20
CA GLU A 22 -9.46 -12.40 -5.46
C GLU A 22 -10.39 -11.63 -6.40
N LYS A 23 -9.81 -10.95 -7.37
CA LYS A 23 -10.59 -10.19 -8.34
C LYS A 23 -11.37 -9.08 -7.65
N GLY A 24 -10.87 -8.62 -6.50
CA GLY A 24 -11.52 -7.57 -5.76
C GLY A 24 -10.80 -6.24 -5.86
N THR A 25 -10.52 -5.64 -4.71
CA THR A 25 -9.82 -4.35 -4.67
C THR A 25 -9.21 -4.10 -3.30
N ALA A 26 -7.90 -3.88 -3.28
CA ALA A 26 -7.19 -3.62 -2.02
C ALA A 26 -6.42 -2.31 -2.09
N VAL A 27 -6.76 -1.38 -1.20
CA VAL A 27 -6.09 -0.08 -1.16
C VAL A 27 -5.38 0.12 0.17
N PHE A 28 -4.06 -0.08 0.15
CA PHE A 28 -3.25 0.08 1.35
C PHE A 28 -3.27 1.53 1.84
N THR A 29 -4.11 1.80 2.83
CA THR A 29 -4.24 3.14 3.38
C THR A 29 -3.22 3.37 4.49
N CYS A 30 -2.57 4.53 4.46
CA CYS A 30 -1.56 4.88 5.46
C CYS A 30 -1.56 6.38 5.73
N LYS A 31 -0.64 6.82 6.57
CA LYS A 31 -0.53 8.23 6.92
C LYS A 31 0.92 8.60 7.25
N THR A 32 1.20 9.90 7.34
CA THR A 32 2.53 10.38 7.65
C THR A 32 2.47 11.69 8.43
N GLU A 33 3.44 11.87 9.33
CA GLU A 33 3.49 13.09 10.15
C GLU A 33 3.69 14.32 9.27
N HIS A 34 4.39 14.14 8.16
CA HIS A 34 4.64 15.24 7.24
C HIS A 34 4.21 14.87 5.82
N PRO A 35 3.79 15.88 5.04
CA PRO A 35 3.35 15.69 3.66
C PRO A 35 4.50 15.33 2.73
N ALA A 36 4.75 14.04 2.58
CA ALA A 36 5.82 13.56 1.71
C ALA A 36 5.66 14.10 0.30
N ALA A 37 6.80 14.38 -0.35
CA ALA A 37 6.79 14.92 -1.71
C ALA A 37 6.74 13.78 -2.73
N THR A 38 7.25 12.62 -2.35
CA THR A 38 7.27 11.47 -3.24
C THR A 38 7.05 10.18 -2.46
N VAL A 39 6.37 9.22 -3.09
CA VAL A 39 6.10 7.93 -2.47
C VAL A 39 6.47 6.78 -3.39
N THR A 40 7.28 5.86 -2.88
CA THR A 40 7.70 4.70 -3.67
C THR A 40 7.22 3.40 -3.04
N TRP A 41 6.11 2.87 -3.55
CA TRP A 41 5.55 1.63 -3.04
C TRP A 41 6.34 0.42 -3.54
N ARG A 42 6.47 -0.58 -2.68
CA ARG A 42 7.21 -1.79 -3.04
C ARG A 42 6.38 -3.03 -2.74
N LYS A 43 6.54 -4.06 -3.57
CA LYS A 43 5.80 -5.31 -3.40
C LYS A 43 6.68 -6.50 -3.75
N GLY A 44 6.88 -7.38 -2.78
CA GLY A 44 7.70 -8.57 -3.00
C GLY A 44 9.07 -8.23 -3.56
N LEU A 45 9.76 -7.29 -2.89
CA LEU A 45 11.09 -6.88 -3.33
C LEU A 45 11.05 -6.33 -4.75
N LEU A 46 9.91 -5.75 -5.13
CA LEU A 46 9.76 -5.18 -6.46
C LEU A 46 9.22 -3.76 -6.39
N GLU A 47 9.81 -2.86 -7.17
CA GLU A 47 9.38 -1.47 -7.20
C GLU A 47 8.12 -1.29 -8.02
N LEU A 48 7.12 -0.64 -7.44
CA LEU A 48 5.86 -0.41 -8.12
C LEU A 48 5.86 0.94 -8.85
N ARG A 49 4.77 1.22 -9.56
CA ARG A 49 4.65 2.47 -10.29
C ARG A 49 3.19 2.83 -10.53
N ALA A 50 2.90 4.13 -10.57
CA ALA A 50 1.53 4.59 -10.79
C ALA A 50 0.99 4.10 -12.12
N SER A 51 0.15 3.08 -12.08
CA SER A 51 -0.43 2.52 -13.30
C SER A 51 -1.86 2.05 -13.04
N GLY A 52 -2.52 1.56 -14.10
CA GLY A 52 -3.88 1.09 -13.97
C GLY A 52 -4.07 0.17 -12.79
N LYS A 53 -3.04 -0.60 -12.47
CA LYS A 53 -3.09 -1.53 -11.35
C LYS A 53 -2.82 -0.82 -10.04
N HIS A 54 -1.58 -0.33 -9.87
CA HIS A 54 -1.19 0.38 -8.66
C HIS A 54 -1.26 1.89 -8.87
N GLN A 55 -2.35 2.50 -8.38
CA GLN A 55 -2.53 3.94 -8.52
C GLN A 55 -2.54 4.62 -7.16
N PRO A 56 -1.35 5.01 -6.68
CA PRO A 56 -1.20 5.67 -5.38
C PRO A 56 -1.79 7.09 -5.38
N SER A 57 -1.76 7.74 -4.22
CA SER A 57 -2.29 9.09 -4.09
C SER A 57 -1.86 9.71 -2.77
N GLN A 58 -2.20 10.98 -2.58
CA GLN A 58 -1.85 11.70 -1.35
C GLN A 58 -2.91 12.74 -1.01
N GLU A 59 -3.31 12.76 0.25
CA GLU A 59 -4.33 13.71 0.71
C GLU A 59 -4.21 13.95 2.21
N GLY A 60 -4.16 15.22 2.60
CA GLY A 60 -4.05 15.55 4.02
C GLY A 60 -3.18 14.57 4.78
N LEU A 61 -1.89 14.54 4.45
CA LEU A 61 -0.95 13.65 5.10
C LEU A 61 -1.46 12.21 5.10
N THR A 62 -2.26 11.88 4.08
CA THR A 62 -2.82 10.54 3.96
C THR A 62 -2.48 9.93 2.60
N LEU A 63 -1.76 8.81 2.62
CA LEU A 63 -1.37 8.14 1.40
C LEU A 63 -2.08 6.78 1.28
N ARG A 64 -2.41 6.40 0.06
CA ARG A 64 -3.09 5.14 -0.20
C ARG A 64 -2.74 4.60 -1.58
N LEU A 65 -2.63 3.28 -1.69
CA LEU A 65 -2.31 2.63 -2.97
C LEU A 65 -3.40 1.64 -3.36
N THR A 66 -4.25 2.06 -4.29
CA THR A 66 -5.34 1.22 -4.76
C THR A 66 -4.83 0.13 -5.70
N ILE A 67 -5.20 -1.12 -5.43
CA ILE A 67 -4.78 -2.24 -6.25
C ILE A 67 -5.97 -3.07 -6.70
N SER A 68 -6.43 -2.81 -7.92
CA SER A 68 -7.57 -3.53 -8.48
C SER A 68 -7.11 -4.79 -9.22
N ALA A 69 -8.06 -5.64 -9.57
CA ALA A 69 -7.75 -6.88 -10.29
C ALA A 69 -6.82 -7.76 -9.48
N LEU A 70 -7.14 -7.93 -8.21
CA LEU A 70 -6.33 -8.76 -7.32
C LEU A 70 -6.31 -10.21 -7.78
N GLU A 71 -5.56 -11.06 -7.08
CA GLU A 71 -5.47 -12.47 -7.42
C GLU A 71 -4.79 -13.25 -6.31
N LYS A 72 -4.60 -14.55 -6.54
CA LYS A 72 -3.96 -15.41 -5.55
C LYS A 72 -2.45 -15.37 -5.70
N ALA A 73 -1.95 -14.32 -6.34
CA ALA A 73 -0.51 -14.14 -6.53
C ALA A 73 -0.03 -12.83 -5.95
N ASP A 74 -0.96 -11.90 -5.72
CA ASP A 74 -0.63 -10.60 -5.16
C ASP A 74 -0.29 -10.71 -3.68
N SER A 75 -0.83 -11.75 -3.04
CA SER A 75 -0.59 -11.97 -1.61
C SER A 75 0.90 -11.92 -1.30
N ASP A 76 1.34 -10.79 -0.75
CA ASP A 76 2.74 -10.62 -0.39
C ASP A 76 2.91 -9.47 0.60
N THR A 77 4.16 -9.17 0.95
CA THR A 77 4.47 -8.10 1.89
C THR A 77 4.71 -6.79 1.16
N TYR A 78 3.84 -5.82 1.38
CA TYR A 78 3.96 -4.52 0.75
C TYR A 78 4.76 -3.55 1.63
N THR A 79 5.43 -2.60 0.99
CA THR A 79 6.23 -1.61 1.71
C THR A 79 6.10 -0.23 1.07
N CYS A 80 5.48 0.69 1.81
CA CYS A 80 5.30 2.05 1.31
C CYS A 80 6.39 2.97 1.83
N ASP A 81 7.26 3.41 0.93
CA ASP A 81 8.36 4.30 1.30
C ASP A 81 8.07 5.74 0.88
N ILE A 82 8.55 6.69 1.66
CA ILE A 82 8.34 8.10 1.36
C ILE A 82 9.67 8.84 1.23
N GLY A 83 10.73 8.22 1.72
CA GLY A 83 12.05 8.83 1.66
C GLY A 83 12.76 8.83 3.00
N GLN A 84 11.98 8.86 4.08
CA GLN A 84 12.54 8.86 5.42
C GLN A 84 12.14 7.60 6.18
N ALA A 85 10.91 7.15 5.97
CA ALA A 85 10.40 5.96 6.64
C ALA A 85 9.64 5.07 5.65
N GLN A 86 9.37 3.84 6.07
CA GLN A 86 8.66 2.89 5.23
C GLN A 86 7.70 2.03 6.05
N SER A 87 6.50 1.82 5.54
CA SER A 87 5.49 1.02 6.23
C SER A 87 5.50 -0.42 5.74
N ARG A 88 4.67 -1.26 6.34
CA ARG A 88 4.58 -2.66 5.95
C ARG A 88 3.22 -3.25 6.34
N ALA A 89 2.63 -4.03 5.44
CA ALA A 89 1.34 -4.65 5.68
C ALA A 89 1.17 -5.91 4.84
N GLN A 90 0.63 -6.95 5.47
CA GLN A 90 0.41 -8.22 4.78
C GLN A 90 -0.98 -8.28 4.16
N LEU A 91 -1.05 -8.72 2.91
CA LEU A 91 -2.33 -8.82 2.20
C LEU A 91 -2.77 -10.27 2.10
N LEU A 92 -4.09 -10.48 2.04
CA LEU A 92 -4.65 -11.81 1.94
C LEU A 92 -5.76 -11.86 0.89
N VAL A 93 -5.47 -12.49 -0.25
CA VAL A 93 -6.44 -12.61 -1.33
C VAL A 93 -7.20 -13.93 -1.24
N GLN A 94 -8.30 -13.93 -0.50
CA GLN A 94 -9.11 -15.14 -0.34
C GLN A 94 -9.53 -15.69 -1.70
N GLY A 95 -9.94 -16.95 -1.71
CA GLY A 95 -10.38 -17.59 -2.95
C GLY A 95 -11.85 -17.39 -3.22
N ARG A 96 -12.16 -16.72 -4.32
CA ARG A 96 -13.54 -16.47 -4.69
C ARG A 96 -14.22 -17.75 -5.16
N ARG A 97 -15.39 -18.05 -4.57
CA ARG A 97 -16.14 -19.25 -4.92
C ARG A 97 -15.29 -20.50 -4.71
N SER A 98 -14.59 -20.56 -3.58
CA SER A 98 -13.74 -21.69 -3.27
C SER A 98 -14.51 -22.75 -2.47
N GLY A 99 -15.79 -22.90 -2.78
CA GLY A 99 -16.61 -23.87 -2.08
C GLY A 99 -17.14 -23.33 -0.77
N PRO A 100 -18.23 -23.94 -0.28
CA PRO A 100 -18.86 -23.53 0.99
C PRO A 100 -18.00 -23.88 2.19
N SER A 101 -16.86 -24.52 1.95
CA SER A 101 -15.95 -24.90 3.02
C SER A 101 -15.85 -23.80 4.07
N SER A 102 -15.42 -22.61 3.64
CA SER A 102 -15.26 -21.48 4.53
C SER A 102 -16.08 -20.29 4.04
N GLY A 103 -16.58 -19.50 4.98
CA GLY A 103 -17.37 -18.33 4.63
C GLY A 103 -18.53 -18.10 5.59
N GLY A 1 23.95 22.49 10.49
CA GLY A 1 23.57 23.80 10.02
C GLY A 1 22.62 24.51 10.96
N SER A 2 21.79 25.39 10.42
CA SER A 2 20.84 26.15 11.23
C SER A 2 20.04 25.22 12.13
N SER A 3 19.34 25.79 13.10
CA SER A 3 18.53 25.01 14.03
C SER A 3 17.06 25.01 13.60
N GLY A 4 16.83 24.84 12.31
CA GLY A 4 15.48 24.82 11.79
C GLY A 4 15.42 24.47 10.32
N SER A 5 14.89 23.28 10.02
CA SER A 5 14.79 22.82 8.64
C SER A 5 13.98 21.53 8.56
N SER A 6 13.39 21.28 7.39
CA SER A 6 12.59 20.08 7.18
C SER A 6 13.39 19.02 6.44
N GLY A 7 12.94 17.77 6.53
CA GLY A 7 13.61 16.68 5.85
C GLY A 7 13.14 15.32 6.32
N ALA A 8 13.52 14.95 7.54
CA ALA A 8 13.13 13.67 8.11
C ALA A 8 11.62 13.53 8.16
N ASN A 9 11.14 12.29 8.24
CA ASN A 9 9.71 12.03 8.31
C ASN A 9 9.44 10.63 8.87
N CYS A 10 8.25 10.45 9.43
CA CYS A 10 7.87 9.17 10.00
C CYS A 10 6.42 8.83 9.67
N PHE A 11 5.94 7.71 10.20
CA PHE A 11 4.57 7.27 9.95
C PHE A 11 3.74 7.31 11.24
N THR A 12 2.72 8.16 11.25
CA THR A 12 1.85 8.28 12.43
C THR A 12 0.91 7.10 12.54
N GLU A 13 0.51 6.54 11.40
CA GLU A 13 -0.38 5.40 11.38
C GLU A 13 0.10 4.35 10.38
N GLU A 14 0.65 3.26 10.90
CA GLU A 14 1.15 2.18 10.06
C GLU A 14 0.01 1.51 9.29
N LEU A 15 0.33 0.90 8.16
CA LEU A 15 -0.67 0.23 7.33
C LEU A 15 -1.36 -0.88 8.13
N THR A 16 -2.39 -1.47 7.53
CA THR A 16 -3.14 -2.55 8.17
C THR A 16 -3.39 -3.70 7.20
N ASN A 17 -3.28 -4.92 7.71
CA ASN A 17 -3.49 -6.11 6.89
C ASN A 17 -4.87 -6.08 6.23
N LEU A 18 -4.90 -6.28 4.93
CA LEU A 18 -6.15 -6.28 4.18
C LEU A 18 -6.51 -7.67 3.70
N GLN A 19 -7.78 -8.05 3.87
CA GLN A 19 -8.26 -9.37 3.46
C GLN A 19 -9.36 -9.24 2.41
N VAL A 20 -9.06 -9.68 1.19
CA VAL A 20 -10.04 -9.62 0.11
C VAL A 20 -9.74 -10.66 -0.96
N GLU A 21 -10.77 -11.35 -1.42
CA GLU A 21 -10.62 -12.37 -2.44
C GLU A 21 -9.99 -11.79 -3.70
N GLU A 22 -9.37 -12.66 -4.51
CA GLU A 22 -8.73 -12.23 -5.75
C GLU A 22 -9.72 -11.49 -6.65
N LYS A 23 -9.19 -10.73 -7.59
CA LYS A 23 -10.02 -9.97 -8.52
C LYS A 23 -10.91 -8.99 -7.76
N GLY A 24 -10.35 -8.35 -6.74
CA GLY A 24 -11.11 -7.39 -5.96
C GLY A 24 -10.48 -6.01 -5.98
N THR A 25 -10.24 -5.46 -4.80
CA THR A 25 -9.65 -4.13 -4.68
C THR A 25 -9.05 -3.91 -3.29
N ALA A 26 -7.74 -3.73 -3.24
CA ALA A 26 -7.05 -3.52 -1.97
C ALA A 26 -6.43 -2.12 -1.92
N VAL A 27 -6.98 -1.27 -1.07
CA VAL A 27 -6.48 0.09 -0.93
C VAL A 27 -5.69 0.25 0.36
N PHE A 28 -4.37 0.11 0.26
CA PHE A 28 -3.50 0.23 1.42
C PHE A 28 -3.49 1.66 1.95
N THR A 29 -4.29 1.92 2.98
CA THR A 29 -4.38 3.24 3.57
C THR A 29 -3.35 3.43 4.68
N CYS A 30 -2.64 4.55 4.64
CA CYS A 30 -1.61 4.83 5.64
C CYS A 30 -1.59 6.32 5.99
N LYS A 31 -0.70 6.71 6.89
CA LYS A 31 -0.57 8.09 7.30
C LYS A 31 0.89 8.46 7.54
N THR A 32 1.17 9.76 7.59
CA THR A 32 2.52 10.25 7.81
C THR A 32 2.51 11.57 8.55
N GLU A 33 3.55 11.80 9.36
CA GLU A 33 3.67 13.03 10.13
C GLU A 33 3.78 14.24 9.21
N HIS A 34 4.61 14.11 8.17
CA HIS A 34 4.81 15.19 7.21
C HIS A 34 4.41 14.76 5.81
N PRO A 35 3.98 15.73 4.99
CA PRO A 35 3.57 15.47 3.61
C PRO A 35 4.72 15.08 2.71
N ALA A 36 5.05 13.78 2.70
CA ALA A 36 6.14 13.28 1.87
C ALA A 36 6.14 13.93 0.49
N ALA A 37 7.29 13.90 -0.18
CA ALA A 37 7.41 14.49 -1.50
C ALA A 37 7.26 13.43 -2.59
N THR A 38 7.33 12.16 -2.18
CA THR A 38 7.21 11.05 -3.12
C THR A 38 6.97 9.74 -2.38
N VAL A 39 6.20 8.85 -3.00
CA VAL A 39 5.89 7.55 -2.41
C VAL A 39 6.15 6.42 -3.39
N THR A 40 7.01 5.48 -3.00
CA THR A 40 7.34 4.35 -3.85
C THR A 40 6.95 3.03 -3.19
N TRP A 41 5.81 2.48 -3.60
CA TRP A 41 5.33 1.23 -3.05
C TRP A 41 6.08 0.05 -3.64
N ARG A 42 6.37 -0.95 -2.80
CA ARG A 42 7.09 -2.14 -3.23
C ARG A 42 6.36 -3.41 -2.81
N LYS A 43 6.07 -4.27 -3.77
CA LYS A 43 5.37 -5.52 -3.49
C LYS A 43 6.37 -6.65 -3.25
N GLY A 44 6.48 -7.08 -1.99
CA GLY A 44 7.40 -8.15 -1.65
C GLY A 44 8.84 -7.79 -1.94
N LEU A 45 9.28 -8.08 -3.15
CA LEU A 45 10.65 -7.79 -3.56
C LEU A 45 10.67 -7.00 -4.87
N LEU A 46 9.48 -6.68 -5.38
CA LEU A 46 9.38 -5.92 -6.62
C LEU A 46 8.89 -4.49 -6.34
N GLU A 47 9.27 -3.57 -7.22
CA GLU A 47 8.88 -2.17 -7.08
C GLU A 47 7.60 -1.88 -7.86
N LEU A 48 6.73 -1.06 -7.27
CA LEU A 48 5.47 -0.71 -7.91
C LEU A 48 5.54 0.69 -8.52
N ARG A 49 4.62 0.98 -9.43
CA ARG A 49 4.58 2.28 -10.08
C ARG A 49 3.15 2.69 -10.39
N ALA A 50 2.94 3.99 -10.61
CA ALA A 50 1.62 4.51 -10.91
C ALA A 50 1.11 3.99 -12.25
N SER A 51 0.20 3.01 -12.19
CA SER A 51 -0.36 2.42 -13.39
C SER A 51 -1.76 1.87 -13.13
N GLY A 52 -2.48 1.54 -14.20
CA GLY A 52 -3.81 1.00 -14.07
C GLY A 52 -3.93 0.05 -12.89
N LYS A 53 -2.85 -0.66 -12.58
CA LYS A 53 -2.85 -1.60 -11.48
C LYS A 53 -2.65 -0.88 -10.15
N HIS A 54 -1.44 -0.35 -9.94
CA HIS A 54 -1.11 0.36 -8.72
C HIS A 54 -1.18 1.87 -8.94
N GLN A 55 -2.25 2.50 -8.46
CA GLN A 55 -2.43 3.94 -8.61
C GLN A 55 -2.46 4.63 -7.25
N PRO A 56 -1.28 5.02 -6.76
CA PRO A 56 -1.14 5.69 -5.47
C PRO A 56 -1.71 7.11 -5.49
N SER A 57 -1.68 7.76 -4.34
CA SER A 57 -2.20 9.11 -4.21
C SER A 57 -1.50 9.87 -3.09
N GLN A 58 -1.83 11.15 -2.95
CA GLN A 58 -1.24 11.98 -1.91
C GLN A 58 -2.20 13.08 -1.48
N GLU A 59 -2.79 12.93 -0.29
CA GLU A 59 -3.72 13.91 0.23
C GLU A 59 -3.25 14.45 1.57
N GLY A 60 -2.43 15.49 1.52
CA GLY A 60 -1.90 16.09 2.74
C GLY A 60 -1.03 15.14 3.53
N LEU A 61 -1.54 14.66 4.65
CA LEU A 61 -0.79 13.74 5.50
C LEU A 61 -1.38 12.33 5.43
N THR A 62 -2.13 12.06 4.36
CA THR A 62 -2.75 10.76 4.16
C THR A 62 -2.37 10.17 2.82
N LEU A 63 -1.82 8.95 2.85
CA LEU A 63 -1.41 8.27 1.63
C LEU A 63 -2.15 6.94 1.47
N ARG A 64 -2.43 6.57 0.22
CA ARG A 64 -3.13 5.32 -0.05
C ARG A 64 -2.78 4.80 -1.45
N LEU A 65 -2.85 3.48 -1.62
CA LEU A 65 -2.54 2.86 -2.91
C LEU A 65 -3.64 1.90 -3.33
N THR A 66 -4.37 2.27 -4.37
CA THR A 66 -5.46 1.43 -4.88
C THR A 66 -4.93 0.33 -5.78
N ILE A 67 -5.28 -0.91 -5.46
CA ILE A 67 -4.84 -2.06 -6.25
C ILE A 67 -6.03 -2.91 -6.68
N SER A 68 -6.46 -2.72 -7.92
CA SER A 68 -7.59 -3.47 -8.47
C SER A 68 -7.11 -4.69 -9.24
N ALA A 69 -7.99 -5.66 -9.42
CA ALA A 69 -7.66 -6.87 -10.15
C ALA A 69 -6.66 -7.72 -9.37
N LEU A 70 -6.82 -7.76 -8.06
CA LEU A 70 -5.92 -8.54 -7.20
C LEU A 70 -5.74 -9.95 -7.74
N GLU A 71 -4.90 -10.73 -7.07
CA GLU A 71 -4.65 -12.10 -7.48
C GLU A 71 -3.89 -12.87 -6.39
N LYS A 72 -4.09 -14.18 -6.36
CA LYS A 72 -3.43 -15.03 -5.37
C LYS A 72 -1.99 -14.60 -5.16
N ALA A 73 -1.29 -14.32 -6.25
CA ALA A 73 0.11 -13.90 -6.19
C ALA A 73 0.24 -12.57 -5.43
N ASP A 74 -0.74 -11.69 -5.61
CA ASP A 74 -0.73 -10.40 -4.94
C ASP A 74 -0.39 -10.55 -3.46
N SER A 75 -0.90 -11.61 -2.84
CA SER A 75 -0.65 -11.87 -1.44
C SER A 75 0.83 -11.74 -1.11
N ASP A 76 1.23 -10.58 -0.61
CA ASP A 76 2.63 -10.33 -0.26
C ASP A 76 2.74 -9.15 0.70
N THR A 77 3.97 -8.82 1.09
CA THR A 77 4.21 -7.70 2.00
C THR A 77 4.57 -6.44 1.23
N TYR A 78 3.67 -5.46 1.26
CA TYR A 78 3.89 -4.21 0.56
C TYR A 78 4.62 -3.21 1.46
N THR A 79 5.56 -2.47 0.87
CA THR A 79 6.33 -1.49 1.62
C THR A 79 6.05 -0.08 1.13
N CYS A 80 5.48 0.75 1.99
CA CYS A 80 5.15 2.13 1.64
C CYS A 80 6.30 3.07 1.98
N ASP A 81 7.26 3.18 1.06
CA ASP A 81 8.42 4.04 1.27
C ASP A 81 8.12 5.47 0.83
N ILE A 82 8.39 6.42 1.72
CA ILE A 82 8.15 7.83 1.43
C ILE A 82 9.46 8.59 1.26
N GLY A 83 10.54 7.99 1.73
CA GLY A 83 11.85 8.63 1.63
C GLY A 83 12.72 8.37 2.84
N GLN A 84 12.22 8.75 4.02
CA GLN A 84 12.96 8.56 5.26
C GLN A 84 12.53 7.28 5.96
N ALA A 85 11.23 7.02 5.96
CA ALA A 85 10.69 5.82 6.59
C ALA A 85 9.81 5.03 5.62
N GLN A 86 9.47 3.80 6.00
CA GLN A 86 8.65 2.94 5.16
C GLN A 86 7.75 2.05 6.01
N SER A 87 6.54 1.80 5.53
CA SER A 87 5.58 0.97 6.24
C SER A 87 5.55 -0.45 5.68
N ARG A 88 4.76 -1.31 6.29
CA ARG A 88 4.64 -2.69 5.85
C ARG A 88 3.27 -3.26 6.20
N ALA A 89 2.64 -3.92 5.22
CA ALA A 89 1.33 -4.51 5.43
C ALA A 89 1.19 -5.83 4.66
N GLN A 90 0.49 -6.78 5.26
CA GLN A 90 0.29 -8.09 4.65
C GLN A 90 -1.11 -8.20 4.03
N LEU A 91 -1.18 -8.78 2.84
CA LEU A 91 -2.44 -8.94 2.15
C LEU A 91 -2.84 -10.42 2.06
N LEU A 92 -4.13 -10.69 2.17
CA LEU A 92 -4.63 -12.06 2.10
C LEU A 92 -5.69 -12.20 1.00
N VAL A 93 -5.31 -12.87 -0.08
CA VAL A 93 -6.22 -13.08 -1.20
C VAL A 93 -7.04 -14.35 -1.02
N GLN A 94 -8.20 -14.21 -0.36
CA GLN A 94 -9.08 -15.35 -0.12
C GLN A 94 -9.11 -16.28 -1.33
N GLY A 95 -9.82 -15.86 -2.37
CA GLY A 95 -9.93 -16.66 -3.57
C GLY A 95 -11.37 -16.84 -4.03
N ARG A 96 -11.89 -15.85 -4.74
CA ARG A 96 -13.26 -15.90 -5.23
C ARG A 96 -13.55 -17.25 -5.89
N ARG A 97 -12.52 -17.83 -6.51
CA ARG A 97 -12.67 -19.12 -7.18
C ARG A 97 -11.54 -20.07 -6.79
N SER A 98 -11.82 -20.96 -5.84
CA SER A 98 -10.83 -21.92 -5.37
C SER A 98 -10.50 -22.93 -6.46
N GLY A 99 -11.52 -23.60 -6.96
CA GLY A 99 -11.33 -24.59 -8.01
C GLY A 99 -11.99 -25.92 -7.69
N PRO A 100 -11.23 -26.85 -7.11
CA PRO A 100 -11.74 -28.18 -6.75
C PRO A 100 -12.72 -28.12 -5.58
N SER A 101 -12.41 -27.27 -4.60
CA SER A 101 -13.27 -27.13 -3.43
C SER A 101 -14.42 -26.16 -3.71
N SER A 102 -14.98 -26.24 -4.91
CA SER A 102 -16.07 -25.36 -5.30
C SER A 102 -17.35 -26.16 -5.54
N GLY A 103 -18.46 -25.45 -5.69
CA GLY A 103 -19.74 -26.12 -5.92
C GLY A 103 -20.28 -26.78 -4.67
N GLY A 1 11.17 8.56 17.05
CA GLY A 1 12.33 9.02 16.32
C GLY A 1 13.58 9.08 17.18
N SER A 2 14.62 9.72 16.67
CA SER A 2 15.87 9.84 17.40
C SER A 2 16.10 11.29 17.85
N SER A 3 16.52 11.46 19.09
CA SER A 3 16.77 12.78 19.65
C SER A 3 18.01 13.41 19.02
N GLY A 4 18.21 14.71 19.26
CA GLY A 4 19.35 15.40 18.71
C GLY A 4 18.97 16.41 17.65
N SER A 5 17.92 17.19 17.93
CA SER A 5 17.45 18.20 16.99
C SER A 5 17.45 17.65 15.56
N SER A 6 16.98 16.42 15.40
CA SER A 6 16.94 15.79 14.09
C SER A 6 15.59 16.01 13.42
N GLY A 7 15.60 16.08 12.09
CA GLY A 7 14.37 16.29 11.35
C GLY A 7 14.12 15.21 10.32
N ALA A 8 13.23 14.28 10.64
CA ALA A 8 12.90 13.19 9.74
C ALA A 8 11.41 12.86 9.79
N ASN A 9 10.89 12.31 8.70
CA ASN A 9 9.48 11.95 8.62
C ASN A 9 9.21 10.63 9.33
N CYS A 10 7.95 10.37 9.62
CA CYS A 10 7.56 9.14 10.30
C CYS A 10 6.09 8.80 10.02
N PHE A 11 5.73 7.54 10.23
CA PHE A 11 4.37 7.08 9.99
C PHE A 11 3.56 7.10 11.28
N THR A 12 2.61 8.04 11.37
CA THR A 12 1.77 8.15 12.55
C THR A 12 0.79 6.98 12.66
N GLU A 13 0.38 6.46 11.50
CA GLU A 13 -0.55 5.34 11.46
C GLU A 13 -0.09 4.29 10.46
N GLU A 14 0.54 3.23 10.96
CA GLU A 14 1.03 2.16 10.11
C GLU A 14 -0.11 1.51 9.33
N LEU A 15 0.23 0.74 8.31
CA LEU A 15 -0.77 0.07 7.49
C LEU A 15 -1.47 -1.03 8.27
N THR A 16 -2.52 -1.59 7.68
CA THR A 16 -3.28 -2.66 8.31
C THR A 16 -3.57 -3.80 7.34
N ASN A 17 -3.22 -5.01 7.75
CA ASN A 17 -3.45 -6.19 6.91
C ASN A 17 -4.83 -6.14 6.27
N LEU A 18 -4.87 -6.26 4.94
CA LEU A 18 -6.13 -6.23 4.21
C LEU A 18 -6.49 -7.62 3.71
N GLN A 19 -7.79 -7.92 3.69
CA GLN A 19 -8.26 -9.22 3.23
C GLN A 19 -9.42 -9.06 2.25
N VAL A 20 -9.19 -9.43 0.99
CA VAL A 20 -10.22 -9.33 -0.03
C VAL A 20 -10.17 -10.52 -0.99
N GLU A 21 -11.33 -10.90 -1.51
CA GLU A 21 -11.40 -12.03 -2.43
C GLU A 21 -10.74 -11.68 -3.77
N GLU A 22 -9.92 -12.60 -4.26
CA GLU A 22 -9.23 -12.40 -5.52
C GLU A 22 -10.12 -11.68 -6.53
N LYS A 23 -9.49 -11.00 -7.49
CA LYS A 23 -10.24 -10.27 -8.52
C LYS A 23 -11.08 -9.17 -7.89
N GLY A 24 -10.62 -8.64 -6.76
CA GLY A 24 -11.35 -7.58 -6.08
C GLY A 24 -10.59 -6.27 -6.09
N THR A 25 -10.42 -5.67 -4.92
CA THR A 25 -9.72 -4.41 -4.79
C THR A 25 -9.16 -4.22 -3.39
N ALA A 26 -7.94 -3.70 -3.30
CA ALA A 26 -7.30 -3.46 -2.01
C ALA A 26 -6.51 -2.16 -2.02
N VAL A 27 -6.88 -1.24 -1.13
CA VAL A 27 -6.21 0.05 -1.04
C VAL A 27 -5.49 0.20 0.29
N PHE A 28 -4.16 0.08 0.27
CA PHE A 28 -3.35 0.21 1.47
C PHE A 28 -3.36 1.65 1.99
N THR A 29 -4.21 1.91 2.98
CA THR A 29 -4.32 3.24 3.56
C THR A 29 -3.32 3.43 4.69
N CYS A 30 -2.54 4.51 4.61
CA CYS A 30 -1.54 4.81 5.63
C CYS A 30 -1.52 6.30 5.96
N LYS A 31 -0.72 6.67 6.96
CA LYS A 31 -0.61 8.06 7.37
C LYS A 31 0.83 8.43 7.66
N THR A 32 1.12 9.73 7.68
CA THR A 32 2.47 10.21 7.95
C THR A 32 2.44 11.51 8.74
N GLU A 33 3.45 11.72 9.58
CA GLU A 33 3.54 12.92 10.40
C GLU A 33 3.67 14.16 9.52
N HIS A 34 4.42 14.04 8.44
CA HIS A 34 4.62 15.15 7.51
C HIS A 34 4.27 14.74 6.09
N PRO A 35 3.87 15.74 5.28
CA PRO A 35 3.49 15.52 3.88
C PRO A 35 4.69 15.15 3.01
N ALA A 36 4.77 13.88 2.61
CA ALA A 36 5.86 13.41 1.77
C ALA A 36 5.72 13.92 0.35
N ALA A 37 6.82 14.43 -0.20
CA ALA A 37 6.82 14.95 -1.56
C ALA A 37 6.86 13.82 -2.58
N THR A 38 7.59 12.76 -2.26
CA THR A 38 7.71 11.61 -3.14
C THR A 38 7.37 10.31 -2.42
N VAL A 39 6.74 9.38 -3.14
CA VAL A 39 6.37 8.10 -2.56
C VAL A 39 6.65 6.96 -3.53
N THR A 40 7.42 5.97 -3.07
CA THR A 40 7.76 4.82 -3.90
C THR A 40 7.35 3.52 -3.23
N TRP A 41 6.19 3.00 -3.63
CA TRP A 41 5.68 1.75 -3.07
C TRP A 41 6.53 0.57 -3.51
N ARG A 42 6.39 -0.55 -2.81
CA ARG A 42 7.15 -1.76 -3.14
C ARG A 42 6.34 -3.01 -2.81
N LYS A 43 6.50 -4.04 -3.63
CA LYS A 43 5.78 -5.29 -3.43
C LYS A 43 6.66 -6.49 -3.82
N GLY A 44 6.98 -7.32 -2.83
CA GLY A 44 7.81 -8.48 -3.09
C GLY A 44 9.19 -8.12 -3.61
N LEU A 45 9.86 -7.22 -2.90
CA LEU A 45 11.20 -6.78 -3.29
C LEU A 45 11.19 -6.19 -4.70
N LEU A 46 10.04 -5.64 -5.09
CA LEU A 46 9.90 -5.04 -6.41
C LEU A 46 9.31 -3.64 -6.31
N GLU A 47 9.83 -2.71 -7.10
CA GLU A 47 9.35 -1.34 -7.11
C GLU A 47 8.07 -1.21 -7.92
N LEU A 48 7.07 -0.55 -7.34
CA LEU A 48 5.78 -0.36 -8.00
C LEU A 48 5.72 1.01 -8.68
N ARG A 49 5.01 1.08 -9.79
CA ARG A 49 4.85 2.34 -10.52
C ARG A 49 3.39 2.61 -10.84
N ALA A 50 2.98 3.87 -10.67
CA ALA A 50 1.60 4.27 -10.93
C ALA A 50 1.09 3.64 -12.22
N SER A 51 0.26 2.61 -12.08
CA SER A 51 -0.30 1.92 -13.24
C SER A 51 -1.70 1.38 -12.93
N GLY A 52 -2.47 1.10 -13.97
CA GLY A 52 -3.81 0.58 -13.79
C GLY A 52 -3.91 -0.35 -12.59
N LYS A 53 -2.83 -1.06 -12.30
CA LYS A 53 -2.80 -1.98 -11.18
C LYS A 53 -2.55 -1.24 -9.87
N HIS A 54 -1.38 -0.62 -9.75
CA HIS A 54 -1.02 0.12 -8.56
C HIS A 54 -1.16 1.63 -8.79
N GLN A 55 -2.25 2.20 -8.30
CA GLN A 55 -2.49 3.63 -8.45
C GLN A 55 -2.48 4.34 -7.11
N PRO A 56 -1.31 4.86 -6.72
CA PRO A 56 -1.13 5.57 -5.45
C PRO A 56 -1.84 6.92 -5.44
N SER A 57 -1.78 7.60 -4.30
CA SER A 57 -2.43 8.90 -4.16
C SER A 57 -1.80 9.68 -3.00
N GLN A 58 -2.07 10.99 -2.98
CA GLN A 58 -1.54 11.85 -1.94
C GLN A 58 -2.58 12.87 -1.47
N GLU A 59 -2.95 12.79 -0.19
CA GLU A 59 -3.94 13.70 0.37
C GLU A 59 -3.43 14.33 1.66
N GLY A 60 -2.56 15.33 1.52
CA GLY A 60 -2.02 16.00 2.69
C GLY A 60 -1.14 15.08 3.53
N LEU A 61 -1.72 14.51 4.57
CA LEU A 61 -0.98 13.61 5.46
C LEU A 61 -1.56 12.20 5.41
N THR A 62 -2.30 11.91 4.34
CA THR A 62 -2.91 10.59 4.16
C THR A 62 -2.60 10.02 2.79
N LEU A 63 -1.89 8.89 2.78
CA LEU A 63 -1.52 8.24 1.52
C LEU A 63 -2.23 6.90 1.39
N ARG A 64 -2.52 6.51 0.14
CA ARG A 64 -3.19 5.24 -0.13
C ARG A 64 -2.77 4.68 -1.48
N LEU A 65 -2.81 3.36 -1.60
CA LEU A 65 -2.42 2.70 -2.85
C LEU A 65 -3.48 1.67 -3.25
N THR A 66 -4.33 2.03 -4.20
CA THR A 66 -5.38 1.15 -4.68
C THR A 66 -4.80 0.05 -5.57
N ILE A 67 -5.21 -1.19 -5.31
CA ILE A 67 -4.73 -2.33 -6.09
C ILE A 67 -5.90 -3.19 -6.57
N SER A 68 -6.31 -2.96 -7.81
CA SER A 68 -7.42 -3.71 -8.39
C SER A 68 -6.91 -4.95 -9.12
N ALA A 69 -7.83 -5.83 -9.49
CA ALA A 69 -7.48 -7.06 -10.20
C ALA A 69 -6.61 -7.96 -9.33
N LEU A 70 -6.89 -7.96 -8.03
CA LEU A 70 -6.13 -8.78 -7.09
C LEU A 70 -6.01 -10.22 -7.59
N GLU A 71 -5.26 -11.03 -6.85
CA GLU A 71 -5.06 -12.43 -7.22
C GLU A 71 -4.28 -13.17 -6.14
N LYS A 72 -4.57 -14.46 -6.01
CA LYS A 72 -3.90 -15.29 -5.01
C LYS A 72 -2.38 -15.05 -5.03
N ALA A 73 -1.89 -14.62 -6.17
CA ALA A 73 -0.46 -14.35 -6.34
C ALA A 73 -0.08 -13.01 -5.72
N ASP A 74 -0.98 -12.03 -5.83
CA ASP A 74 -0.74 -10.70 -5.28
C ASP A 74 -0.38 -10.78 -3.80
N SER A 75 -0.98 -11.74 -3.10
CA SER A 75 -0.73 -11.92 -1.67
C SER A 75 0.77 -11.85 -1.37
N ASP A 76 1.22 -10.69 -0.90
CA ASP A 76 2.63 -10.50 -0.57
C ASP A 76 2.81 -9.32 0.38
N THR A 77 4.04 -9.10 0.82
CA THR A 77 4.36 -8.01 1.73
C THR A 77 4.68 -6.74 0.97
N TYR A 78 3.89 -5.70 1.18
CA TYR A 78 4.10 -4.42 0.52
C TYR A 78 4.79 -3.43 1.45
N THR A 79 5.54 -2.50 0.87
CA THR A 79 6.26 -1.49 1.64
C THR A 79 6.08 -0.10 1.04
N CYS A 80 5.52 0.81 1.82
CA CYS A 80 5.29 2.18 1.36
C CYS A 80 6.41 3.11 1.84
N ASP A 81 7.28 3.49 0.92
CA ASP A 81 8.39 4.38 1.25
C ASP A 81 8.06 5.82 0.88
N ILE A 82 8.51 6.76 1.72
CA ILE A 82 8.26 8.17 1.48
C ILE A 82 9.57 8.93 1.29
N GLY A 83 10.65 8.39 1.83
CA GLY A 83 11.95 9.03 1.69
C GLY A 83 12.76 8.94 2.97
N GLN A 84 12.08 8.89 4.11
CA GLN A 84 12.76 8.81 5.40
C GLN A 84 12.33 7.56 6.16
N ALA A 85 11.08 7.16 5.98
CA ALA A 85 10.55 5.97 6.65
C ALA A 85 9.77 5.10 5.68
N GLN A 86 9.43 3.90 6.11
CA GLN A 86 8.69 2.96 5.28
C GLN A 86 7.80 2.05 6.13
N SER A 87 6.61 1.76 5.62
CA SER A 87 5.66 0.91 6.33
C SER A 87 5.60 -0.49 5.71
N ARG A 88 4.82 -1.36 6.32
CA ARG A 88 4.67 -2.73 5.82
C ARG A 88 3.31 -3.31 6.22
N ALA A 89 2.69 -4.03 5.30
CA ALA A 89 1.39 -4.65 5.55
C ALA A 89 1.22 -5.92 4.74
N GLN A 90 0.59 -6.92 5.36
CA GLN A 90 0.36 -8.20 4.70
C GLN A 90 -1.03 -8.25 4.07
N LEU A 91 -1.10 -8.74 2.83
CA LEU A 91 -2.38 -8.84 2.12
C LEU A 91 -2.84 -10.29 2.06
N LEU A 92 -4.15 -10.49 2.22
CA LEU A 92 -4.73 -11.83 2.17
C LEU A 92 -5.76 -11.93 1.05
N VAL A 93 -5.46 -12.77 0.06
CA VAL A 93 -6.37 -12.97 -1.06
C VAL A 93 -7.22 -14.23 -0.87
N GLN A 94 -8.46 -14.03 -0.41
CA GLN A 94 -9.37 -15.14 -0.18
C GLN A 94 -9.87 -15.71 -1.50
N GLY A 95 -9.55 -16.98 -1.75
CA GLY A 95 -9.97 -17.63 -2.98
C GLY A 95 -11.46 -17.51 -3.21
N ARG A 96 -11.87 -16.42 -3.86
CA ARG A 96 -13.28 -16.20 -4.14
C ARG A 96 -14.01 -17.51 -4.44
N ARG A 97 -13.61 -18.15 -5.53
CA ARG A 97 -14.22 -19.42 -5.91
C ARG A 97 -13.15 -20.49 -6.13
N SER A 98 -13.04 -21.41 -5.19
CA SER A 98 -12.06 -22.49 -5.28
C SER A 98 -12.73 -23.85 -5.17
N GLY A 99 -13.67 -23.96 -4.24
CA GLY A 99 -14.38 -25.22 -4.05
C GLY A 99 -14.93 -25.78 -5.34
N PRO A 100 -16.01 -25.15 -5.84
CA PRO A 100 -16.66 -25.57 -7.09
C PRO A 100 -15.81 -25.29 -8.31
N SER A 101 -15.64 -26.30 -9.16
CA SER A 101 -14.84 -26.17 -10.37
C SER A 101 -15.72 -26.30 -11.61
N SER A 102 -16.39 -27.44 -11.75
CA SER A 102 -17.26 -27.69 -12.89
C SER A 102 -18.72 -27.45 -12.53
N GLY A 103 -19.22 -28.21 -11.56
CA GLY A 103 -20.61 -28.06 -11.14
C GLY A 103 -20.76 -28.13 -9.64
N GLY A 1 7.06 22.46 22.83
CA GLY A 1 6.32 22.18 21.62
C GLY A 1 7.22 21.92 20.44
N SER A 2 6.67 22.04 19.24
CA SER A 2 7.44 21.81 18.01
C SER A 2 7.15 22.89 16.98
N SER A 3 8.16 23.71 16.70
CA SER A 3 8.02 24.79 15.72
C SER A 3 9.28 24.91 14.86
N GLY A 4 9.21 25.77 13.85
CA GLY A 4 10.34 25.97 12.97
C GLY A 4 10.20 25.20 11.67
N SER A 5 11.33 24.70 11.15
CA SER A 5 11.32 23.95 9.89
C SER A 5 11.27 22.44 10.17
N SER A 6 10.94 21.68 9.13
CA SER A 6 10.85 20.23 9.26
C SER A 6 12.21 19.58 9.02
N GLY A 7 12.38 18.36 9.54
CA GLY A 7 13.63 17.65 9.38
C GLY A 7 13.43 16.23 8.87
N ALA A 8 12.92 15.37 9.73
CA ALA A 8 12.68 13.98 9.37
C ALA A 8 11.18 13.66 9.37
N ASN A 9 10.79 12.68 8.55
CA ASN A 9 9.40 12.28 8.45
C ASN A 9 9.18 10.92 9.12
N CYS A 10 7.92 10.65 9.48
CA CYS A 10 7.57 9.39 10.13
C CYS A 10 6.15 8.99 9.79
N PHE A 11 5.71 7.85 10.34
CA PHE A 11 4.36 7.35 10.09
C PHE A 11 3.54 7.37 11.37
N THR A 12 2.55 8.26 11.43
CA THR A 12 1.69 8.37 12.60
C THR A 12 0.74 7.19 12.70
N GLU A 13 0.34 6.66 11.55
CA GLU A 13 -0.58 5.53 11.52
C GLU A 13 -0.09 4.47 10.52
N GLU A 14 0.56 3.44 11.05
CA GLU A 14 1.08 2.36 10.21
C GLU A 14 -0.04 1.70 9.41
N LEU A 15 0.32 1.05 8.31
CA LEU A 15 -0.65 0.38 7.46
C LEU A 15 -1.41 -0.70 8.24
N THR A 16 -2.41 -1.30 7.59
CA THR A 16 -3.20 -2.34 8.22
C THR A 16 -3.42 -3.51 7.27
N ASN A 17 -3.37 -4.73 7.80
CA ASN A 17 -3.57 -5.92 7.00
C ASN A 17 -4.94 -5.91 6.33
N LEU A 18 -4.96 -6.17 5.02
CA LEU A 18 -6.21 -6.18 4.27
C LEU A 18 -6.54 -7.60 3.80
N GLN A 19 -7.82 -7.94 3.85
CA GLN A 19 -8.27 -9.26 3.42
C GLN A 19 -9.44 -9.15 2.44
N VAL A 20 -9.20 -9.54 1.20
CA VAL A 20 -10.22 -9.49 0.17
C VAL A 20 -10.06 -10.63 -0.83
N GLU A 21 -11.18 -11.07 -1.41
CA GLU A 21 -11.15 -12.16 -2.38
C GLU A 21 -10.48 -11.72 -3.68
N GLU A 22 -9.71 -12.61 -4.28
CA GLU A 22 -9.01 -12.31 -5.52
C GLU A 22 -9.93 -11.56 -6.49
N LYS A 23 -9.33 -10.99 -7.53
CA LYS A 23 -10.08 -10.24 -8.53
C LYS A 23 -10.93 -9.15 -7.86
N GLY A 24 -10.49 -8.70 -6.69
CA GLY A 24 -11.22 -7.66 -5.98
C GLY A 24 -10.49 -6.34 -6.00
N THR A 25 -10.27 -5.77 -4.81
CA THR A 25 -9.58 -4.49 -4.70
C THR A 25 -9.02 -4.31 -3.29
N ALA A 26 -7.74 -3.92 -3.21
CA ALA A 26 -7.09 -3.69 -1.93
C ALA A 26 -6.31 -2.39 -1.93
N VAL A 27 -6.79 -1.40 -1.17
CA VAL A 27 -6.14 -0.11 -1.09
C VAL A 27 -5.42 0.06 0.25
N PHE A 28 -4.10 0.04 0.23
CA PHE A 28 -3.30 0.18 1.44
C PHE A 28 -3.35 1.62 1.94
N THR A 29 -4.17 1.86 2.96
CA THR A 29 -4.31 3.20 3.53
C THR A 29 -3.33 3.41 4.69
N CYS A 30 -2.61 4.53 4.65
CA CYS A 30 -1.64 4.85 5.69
C CYS A 30 -1.64 6.34 5.99
N LYS A 31 -0.82 6.74 6.96
CA LYS A 31 -0.73 8.14 7.35
C LYS A 31 0.72 8.54 7.60
N THR A 32 0.98 9.84 7.66
CA THR A 32 2.32 10.35 7.90
C THR A 32 2.28 11.66 8.68
N GLU A 33 3.27 11.85 9.55
CA GLU A 33 3.36 13.05 10.37
C GLU A 33 3.51 14.30 9.49
N HIS A 34 4.19 14.13 8.36
CA HIS A 34 4.40 15.23 7.43
C HIS A 34 4.02 14.84 6.01
N PRO A 35 3.63 15.84 5.20
CA PRO A 35 3.23 15.60 3.81
C PRO A 35 4.40 15.21 2.92
N ALA A 36 4.67 13.91 2.85
CA ALA A 36 5.77 13.40 2.03
C ALA A 36 5.77 14.05 0.65
N ALA A 37 6.92 14.02 -0.01
CA ALA A 37 7.06 14.61 -1.33
C ALA A 37 7.04 13.54 -2.42
N THR A 38 7.21 12.28 -2.00
CA THR A 38 7.21 11.16 -2.93
C THR A 38 7.00 9.83 -2.20
N VAL A 39 6.34 8.90 -2.87
CA VAL A 39 6.07 7.59 -2.29
C VAL A 39 6.35 6.48 -3.29
N THR A 40 7.27 5.58 -2.92
CA THR A 40 7.63 4.46 -3.79
C THR A 40 7.24 3.13 -3.17
N TRP A 41 6.12 2.58 -3.62
CA TRP A 41 5.63 1.31 -3.10
C TRP A 41 6.46 0.16 -3.63
N ARG A 42 6.54 -0.93 -2.85
CA ARG A 42 7.30 -2.10 -3.24
C ARG A 42 6.54 -3.38 -2.92
N LYS A 43 6.31 -4.20 -3.94
CA LYS A 43 5.60 -5.46 -3.76
C LYS A 43 6.57 -6.60 -3.48
N GLY A 44 6.79 -6.89 -2.20
CA GLY A 44 7.69 -7.96 -1.82
C GLY A 44 9.13 -7.64 -2.14
N LEU A 45 9.54 -7.88 -3.39
CA LEU A 45 10.91 -7.61 -3.81
C LEU A 45 10.93 -6.81 -5.10
N LEU A 46 9.74 -6.49 -5.62
CA LEU A 46 9.62 -5.72 -6.85
C LEU A 46 9.19 -4.29 -6.56
N GLU A 47 9.55 -3.38 -7.44
CA GLU A 47 9.19 -1.97 -7.27
C GLU A 47 7.92 -1.64 -8.04
N LEU A 48 6.96 -1.04 -7.35
CA LEU A 48 5.69 -0.66 -7.97
C LEU A 48 5.74 0.76 -8.51
N ARG A 49 4.86 1.06 -9.47
CA ARG A 49 4.81 2.38 -10.07
C ARG A 49 3.40 2.69 -10.57
N ALA A 50 3.02 3.96 -10.47
CA ALA A 50 1.70 4.40 -10.92
C ALA A 50 1.32 3.74 -12.24
N SER A 51 0.43 2.74 -12.17
CA SER A 51 0.00 2.03 -13.36
C SER A 51 -1.42 1.50 -13.17
N GLY A 52 -2.01 0.99 -14.26
CA GLY A 52 -3.35 0.46 -14.20
C GLY A 52 -3.57 -0.47 -13.01
N LYS A 53 -2.47 -1.01 -12.49
CA LYS A 53 -2.53 -1.92 -11.36
C LYS A 53 -2.44 -1.15 -10.04
N HIS A 54 -1.31 -0.48 -9.82
CA HIS A 54 -1.10 0.29 -8.60
C HIS A 54 -1.24 1.77 -8.88
N GLN A 55 -2.31 2.37 -8.34
CA GLN A 55 -2.55 3.79 -8.53
C GLN A 55 -2.56 4.53 -7.19
N PRO A 56 -1.37 4.99 -6.76
CA PRO A 56 -1.22 5.72 -5.50
C PRO A 56 -1.85 7.10 -5.55
N SER A 57 -1.84 7.79 -4.41
CA SER A 57 -2.42 9.12 -4.31
C SER A 57 -1.95 9.83 -3.04
N GLN A 58 -2.16 11.14 -3.00
CA GLN A 58 -1.75 11.94 -1.84
C GLN A 58 -2.82 12.98 -1.49
N GLU A 59 -3.27 12.95 -0.25
CA GLU A 59 -4.29 13.89 0.21
C GLU A 59 -3.88 14.53 1.53
N GLY A 60 -2.85 15.38 1.48
CA GLY A 60 -2.37 16.05 2.67
C GLY A 60 -1.43 15.18 3.50
N LEU A 61 -1.94 14.65 4.60
CA LEU A 61 -1.13 13.79 5.46
C LEU A 61 -1.62 12.35 5.42
N THR A 62 -2.32 11.99 4.34
CA THR A 62 -2.84 10.65 4.17
C THR A 62 -2.51 10.10 2.79
N LEU A 63 -1.91 8.92 2.75
CA LEU A 63 -1.55 8.28 1.49
C LEU A 63 -2.21 6.91 1.36
N ARG A 64 -2.57 6.55 0.14
CA ARG A 64 -3.21 5.26 -0.13
C ARG A 64 -2.89 4.78 -1.53
N LEU A 65 -2.83 3.45 -1.70
CA LEU A 65 -2.53 2.85 -2.99
C LEU A 65 -3.59 1.83 -3.38
N THR A 66 -4.50 2.24 -4.26
CA THR A 66 -5.56 1.36 -4.72
C THR A 66 -5.03 0.30 -5.68
N ILE A 67 -5.35 -0.96 -5.40
CA ILE A 67 -4.91 -2.07 -6.24
C ILE A 67 -6.09 -2.88 -6.74
N SER A 68 -6.38 -2.76 -8.04
CA SER A 68 -7.49 -3.49 -8.65
C SER A 68 -6.99 -4.72 -9.39
N ALA A 69 -7.88 -5.69 -9.59
CA ALA A 69 -7.53 -6.92 -10.29
C ALA A 69 -6.61 -7.79 -9.43
N LEU A 70 -6.95 -7.93 -8.15
CA LEU A 70 -6.16 -8.73 -7.23
C LEU A 70 -6.01 -10.15 -7.75
N GLU A 71 -5.14 -10.93 -7.09
CA GLU A 71 -4.90 -12.32 -7.48
C GLU A 71 -4.24 -13.09 -6.35
N LYS A 72 -4.46 -14.40 -6.33
CA LYS A 72 -3.88 -15.26 -5.31
C LYS A 72 -2.41 -14.94 -5.09
N ALA A 73 -1.71 -14.63 -6.19
CA ALA A 73 -0.30 -14.29 -6.12
C ALA A 73 -0.08 -12.97 -5.40
N ASP A 74 -0.96 -12.00 -5.66
CA ASP A 74 -0.86 -10.69 -5.04
C ASP A 74 -0.45 -10.82 -3.57
N SER A 75 -1.02 -11.79 -2.89
CA SER A 75 -0.71 -12.01 -1.48
C SER A 75 0.78 -11.86 -1.21
N ASP A 76 1.17 -10.72 -0.64
CA ASP A 76 2.57 -10.46 -0.34
C ASP A 76 2.71 -9.27 0.61
N THR A 77 3.94 -8.91 0.92
CA THR A 77 4.21 -7.79 1.82
C THR A 77 4.59 -6.54 1.04
N TYR A 78 3.76 -5.51 1.13
CA TYR A 78 4.01 -4.26 0.42
C TYR A 78 4.66 -3.23 1.35
N THR A 79 5.68 -2.55 0.83
CA THR A 79 6.40 -1.55 1.61
C THR A 79 6.13 -0.14 1.07
N CYS A 80 5.59 0.72 1.92
CA CYS A 80 5.29 2.09 1.53
C CYS A 80 6.42 3.03 1.93
N ASP A 81 7.40 3.16 1.05
CA ASP A 81 8.55 4.03 1.31
C ASP A 81 8.27 5.45 0.86
N ILE A 82 8.54 6.41 1.73
CA ILE A 82 8.31 7.82 1.42
C ILE A 82 9.63 8.57 1.28
N GLY A 83 10.71 7.98 1.79
CA GLY A 83 12.01 8.61 1.71
C GLY A 83 12.78 8.51 3.01
N GLN A 84 12.10 8.78 4.12
CA GLN A 84 12.74 8.72 5.43
C GLN A 84 12.30 7.47 6.19
N ALA A 85 11.02 7.12 6.07
CA ALA A 85 10.48 5.94 6.74
C ALA A 85 9.74 5.04 5.75
N GLN A 86 9.41 3.83 6.20
CA GLN A 86 8.70 2.88 5.37
C GLN A 86 7.82 1.97 6.21
N SER A 87 6.60 1.73 5.73
CA SER A 87 5.65 0.88 6.45
C SER A 87 5.50 -0.46 5.74
N ARG A 88 5.05 -1.47 6.49
CA ARG A 88 4.86 -2.81 5.94
C ARG A 88 3.50 -3.37 6.34
N ALA A 89 2.79 -3.95 5.37
CA ALA A 89 1.48 -4.53 5.63
C ALA A 89 1.28 -5.81 4.82
N GLN A 90 0.63 -6.79 5.43
CA GLN A 90 0.37 -8.07 4.77
C GLN A 90 -1.04 -8.10 4.18
N LEU A 91 -1.16 -8.64 2.97
CA LEU A 91 -2.45 -8.73 2.30
C LEU A 91 -2.87 -10.19 2.13
N LEU A 92 -4.16 -10.45 2.32
CA LEU A 92 -4.69 -11.80 2.18
C LEU A 92 -5.70 -11.88 1.03
N VAL A 93 -5.37 -12.67 0.01
CA VAL A 93 -6.25 -12.83 -1.14
C VAL A 93 -7.04 -14.13 -1.04
N GLN A 94 -8.28 -14.04 -0.58
CA GLN A 94 -9.13 -15.21 -0.45
C GLN A 94 -9.60 -15.71 -1.81
N GLY A 95 -9.70 -17.03 -1.95
CA GLY A 95 -10.13 -17.61 -3.21
C GLY A 95 -11.61 -17.39 -3.47
N ARG A 96 -11.92 -16.60 -4.50
CA ARG A 96 -13.31 -16.32 -4.84
C ARG A 96 -13.91 -17.47 -5.65
N ARG A 97 -15.24 -17.57 -5.61
CA ARG A 97 -15.94 -18.62 -6.33
C ARG A 97 -15.32 -18.86 -7.70
N SER A 98 -14.55 -19.93 -7.82
CA SER A 98 -13.89 -20.26 -9.08
C SER A 98 -14.44 -21.56 -9.66
N GLY A 99 -14.33 -21.72 -10.96
CA GLY A 99 -14.83 -22.91 -11.62
C GLY A 99 -15.68 -22.61 -12.84
N PRO A 100 -16.47 -23.60 -13.27
CA PRO A 100 -17.35 -23.45 -14.44
C PRO A 100 -18.52 -22.51 -14.17
N SER A 101 -18.49 -21.35 -14.81
CA SER A 101 -19.54 -20.35 -14.64
C SER A 101 -20.14 -19.95 -15.99
N SER A 102 -21.08 -19.02 -15.96
CA SER A 102 -21.73 -18.54 -17.18
C SER A 102 -21.02 -17.31 -17.73
N GLY A 103 -19.98 -16.87 -17.03
CA GLY A 103 -19.23 -15.70 -17.46
C GLY A 103 -18.56 -14.99 -16.31
N GLY A 1 6.98 27.86 8.33
CA GLY A 1 8.24 27.34 8.81
C GLY A 1 9.13 26.86 7.69
N SER A 2 10.29 27.50 7.55
CA SER A 2 11.24 27.13 6.50
C SER A 2 12.57 26.68 7.11
N SER A 3 13.17 27.53 7.91
CA SER A 3 14.45 27.23 8.55
C SER A 3 14.35 25.92 9.33
N GLY A 4 14.88 24.84 8.73
CA GLY A 4 14.85 23.55 9.38
C GLY A 4 15.86 22.58 8.79
N SER A 5 17.08 22.62 9.31
CA SER A 5 18.14 21.74 8.83
C SER A 5 17.83 20.28 9.15
N SER A 6 17.69 19.99 10.44
CA SER A 6 17.40 18.63 10.89
C SER A 6 15.90 18.34 10.83
N GLY A 7 15.55 17.14 10.40
CA GLY A 7 14.15 16.76 10.31
C GLY A 7 13.94 15.49 9.51
N ALA A 8 13.27 14.52 10.12
CA ALA A 8 13.01 13.25 9.45
C ALA A 8 11.51 12.93 9.45
N ASN A 9 11.05 12.28 8.38
CA ASN A 9 9.65 11.92 8.25
C ASN A 9 9.34 10.65 9.04
N CYS A 10 8.06 10.43 9.32
CA CYS A 10 7.63 9.24 10.07
C CYS A 10 6.17 8.94 9.79
N PHE A 11 5.79 7.68 9.98
CA PHE A 11 4.41 7.24 9.76
C PHE A 11 3.61 7.32 11.04
N THR A 12 2.70 8.30 11.10
CA THR A 12 1.86 8.48 12.29
C THR A 12 0.86 7.33 12.43
N GLU A 13 0.47 6.73 11.31
CA GLU A 13 -0.47 5.63 11.33
C GLU A 13 0.00 4.51 10.40
N GLU A 14 0.61 3.48 10.99
CA GLU A 14 1.12 2.35 10.22
C GLU A 14 -0.02 1.66 9.46
N LEU A 15 0.32 1.04 8.33
CA LEU A 15 -0.66 0.35 7.51
C LEU A 15 -1.37 -0.74 8.32
N THR A 16 -2.40 -1.33 7.73
CA THR A 16 -3.16 -2.38 8.39
C THR A 16 -3.30 -3.60 7.48
N ASN A 17 -3.31 -4.79 8.08
CA ASN A 17 -3.44 -6.03 7.33
C ASN A 17 -4.75 -6.06 6.55
N LEU A 18 -4.64 -6.15 5.23
CA LEU A 18 -5.81 -6.19 4.36
C LEU A 18 -6.18 -7.61 4.00
N GLN A 19 -7.47 -7.86 3.80
CA GLN A 19 -7.96 -9.19 3.44
C GLN A 19 -9.15 -9.10 2.51
N VAL A 20 -9.02 -9.69 1.32
CA VAL A 20 -10.08 -9.68 0.33
C VAL A 20 -9.94 -10.84 -0.65
N GLU A 21 -10.97 -11.05 -1.47
CA GLU A 21 -10.95 -12.12 -2.45
C GLU A 21 -10.29 -11.67 -3.74
N GLU A 22 -9.67 -12.61 -4.45
CA GLU A 22 -9.00 -12.30 -5.71
C GLU A 22 -9.93 -11.55 -6.66
N LYS A 23 -9.33 -10.84 -7.62
CA LYS A 23 -10.11 -10.07 -8.59
C LYS A 23 -10.98 -9.03 -7.89
N GLY A 24 -10.55 -8.60 -6.70
CA GLY A 24 -11.29 -7.60 -5.96
C GLY A 24 -10.63 -6.25 -5.97
N THR A 25 -10.44 -5.67 -4.78
CA THR A 25 -9.82 -4.36 -4.67
C THR A 25 -9.28 -4.13 -3.26
N ALA A 26 -7.98 -3.87 -3.17
CA ALA A 26 -7.34 -3.64 -1.87
C ALA A 26 -6.53 -2.34 -1.89
N VAL A 27 -6.94 -1.39 -1.06
CA VAL A 27 -6.27 -0.11 -0.98
C VAL A 27 -5.58 0.07 0.37
N PHE A 28 -4.25 0.14 0.35
CA PHE A 28 -3.48 0.30 1.58
C PHE A 28 -3.46 1.76 2.02
N THR A 29 -4.18 2.06 3.10
CA THR A 29 -4.25 3.42 3.62
C THR A 29 -3.24 3.63 4.73
N CYS A 30 -2.49 4.72 4.66
CA CYS A 30 -1.48 5.04 5.65
C CYS A 30 -1.48 6.54 5.97
N LYS A 31 -0.61 6.94 6.89
CA LYS A 31 -0.51 8.34 7.28
C LYS A 31 0.94 8.72 7.58
N THR A 32 1.23 10.02 7.52
CA THR A 32 2.58 10.51 7.79
C THR A 32 2.55 11.87 8.48
N GLU A 33 3.54 12.12 9.31
CA GLU A 33 3.62 13.39 10.04
C GLU A 33 3.73 14.57 9.06
N HIS A 34 4.52 14.39 8.02
CA HIS A 34 4.70 15.43 7.01
C HIS A 34 4.23 14.96 5.64
N PRO A 35 3.75 15.90 4.82
CA PRO A 35 3.25 15.61 3.47
C PRO A 35 4.38 15.21 2.52
N ALA A 36 4.65 13.92 2.42
CA ALA A 36 5.69 13.40 1.55
C ALA A 36 5.48 13.87 0.11
N ALA A 37 6.49 14.53 -0.44
CA ALA A 37 6.41 15.04 -1.81
C ALA A 37 6.47 13.89 -2.82
N THR A 38 6.95 12.74 -2.36
CA THR A 38 7.06 11.56 -3.23
C THR A 38 6.80 10.28 -2.44
N VAL A 39 6.43 9.23 -3.16
CA VAL A 39 6.15 7.94 -2.53
C VAL A 39 6.35 6.79 -3.51
N THR A 40 7.17 5.83 -3.12
CA THR A 40 7.46 4.67 -3.97
C THR A 40 7.09 3.37 -3.27
N TRP A 41 5.93 2.83 -3.61
CA TRP A 41 5.46 1.58 -3.01
C TRP A 41 6.27 0.40 -3.51
N ARG A 42 6.46 -0.60 -2.65
CA ARG A 42 7.23 -1.78 -3.00
C ARG A 42 6.45 -3.05 -2.66
N LYS A 43 6.69 -4.12 -3.42
CA LYS A 43 6.02 -5.38 -3.19
C LYS A 43 6.93 -6.55 -3.54
N GLY A 44 7.15 -7.44 -2.57
CA GLY A 44 8.00 -8.60 -2.79
C GLY A 44 9.31 -8.22 -3.47
N LEU A 45 10.01 -7.24 -2.90
CA LEU A 45 11.27 -6.79 -3.45
C LEU A 45 11.11 -6.29 -4.88
N LEU A 46 9.97 -5.67 -5.16
CA LEU A 46 9.68 -5.15 -6.48
C LEU A 46 9.12 -3.72 -6.40
N GLU A 47 9.63 -2.84 -7.25
CA GLU A 47 9.18 -1.45 -7.26
C GLU A 47 7.88 -1.32 -8.06
N LEU A 48 6.88 -0.71 -7.44
CA LEU A 48 5.58 -0.51 -8.08
C LEU A 48 5.54 0.82 -8.81
N ARG A 49 4.72 0.89 -9.86
CA ARG A 49 4.58 2.11 -10.65
C ARG A 49 3.12 2.51 -10.79
N ALA A 50 2.85 3.81 -10.73
CA ALA A 50 1.49 4.32 -10.86
C ALA A 50 0.84 3.85 -12.15
N SER A 51 -0.01 2.85 -12.04
CA SER A 51 -0.70 2.31 -13.21
C SER A 51 -2.05 1.70 -12.82
N GLY A 52 -2.75 1.13 -13.80
CA GLY A 52 -4.04 0.54 -13.53
C GLY A 52 -4.01 -0.42 -12.35
N LYS A 53 -2.91 -1.15 -12.22
CA LYS A 53 -2.76 -2.11 -11.12
C LYS A 53 -2.54 -1.38 -9.81
N HIS A 54 -1.46 -0.61 -9.73
CA HIS A 54 -1.13 0.14 -8.52
C HIS A 54 -1.21 1.64 -8.78
N GLN A 55 -2.34 2.24 -8.42
CA GLN A 55 -2.53 3.68 -8.62
C GLN A 55 -2.53 4.41 -7.29
N PRO A 56 -1.34 4.82 -6.83
CA PRO A 56 -1.17 5.53 -5.56
C PRO A 56 -1.74 6.94 -5.61
N SER A 57 -1.69 7.64 -4.48
CA SER A 57 -2.21 9.01 -4.41
C SER A 57 -1.57 9.76 -3.24
N GLN A 58 -2.04 10.99 -3.02
CA GLN A 58 -1.51 11.81 -1.93
C GLN A 58 -2.57 12.78 -1.41
N GLU A 59 -2.81 12.73 -0.10
CA GLU A 59 -3.81 13.59 0.52
C GLU A 59 -3.24 14.24 1.78
N GLY A 60 -4.03 15.12 2.39
CA GLY A 60 -3.60 15.80 3.59
C GLY A 60 -2.95 14.85 4.58
N LEU A 61 -1.63 14.76 4.53
CA LEU A 61 -0.89 13.89 5.43
C LEU A 61 -1.47 12.48 5.42
N THR A 62 -2.09 12.11 4.31
CA THR A 62 -2.69 10.79 4.18
C THR A 62 -2.46 10.22 2.78
N LEU A 63 -1.80 9.06 2.73
CA LEU A 63 -1.51 8.41 1.46
C LEU A 63 -2.27 7.08 1.34
N ARG A 64 -2.45 6.62 0.11
CA ARG A 64 -3.16 5.37 -0.14
C ARG A 64 -2.78 4.79 -1.50
N LEU A 65 -2.88 3.47 -1.63
CA LEU A 65 -2.56 2.80 -2.88
C LEU A 65 -3.64 1.81 -3.26
N THR A 66 -4.52 2.22 -4.18
CA THR A 66 -5.61 1.36 -4.63
C THR A 66 -5.11 0.28 -5.56
N ILE A 67 -5.45 -0.97 -5.25
CA ILE A 67 -5.03 -2.11 -6.07
C ILE A 67 -6.23 -2.94 -6.50
N SER A 68 -6.43 -3.03 -7.81
CA SER A 68 -7.54 -3.80 -8.37
C SER A 68 -7.03 -5.04 -9.10
N ALA A 69 -7.96 -5.86 -9.58
CA ALA A 69 -7.61 -7.08 -10.30
C ALA A 69 -6.66 -7.94 -9.48
N LEU A 70 -6.89 -8.01 -8.18
CA LEU A 70 -6.05 -8.80 -7.28
C LEU A 70 -5.96 -10.25 -7.76
N GLU A 71 -5.09 -11.02 -7.13
CA GLU A 71 -4.90 -12.42 -7.49
C GLU A 71 -4.12 -13.17 -6.41
N LYS A 72 -4.13 -14.49 -6.49
CA LYS A 72 -3.43 -15.33 -5.52
C LYS A 72 -1.99 -14.84 -5.34
N ALA A 73 -1.45 -14.21 -6.37
CA ALA A 73 -0.08 -13.70 -6.32
C ALA A 73 0.00 -12.43 -5.48
N ASP A 74 -0.91 -11.50 -5.75
CA ASP A 74 -0.94 -10.24 -5.02
C ASP A 74 -0.63 -10.45 -3.54
N SER A 75 -1.09 -11.59 -3.00
CA SER A 75 -0.87 -11.91 -1.60
C SER A 75 0.63 -11.88 -1.26
N ASP A 76 1.08 -10.75 -0.73
CA ASP A 76 2.48 -10.59 -0.36
C ASP A 76 2.65 -9.41 0.60
N THR A 77 3.90 -9.17 1.00
CA THR A 77 4.21 -8.09 1.92
C THR A 77 4.52 -6.79 1.16
N TYR A 78 3.71 -5.77 1.38
CA TYR A 78 3.89 -4.48 0.72
C TYR A 78 4.70 -3.53 1.60
N THR A 79 5.40 -2.60 0.96
CA THR A 79 6.20 -1.62 1.69
C THR A 79 6.09 -0.24 1.06
N CYS A 80 5.49 0.69 1.79
CA CYS A 80 5.32 2.05 1.30
C CYS A 80 6.44 2.95 1.80
N ASP A 81 7.33 3.33 0.89
CA ASP A 81 8.46 4.19 1.23
C ASP A 81 8.20 5.63 0.79
N ILE A 82 8.62 6.58 1.61
CA ILE A 82 8.43 8.00 1.30
C ILE A 82 9.76 8.69 1.08
N GLY A 83 10.83 8.11 1.64
CA GLY A 83 12.15 8.69 1.48
C GLY A 83 12.97 8.61 2.75
N GLN A 84 12.30 8.64 3.90
CA GLN A 84 12.96 8.57 5.18
C GLN A 84 12.54 7.33 5.96
N ALA A 85 11.26 6.96 5.81
CA ALA A 85 10.72 5.79 6.49
C ALA A 85 9.89 4.94 5.54
N GLN A 86 9.52 3.74 6.00
CA GLN A 86 8.73 2.83 5.19
C GLN A 86 7.85 1.95 6.06
N SER A 87 6.62 1.71 5.60
CA SER A 87 5.67 0.89 6.35
C SER A 87 5.58 -0.51 5.75
N ARG A 88 4.78 -1.37 6.38
CA ARG A 88 4.61 -2.73 5.92
C ARG A 88 3.23 -3.27 6.30
N ALA A 89 2.62 -4.02 5.40
CA ALA A 89 1.29 -4.59 5.64
C ALA A 89 1.12 -5.91 4.89
N GLN A 90 0.33 -6.81 5.46
CA GLN A 90 0.09 -8.12 4.84
C GLN A 90 -1.28 -8.14 4.17
N LEU A 91 -1.35 -8.74 2.99
CA LEU A 91 -2.60 -8.82 2.24
C LEU A 91 -2.95 -10.28 1.94
N LEU A 92 -4.24 -10.59 1.96
CA LEU A 92 -4.70 -11.95 1.67
C LEU A 92 -5.68 -11.96 0.51
N VAL A 93 -5.41 -12.81 -0.48
CA VAL A 93 -6.27 -12.92 -1.65
C VAL A 93 -7.10 -14.21 -1.60
N GLN A 94 -8.25 -14.15 -0.94
CA GLN A 94 -9.13 -15.30 -0.83
C GLN A 94 -9.55 -15.81 -2.21
N GLY A 95 -9.91 -17.08 -2.29
CA GLY A 95 -10.32 -17.67 -3.54
C GLY A 95 -11.79 -17.44 -3.84
N ARG A 96 -12.08 -16.62 -4.85
CA ARG A 96 -13.45 -16.31 -5.22
C ARG A 96 -14.29 -17.58 -5.30
N ARG A 97 -15.60 -17.45 -5.09
CA ARG A 97 -16.51 -18.58 -5.13
C ARG A 97 -16.06 -19.60 -6.17
N SER A 98 -16.13 -20.88 -5.81
CA SER A 98 -15.72 -21.95 -6.71
C SER A 98 -14.20 -21.99 -6.86
N GLY A 99 -13.50 -21.95 -5.74
CA GLY A 99 -12.05 -21.98 -5.77
C GLY A 99 -11.47 -23.02 -4.84
N PRO A 100 -11.41 -22.69 -3.54
CA PRO A 100 -10.88 -23.59 -2.51
C PRO A 100 -11.79 -24.80 -2.27
N SER A 101 -11.18 -25.98 -2.18
CA SER A 101 -11.92 -27.21 -1.95
C SER A 101 -12.40 -27.29 -0.52
N SER A 102 -13.65 -26.88 -0.30
CA SER A 102 -14.24 -26.91 1.04
C SER A 102 -15.76 -27.03 0.96
N GLY A 103 -16.39 -27.19 2.13
CA GLY A 103 -17.84 -27.31 2.17
C GLY A 103 -18.30 -28.30 3.21
N GLY A 1 5.80 23.82 12.36
CA GLY A 1 7.18 24.28 12.41
C GLY A 1 7.84 24.33 11.05
N SER A 2 9.03 23.75 10.95
CA SER A 2 9.76 23.73 9.70
C SER A 2 10.09 25.15 9.23
N SER A 3 10.48 25.99 10.17
CA SER A 3 10.82 27.38 9.87
C SER A 3 12.14 27.45 9.11
N GLY A 4 13.17 26.82 9.66
CA GLY A 4 14.47 26.83 9.03
C GLY A 4 15.40 25.77 9.59
N SER A 5 14.89 24.56 9.76
CA SER A 5 15.67 23.46 10.30
C SER A 5 15.44 22.17 9.50
N SER A 6 16.30 21.18 9.72
CA SER A 6 16.18 19.91 9.02
C SER A 6 16.11 18.75 10.02
N GLY A 7 15.00 18.00 9.96
CA GLY A 7 14.82 16.88 10.85
C GLY A 7 14.62 15.57 10.11
N ALA A 8 13.43 15.00 10.25
CA ALA A 8 13.10 13.74 9.58
C ALA A 8 11.61 13.46 9.64
N ASN A 9 11.14 12.56 8.77
CA ASN A 9 9.72 12.21 8.73
C ASN A 9 9.49 10.85 9.37
N CYS A 10 8.22 10.53 9.60
CA CYS A 10 7.86 9.25 10.21
C CYS A 10 6.39 8.92 9.94
N PHE A 11 6.03 7.65 10.10
CA PHE A 11 4.67 7.20 9.88
C PHE A 11 3.87 7.20 11.18
N THR A 12 2.88 8.09 11.27
CA THR A 12 2.05 8.19 12.45
C THR A 12 1.08 7.02 12.56
N GLU A 13 0.61 6.55 11.41
CA GLU A 13 -0.33 5.43 11.36
C GLU A 13 0.13 4.37 10.36
N GLU A 14 0.72 3.30 10.87
CA GLU A 14 1.21 2.21 10.03
C GLU A 14 0.05 1.53 9.31
N LEU A 15 0.36 0.90 8.18
CA LEU A 15 -0.65 0.21 7.39
C LEU A 15 -1.35 -0.86 8.23
N THR A 16 -2.33 -1.53 7.63
CA THR A 16 -3.08 -2.59 8.32
C THR A 16 -3.31 -3.78 7.41
N ASN A 17 -3.18 -4.98 7.97
CA ASN A 17 -3.37 -6.21 7.20
C ASN A 17 -4.74 -6.20 6.53
N LEU A 18 -4.74 -6.36 5.21
CA LEU A 18 -5.99 -6.38 4.44
C LEU A 18 -6.36 -7.80 4.06
N GLN A 19 -7.67 -8.06 3.96
CA GLN A 19 -8.17 -9.38 3.60
C GLN A 19 -9.32 -9.28 2.61
N VAL A 20 -9.08 -9.70 1.38
CA VAL A 20 -10.11 -9.66 0.35
C VAL A 20 -9.89 -10.75 -0.70
N GLU A 21 -10.97 -11.19 -1.32
CA GLU A 21 -10.89 -12.23 -2.35
C GLU A 21 -10.14 -11.72 -3.58
N GLU A 22 -9.62 -12.65 -4.37
CA GLU A 22 -8.88 -12.31 -5.57
C GLU A 22 -9.78 -11.57 -6.57
N LYS A 23 -9.16 -10.83 -7.48
CA LYS A 23 -9.90 -10.08 -8.48
C LYS A 23 -10.81 -9.04 -7.83
N GLY A 24 -10.37 -8.51 -6.69
CA GLY A 24 -11.16 -7.51 -5.99
C GLY A 24 -10.54 -6.13 -6.06
N THR A 25 -10.27 -5.54 -4.90
CA THR A 25 -9.69 -4.22 -4.83
C THR A 25 -9.15 -3.91 -3.43
N ALA A 26 -7.83 -3.84 -3.32
CA ALA A 26 -7.19 -3.55 -2.04
C ALA A 26 -6.56 -2.17 -2.03
N VAL A 27 -6.96 -1.34 -1.07
CA VAL A 27 -6.42 0.01 -0.96
C VAL A 27 -5.64 0.18 0.33
N PHE A 28 -4.32 0.09 0.24
CA PHE A 28 -3.45 0.24 1.40
C PHE A 28 -3.45 1.68 1.89
N THR A 29 -4.19 1.92 2.97
CA THR A 29 -4.28 3.26 3.55
C THR A 29 -3.27 3.44 4.67
N CYS A 30 -2.55 4.56 4.65
CA CYS A 30 -1.55 4.86 5.66
C CYS A 30 -1.53 6.35 5.98
N LYS A 31 -0.62 6.73 6.87
CA LYS A 31 -0.49 8.13 7.27
C LYS A 31 0.98 8.50 7.50
N THR A 32 1.25 9.80 7.56
CA THR A 32 2.61 10.29 7.78
C THR A 32 2.61 11.58 8.59
N GLU A 33 3.65 11.77 9.39
CA GLU A 33 3.77 12.96 10.21
C GLU A 33 3.87 14.22 9.33
N HIS A 34 4.63 14.12 8.25
CA HIS A 34 4.81 15.24 7.33
C HIS A 34 4.37 14.86 5.92
N PRO A 35 3.85 15.84 5.18
CA PRO A 35 3.38 15.64 3.80
C PRO A 35 4.54 15.38 2.83
N ALA A 36 4.93 14.12 2.71
CA ALA A 36 6.02 13.75 1.81
C ALA A 36 5.84 14.38 0.44
N ALA A 37 6.89 14.31 -0.38
CA ALA A 37 6.85 14.88 -1.73
C ALA A 37 6.68 13.79 -2.77
N THR A 38 7.04 12.57 -2.41
CA THR A 38 6.95 11.43 -3.32
C THR A 38 6.82 10.12 -2.56
N VAL A 39 6.11 9.16 -3.15
CA VAL A 39 5.93 7.86 -2.52
C VAL A 39 6.20 6.73 -3.51
N THR A 40 6.99 5.75 -3.09
CA THR A 40 7.32 4.62 -3.95
C THR A 40 7.03 3.30 -3.24
N TRP A 41 5.85 2.74 -3.50
CA TRP A 41 5.45 1.48 -2.89
C TRP A 41 6.31 0.33 -3.40
N ARG A 42 6.14 -0.84 -2.79
CA ARG A 42 6.90 -2.02 -3.19
C ARG A 42 6.16 -3.30 -2.81
N LYS A 43 5.96 -4.17 -3.79
CA LYS A 43 5.27 -5.43 -3.57
C LYS A 43 6.25 -6.54 -3.17
N GLY A 44 6.36 -6.79 -1.87
CA GLY A 44 7.26 -7.81 -1.39
C GLY A 44 8.71 -7.51 -1.72
N LEU A 45 9.13 -7.86 -2.92
CA LEU A 45 10.50 -7.64 -3.36
C LEU A 45 10.53 -6.96 -4.74
N LEU A 46 9.47 -6.24 -5.05
CA LEU A 46 9.37 -5.55 -6.34
C LEU A 46 8.84 -4.13 -6.15
N GLU A 47 9.36 -3.19 -6.95
CA GLU A 47 8.95 -1.80 -6.87
C GLU A 47 7.66 -1.58 -7.66
N LEU A 48 6.72 -0.85 -7.07
CA LEU A 48 5.45 -0.56 -7.72
C LEU A 48 5.50 0.79 -8.43
N ARG A 49 4.71 0.92 -9.50
CA ARG A 49 4.66 2.16 -10.26
C ARG A 49 3.21 2.55 -10.56
N ALA A 50 2.99 3.85 -10.75
CA ALA A 50 1.65 4.36 -11.04
C ALA A 50 1.11 3.75 -12.33
N SER A 51 0.17 2.81 -12.19
CA SER A 51 -0.43 2.15 -13.35
C SER A 51 -1.78 1.54 -12.98
N GLY A 52 -2.59 1.26 -13.99
CA GLY A 52 -3.89 0.67 -13.76
C GLY A 52 -3.89 -0.29 -12.59
N LYS A 53 -2.78 -0.99 -12.39
CA LYS A 53 -2.66 -1.94 -11.30
C LYS A 53 -2.40 -1.23 -9.97
N HIS A 54 -1.29 -0.51 -9.90
CA HIS A 54 -0.93 0.23 -8.69
C HIS A 54 -1.03 1.73 -8.91
N GLN A 55 -2.13 2.32 -8.46
CA GLN A 55 -2.36 3.75 -8.61
C GLN A 55 -2.36 4.45 -7.26
N PRO A 56 -1.18 4.92 -6.81
CA PRO A 56 -1.03 5.61 -5.53
C PRO A 56 -1.68 6.99 -5.53
N SER A 57 -1.67 7.65 -4.39
CA SER A 57 -2.26 8.98 -4.26
C SER A 57 -1.57 9.77 -3.15
N GLN A 58 -1.93 11.05 -3.04
CA GLN A 58 -1.34 11.91 -2.03
C GLN A 58 -2.35 12.95 -1.55
N GLU A 59 -2.85 12.76 -0.33
CA GLU A 59 -3.82 13.68 0.25
C GLU A 59 -3.33 14.24 1.58
N GLY A 60 -2.67 15.39 1.53
CA GLY A 60 -2.16 16.01 2.73
C GLY A 60 -1.29 15.06 3.55
N LEU A 61 -1.75 14.75 4.76
CA LEU A 61 -1.01 13.85 5.64
C LEU A 61 -1.60 12.45 5.60
N THR A 62 -2.17 12.09 4.46
CA THR A 62 -2.77 10.76 4.29
C THR A 62 -2.46 10.19 2.91
N LEU A 63 -1.86 9.00 2.89
CA LEU A 63 -1.50 8.35 1.63
C LEU A 63 -2.26 7.04 1.48
N ARG A 64 -2.48 6.62 0.24
CA ARG A 64 -3.19 5.38 -0.05
C ARG A 64 -2.86 4.88 -1.45
N LEU A 65 -2.85 3.56 -1.60
CA LEU A 65 -2.55 2.95 -2.90
C LEU A 65 -3.63 1.96 -3.30
N THR A 66 -4.37 2.28 -4.35
CA THR A 66 -5.44 1.42 -4.85
C THR A 66 -4.89 0.29 -5.71
N ILE A 67 -5.30 -0.93 -5.41
CA ILE A 67 -4.85 -2.10 -6.17
C ILE A 67 -6.03 -2.94 -6.65
N SER A 68 -6.26 -2.93 -7.96
CA SER A 68 -7.35 -3.69 -8.55
C SER A 68 -6.83 -4.93 -9.27
N ALA A 69 -7.74 -5.87 -9.55
CA ALA A 69 -7.37 -7.10 -10.24
C ALA A 69 -6.39 -7.92 -9.41
N LEU A 70 -6.68 -8.06 -8.12
CA LEU A 70 -5.83 -8.82 -7.21
C LEU A 70 -5.70 -10.27 -7.68
N GLU A 71 -4.83 -11.03 -7.01
CA GLU A 71 -4.62 -12.42 -7.36
C GLU A 71 -3.84 -13.14 -6.26
N LYS A 72 -3.77 -14.47 -6.36
CA LYS A 72 -3.05 -15.26 -5.38
C LYS A 72 -1.62 -14.78 -5.21
N ALA A 73 -1.03 -14.30 -6.31
CA ALA A 73 0.34 -13.79 -6.27
C ALA A 73 0.43 -12.50 -5.46
N ASP A 74 -0.50 -11.59 -5.71
CA ASP A 74 -0.53 -10.31 -5.00
C ASP A 74 -0.26 -10.51 -3.51
N SER A 75 -0.64 -11.68 -3.00
CA SER A 75 -0.45 -11.99 -1.59
C SER A 75 1.02 -11.84 -1.19
N ASP A 76 1.36 -10.68 -0.63
CA ASP A 76 2.72 -10.39 -0.21
C ASP A 76 2.76 -9.19 0.72
N THR A 77 3.96 -8.85 1.19
CA THR A 77 4.14 -7.72 2.09
C THR A 77 4.47 -6.45 1.32
N TYR A 78 3.53 -5.51 1.31
CA TYR A 78 3.73 -4.24 0.60
C TYR A 78 4.46 -3.24 1.49
N THR A 79 5.43 -2.54 0.91
CA THR A 79 6.20 -1.54 1.64
C THR A 79 6.00 -0.15 1.05
N CYS A 80 5.41 0.75 1.83
CA CYS A 80 5.17 2.12 1.38
C CYS A 80 6.29 3.05 1.84
N ASP A 81 7.18 3.39 0.90
CA ASP A 81 8.30 4.27 1.21
C ASP A 81 7.97 5.72 0.85
N ILE A 82 8.36 6.64 1.72
CA ILE A 82 8.09 8.06 1.50
C ILE A 82 9.39 8.82 1.23
N GLY A 83 10.50 8.23 1.63
CA GLY A 83 11.80 8.87 1.42
C GLY A 83 12.69 8.77 2.64
N GLN A 84 12.08 8.79 3.82
CA GLN A 84 12.84 8.72 5.06
C GLN A 84 12.44 7.48 5.86
N ALA A 85 11.20 7.03 5.68
CA ALA A 85 10.69 5.86 6.38
C ALA A 85 9.91 4.95 5.44
N GLN A 86 9.58 3.76 5.92
CA GLN A 86 8.84 2.79 5.12
C GLN A 86 7.97 1.91 6.01
N SER A 87 6.74 1.67 5.57
CA SER A 87 5.81 0.83 6.33
C SER A 87 5.70 -0.56 5.71
N ARG A 88 4.89 -1.41 6.34
CA ARG A 88 4.69 -2.78 5.85
C ARG A 88 3.30 -3.28 6.21
N ALA A 89 2.73 -4.08 5.32
CA ALA A 89 1.40 -4.64 5.53
C ALA A 89 1.24 -5.97 4.81
N GLN A 90 0.42 -6.85 5.38
CA GLN A 90 0.18 -8.16 4.79
C GLN A 90 -1.18 -8.21 4.10
N LEU A 91 -1.21 -8.78 2.90
CA LEU A 91 -2.46 -8.88 2.14
C LEU A 91 -2.89 -10.35 2.00
N LEU A 92 -4.19 -10.58 2.13
CA LEU A 92 -4.73 -11.93 2.02
C LEU A 92 -5.71 -12.03 0.85
N VAL A 93 -5.31 -12.76 -0.19
CA VAL A 93 -6.15 -12.94 -1.37
C VAL A 93 -6.94 -14.23 -1.28
N GLN A 94 -8.14 -14.14 -0.72
CA GLN A 94 -9.01 -15.31 -0.57
C GLN A 94 -9.52 -15.77 -1.93
N GLY A 95 -8.90 -16.82 -2.47
CA GLY A 95 -9.31 -17.35 -3.76
C GLY A 95 -10.81 -17.54 -3.85
N ARG A 96 -11.49 -16.58 -4.46
CA ARG A 96 -12.94 -16.65 -4.62
C ARG A 96 -13.39 -18.09 -4.83
N ARG A 97 -12.82 -18.74 -5.84
CA ARG A 97 -13.17 -20.13 -6.14
C ARG A 97 -12.24 -21.10 -5.43
N SER A 98 -10.98 -21.12 -5.85
CA SER A 98 -9.99 -22.01 -5.25
C SER A 98 -10.06 -21.95 -3.73
N GLY A 99 -9.54 -22.99 -3.07
CA GLY A 99 -9.56 -23.04 -1.62
C GLY A 99 -10.26 -24.27 -1.10
N PRO A 100 -10.72 -24.21 0.16
CA PRO A 100 -11.42 -25.33 0.80
C PRO A 100 -12.81 -25.57 0.21
N SER A 101 -13.53 -26.53 0.77
CA SER A 101 -14.86 -26.87 0.29
C SER A 101 -15.93 -26.43 1.29
N SER A 102 -17.16 -26.28 0.81
CA SER A 102 -18.27 -25.86 1.66
C SER A 102 -19.61 -26.26 1.05
N GLY A 103 -20.62 -26.40 1.89
CA GLY A 103 -21.93 -26.78 1.42
C GLY A 103 -22.42 -25.89 0.29
N GLY A 1 4.05 22.90 3.35
CA GLY A 1 4.26 24.33 3.49
C GLY A 1 5.68 24.66 3.94
N SER A 2 6.64 24.43 3.07
CA SER A 2 8.04 24.71 3.39
C SER A 2 8.17 25.97 4.24
N SER A 3 8.74 25.83 5.43
CA SER A 3 8.92 26.96 6.32
C SER A 3 9.87 26.59 7.46
N GLY A 4 10.63 27.58 7.93
CA GLY A 4 11.57 27.36 9.01
C GLY A 4 12.39 26.09 8.81
N SER A 5 12.28 25.17 9.77
CA SER A 5 13.02 23.91 9.70
C SER A 5 12.15 22.76 10.19
N SER A 6 12.56 21.53 9.82
CA SER A 6 11.81 20.34 10.22
C SER A 6 12.72 19.12 10.25
N GLY A 7 12.52 18.26 11.25
CA GLY A 7 13.34 17.06 11.36
C GLY A 7 12.95 16.00 10.36
N ALA A 8 13.34 14.75 10.64
CA ALA A 8 13.03 13.64 9.75
C ALA A 8 11.54 13.35 9.74
N ASN A 9 11.09 12.58 8.75
CA ASN A 9 9.69 12.22 8.63
C ASN A 9 9.41 10.86 9.26
N CYS A 10 8.15 10.56 9.51
CA CYS A 10 7.76 9.29 10.11
C CYS A 10 6.31 8.95 9.77
N PHE A 11 5.89 7.75 10.12
CA PHE A 11 4.53 7.30 9.85
C PHE A 11 3.68 7.34 11.12
N THR A 12 2.66 8.19 11.11
CA THR A 12 1.77 8.33 12.25
C THR A 12 0.84 7.12 12.38
N GLU A 13 0.42 6.59 11.25
CA GLU A 13 -0.48 5.44 11.24
C GLU A 13 0.04 4.36 10.29
N GLU A 14 0.71 3.35 10.84
CA GLU A 14 1.25 2.26 10.05
C GLU A 14 0.15 1.58 9.23
N LEU A 15 0.55 0.98 8.12
CA LEU A 15 -0.40 0.30 7.24
C LEU A 15 -1.14 -0.80 8.00
N THR A 16 -2.20 -1.32 7.39
CA THR A 16 -3.00 -2.37 8.00
C THR A 16 -3.23 -3.53 7.04
N ASN A 17 -3.11 -4.75 7.54
CA ASN A 17 -3.30 -5.94 6.72
C ASN A 17 -4.70 -5.96 6.11
N LEU A 18 -4.76 -6.01 4.79
CA LEU A 18 -6.04 -6.03 4.09
C LEU A 18 -6.43 -7.46 3.71
N GLN A 19 -7.67 -7.84 4.03
CA GLN A 19 -8.16 -9.17 3.73
C GLN A 19 -9.32 -9.11 2.73
N VAL A 20 -9.12 -9.70 1.56
CA VAL A 20 -10.14 -9.72 0.52
C VAL A 20 -9.96 -10.91 -0.42
N GLU A 21 -10.94 -11.12 -1.29
CA GLU A 21 -10.88 -12.22 -2.25
C GLU A 21 -10.30 -11.76 -3.58
N GLU A 22 -9.73 -12.70 -4.33
CA GLU A 22 -9.13 -12.39 -5.62
C GLU A 22 -10.13 -11.67 -6.52
N LYS A 23 -9.62 -11.03 -7.56
CA LYS A 23 -10.46 -10.30 -8.50
C LYS A 23 -11.23 -9.19 -7.78
N GLY A 24 -10.68 -8.70 -6.68
CA GLY A 24 -11.32 -7.64 -5.93
C GLY A 24 -10.54 -6.34 -5.96
N THR A 25 -10.50 -5.65 -4.83
CA THR A 25 -9.78 -4.38 -4.72
C THR A 25 -9.22 -4.19 -3.32
N ALA A 26 -7.92 -3.93 -3.25
CA ALA A 26 -7.25 -3.71 -1.97
C ALA A 26 -6.49 -2.39 -1.96
N VAL A 27 -6.99 -1.44 -1.17
CA VAL A 27 -6.36 -0.12 -1.06
C VAL A 27 -5.62 0.02 0.26
N PHE A 28 -4.29 0.00 0.19
CA PHE A 28 -3.47 0.14 1.39
C PHE A 28 -3.47 1.59 1.89
N THR A 29 -4.21 1.84 2.96
CA THR A 29 -4.31 3.17 3.53
C THR A 29 -3.26 3.37 4.62
N CYS A 30 -2.60 4.53 4.61
CA CYS A 30 -1.58 4.84 5.59
C CYS A 30 -1.58 6.33 5.92
N LYS A 31 -0.68 6.74 6.81
CA LYS A 31 -0.58 8.13 7.22
C LYS A 31 0.88 8.52 7.50
N THR A 32 1.16 9.82 7.45
CA THR A 32 2.51 10.31 7.70
C THR A 32 2.48 11.62 8.47
N GLU A 33 3.53 11.87 9.23
CA GLU A 33 3.63 13.10 10.02
C GLU A 33 3.74 14.33 9.12
N HIS A 34 4.59 14.22 8.10
CA HIS A 34 4.78 15.32 7.16
C HIS A 34 4.35 14.92 5.76
N PRO A 35 3.90 15.90 4.97
CA PRO A 35 3.45 15.67 3.59
C PRO A 35 4.60 15.33 2.66
N ALA A 36 4.94 14.05 2.58
CA ALA A 36 6.02 13.59 1.73
C ALA A 36 5.91 14.19 0.33
N ALA A 37 7.04 14.29 -0.36
CA ALA A 37 7.07 14.85 -1.71
C ALA A 37 6.96 13.75 -2.76
N THR A 38 7.17 12.51 -2.33
CA THR A 38 7.10 11.36 -3.24
C THR A 38 6.98 10.06 -2.47
N VAL A 39 6.33 9.08 -3.08
CA VAL A 39 6.14 7.77 -2.44
C VAL A 39 6.41 6.64 -3.43
N THR A 40 7.23 5.68 -3.03
CA THR A 40 7.56 4.55 -3.88
C THR A 40 7.16 3.24 -3.22
N TRP A 41 6.02 2.70 -3.63
CA TRP A 41 5.52 1.44 -3.08
C TRP A 41 6.33 0.26 -3.60
N ARG A 42 6.34 -0.83 -2.84
CA ARG A 42 7.08 -2.02 -3.23
C ARG A 42 6.32 -3.28 -2.83
N LYS A 43 6.16 -4.20 -3.78
CA LYS A 43 5.45 -5.45 -3.52
C LYS A 43 6.43 -6.58 -3.26
N GLY A 44 6.67 -6.88 -1.99
CA GLY A 44 7.59 -7.95 -1.63
C GLY A 44 9.04 -7.60 -1.93
N LEU A 45 9.48 -7.97 -3.13
CA LEU A 45 10.85 -7.70 -3.54
C LEU A 45 10.88 -6.99 -4.90
N LEU A 46 9.77 -6.36 -5.25
CA LEU A 46 9.65 -5.64 -6.52
C LEU A 46 9.11 -4.23 -6.30
N GLU A 47 9.63 -3.28 -7.07
CA GLU A 47 9.18 -1.89 -6.95
C GLU A 47 7.92 -1.66 -7.77
N LEU A 48 7.02 -0.85 -7.23
CA LEU A 48 5.77 -0.54 -7.90
C LEU A 48 5.82 0.85 -8.55
N ARG A 49 4.82 1.16 -9.35
CA ARG A 49 4.75 2.46 -10.04
C ARG A 49 3.31 2.78 -10.44
N ALA A 50 2.99 4.07 -10.47
CA ALA A 50 1.66 4.52 -10.83
C ALA A 50 1.23 3.93 -12.16
N SER A 51 0.34 2.94 -12.10
CA SER A 51 -0.16 2.27 -13.30
C SER A 51 -1.55 1.69 -13.07
N GLY A 52 -2.20 1.27 -14.15
CA GLY A 52 -3.53 0.70 -14.04
C GLY A 52 -3.66 -0.22 -12.85
N LYS A 53 -2.56 -0.84 -12.46
CA LYS A 53 -2.56 -1.76 -11.33
C LYS A 53 -2.39 -1.01 -10.00
N HIS A 54 -1.20 -0.44 -9.80
CA HIS A 54 -0.93 0.31 -8.58
C HIS A 54 -1.04 1.82 -8.83
N GLN A 55 -2.13 2.41 -8.37
CA GLN A 55 -2.36 3.84 -8.55
C GLN A 55 -2.41 4.56 -7.20
N PRO A 56 -1.23 5.00 -6.72
CA PRO A 56 -1.12 5.70 -5.44
C PRO A 56 -1.73 7.10 -5.49
N SER A 57 -1.75 7.77 -4.35
CA SER A 57 -2.31 9.12 -4.26
C SER A 57 -1.75 9.86 -3.05
N GLN A 58 -2.11 11.14 -2.94
CA GLN A 58 -1.63 11.97 -1.84
C GLN A 58 -2.66 13.02 -1.47
N GLU A 59 -3.15 12.97 -0.22
CA GLU A 59 -4.14 13.92 0.26
C GLU A 59 -3.72 14.53 1.59
N GLY A 60 -2.84 15.52 1.52
CA GLY A 60 -2.37 16.18 2.73
C GLY A 60 -1.42 15.31 3.52
N LEU A 61 -1.96 14.64 4.53
CA LEU A 61 -1.15 13.77 5.38
C LEU A 61 -1.66 12.34 5.34
N THR A 62 -2.48 12.04 4.33
CA THR A 62 -3.05 10.70 4.17
C THR A 62 -2.70 10.10 2.81
N LEU A 63 -2.05 8.95 2.83
CA LEU A 63 -1.67 8.28 1.59
C LEU A 63 -2.43 6.97 1.42
N ARG A 64 -2.55 6.52 0.17
CA ARG A 64 -3.25 5.28 -0.12
C ARG A 64 -2.91 4.78 -1.53
N LEU A 65 -2.91 3.47 -1.70
CA LEU A 65 -2.60 2.86 -2.99
C LEU A 65 -3.68 1.88 -3.42
N THR A 66 -4.49 2.28 -4.39
CA THR A 66 -5.57 1.44 -4.89
C THR A 66 -5.04 0.35 -5.80
N ILE A 67 -5.31 -0.90 -5.43
CA ILE A 67 -4.85 -2.05 -6.21
C ILE A 67 -6.04 -2.87 -6.70
N SER A 68 -6.20 -2.95 -8.03
CA SER A 68 -7.29 -3.72 -8.62
C SER A 68 -6.75 -4.95 -9.34
N ALA A 69 -7.65 -5.88 -9.65
CA ALA A 69 -7.28 -7.11 -10.34
C ALA A 69 -6.38 -7.97 -9.46
N LEU A 70 -6.74 -8.10 -8.19
CA LEU A 70 -5.98 -8.90 -7.24
C LEU A 70 -5.85 -10.34 -7.73
N GLU A 71 -5.10 -11.15 -6.98
CA GLU A 71 -4.91 -12.55 -7.33
C GLU A 71 -4.16 -13.29 -6.23
N LYS A 72 -4.14 -14.61 -6.31
CA LYS A 72 -3.46 -15.43 -5.32
C LYS A 72 -2.01 -14.98 -5.13
N ALA A 73 -1.44 -14.40 -6.19
CA ALA A 73 -0.07 -13.92 -6.14
C ALA A 73 0.04 -12.64 -5.31
N ASP A 74 -0.86 -11.70 -5.57
CA ASP A 74 -0.87 -10.43 -4.85
C ASP A 74 -0.53 -10.64 -3.38
N SER A 75 -1.08 -11.70 -2.80
CA SER A 75 -0.83 -12.01 -1.39
C SER A 75 0.65 -11.92 -1.06
N ASP A 76 1.06 -10.77 -0.52
CA ASP A 76 2.46 -10.56 -0.16
C ASP A 76 2.60 -9.34 0.76
N THR A 77 3.84 -8.99 1.08
CA THR A 77 4.11 -7.85 1.95
C THR A 77 4.48 -6.62 1.14
N TYR A 78 3.71 -5.55 1.30
CA TYR A 78 3.96 -4.30 0.59
C TYR A 78 4.62 -3.28 1.50
N THR A 79 5.60 -2.57 0.95
CA THR A 79 6.33 -1.56 1.72
C THR A 79 6.09 -0.17 1.15
N CYS A 80 5.63 0.75 1.99
CA CYS A 80 5.37 2.12 1.56
C CYS A 80 6.50 3.05 1.98
N ASP A 81 7.41 3.33 1.05
CA ASP A 81 8.54 4.20 1.31
C ASP A 81 8.23 5.63 0.88
N ILE A 82 8.56 6.59 1.74
CA ILE A 82 8.32 8.00 1.45
C ILE A 82 9.64 8.74 1.22
N GLY A 83 10.72 8.20 1.76
CA GLY A 83 12.02 8.83 1.59
C GLY A 83 12.84 8.80 2.87
N GLN A 84 12.17 8.75 4.01
CA GLN A 84 12.84 8.72 5.30
C GLN A 84 12.42 7.50 6.11
N ALA A 85 11.21 7.03 5.86
CA ALA A 85 10.69 5.86 6.57
C ALA A 85 9.99 4.90 5.60
N GLN A 86 9.68 3.70 6.09
CA GLN A 86 9.02 2.69 5.26
C GLN A 86 8.14 1.78 6.12
N SER A 87 6.88 1.63 5.71
CA SER A 87 5.94 0.79 6.44
C SER A 87 5.82 -0.59 5.80
N ARG A 88 4.99 -1.45 6.38
CA ARG A 88 4.79 -2.79 5.86
C ARG A 88 3.41 -3.30 6.22
N ALA A 89 2.77 -3.99 5.27
CA ALA A 89 1.44 -4.54 5.48
C ALA A 89 1.28 -5.88 4.78
N GLN A 90 0.45 -6.76 5.37
CA GLN A 90 0.21 -8.07 4.80
C GLN A 90 -1.17 -8.16 4.16
N LEU A 91 -1.21 -8.56 2.90
CA LEU A 91 -2.46 -8.69 2.17
C LEU A 91 -2.91 -10.15 2.09
N LEU A 92 -4.21 -10.35 1.90
CA LEU A 92 -4.76 -11.69 1.81
C LEU A 92 -5.76 -11.79 0.66
N VAL A 93 -5.51 -12.73 -0.26
CA VAL A 93 -6.38 -12.93 -1.40
C VAL A 93 -7.15 -14.25 -1.29
N GLN A 94 -8.28 -14.22 -0.61
CA GLN A 94 -9.10 -15.40 -0.44
C GLN A 94 -9.68 -15.87 -1.77
N GLY A 95 -9.44 -17.13 -2.11
CA GLY A 95 -9.95 -17.66 -3.36
C GLY A 95 -11.45 -17.42 -3.52
N ARG A 96 -11.81 -16.66 -4.54
CA ARG A 96 -13.21 -16.36 -4.81
C ARG A 96 -14.08 -17.58 -4.62
N ARG A 97 -13.62 -18.72 -5.14
CA ARG A 97 -14.36 -19.97 -5.02
C ARG A 97 -13.45 -21.17 -5.28
N SER A 98 -13.56 -22.18 -4.42
CA SER A 98 -12.75 -23.39 -4.56
C SER A 98 -13.47 -24.44 -5.40
N GLY A 99 -13.42 -24.27 -6.71
CA GLY A 99 -14.06 -25.22 -7.61
C GLY A 99 -15.34 -25.78 -7.02
N PRO A 100 -15.24 -26.97 -6.40
CA PRO A 100 -16.38 -27.65 -5.78
C PRO A 100 -16.88 -26.94 -4.53
N SER A 101 -17.88 -26.09 -4.69
CA SER A 101 -18.44 -25.34 -3.57
C SER A 101 -19.36 -26.22 -2.73
N SER A 102 -18.90 -26.59 -1.54
CA SER A 102 -19.67 -27.42 -0.64
C SER A 102 -20.82 -26.64 -0.01
N GLY A 103 -20.48 -25.58 0.72
CA GLY A 103 -21.48 -24.76 1.35
C GLY A 103 -21.31 -24.69 2.86
N GLY A 1 0.59 23.82 14.06
CA GLY A 1 2.00 23.85 14.43
C GLY A 1 2.87 23.04 13.49
N SER A 2 3.28 21.86 13.94
CA SER A 2 4.12 20.99 13.14
C SER A 2 5.47 21.65 12.85
N SER A 3 6.03 22.29 13.86
CA SER A 3 7.32 22.97 13.71
C SER A 3 8.46 21.96 13.61
N GLY A 4 9.04 21.85 12.42
CA GLY A 4 10.14 20.92 12.22
C GLY A 4 10.55 20.82 10.77
N SER A 5 11.20 21.86 10.27
CA SER A 5 11.65 21.90 8.88
C SER A 5 12.72 20.84 8.64
N SER A 6 13.84 20.95 9.35
CA SER A 6 14.94 20.01 9.20
C SER A 6 14.81 18.87 10.20
N GLY A 7 14.47 17.69 9.71
CA GLY A 7 14.31 16.53 10.57
C GLY A 7 14.04 15.26 9.79
N ALA A 8 13.41 14.28 10.45
CA ALA A 8 13.09 13.02 9.81
C ALA A 8 11.59 12.75 9.87
N ASN A 9 11.07 12.15 8.80
CA ASN A 9 9.64 11.84 8.73
C ASN A 9 9.36 10.44 9.29
N CYS A 10 8.12 10.20 9.68
CA CYS A 10 7.72 8.91 10.23
C CYS A 10 6.27 8.61 9.90
N PHE A 11 5.82 7.40 10.26
CA PHE A 11 4.45 6.99 10.01
C PHE A 11 3.63 6.98 11.30
N THR A 12 2.71 7.92 11.42
CA THR A 12 1.87 8.03 12.60
C THR A 12 0.89 6.86 12.68
N GLU A 13 0.49 6.34 11.53
CA GLU A 13 -0.44 5.21 11.48
C GLU A 13 0.05 4.16 10.50
N GLU A 14 0.67 3.11 11.02
CA GLU A 14 1.17 2.03 10.19
C GLU A 14 0.03 1.32 9.47
N LEU A 15 0.34 0.79 8.28
CA LEU A 15 -0.66 0.08 7.48
C LEU A 15 -1.33 -1.02 8.30
N THR A 16 -2.37 -1.61 7.73
CA THR A 16 -3.10 -2.68 8.41
C THR A 16 -3.45 -3.80 7.43
N ASN A 17 -3.11 -5.03 7.81
CA ASN A 17 -3.40 -6.20 6.97
C ASN A 17 -4.76 -6.05 6.29
N LEU A 18 -4.80 -6.32 5.00
CA LEU A 18 -6.04 -6.23 4.24
C LEU A 18 -6.44 -7.59 3.70
N GLN A 19 -7.73 -7.92 3.84
CA GLN A 19 -8.25 -9.21 3.36
C GLN A 19 -9.38 -9.00 2.36
N VAL A 20 -9.14 -9.38 1.10
CA VAL A 20 -10.14 -9.24 0.06
C VAL A 20 -10.09 -10.39 -0.92
N GLU A 21 -11.25 -10.89 -1.31
CA GLU A 21 -11.33 -12.01 -2.25
C GLU A 21 -10.68 -11.65 -3.58
N GLU A 22 -9.90 -12.58 -4.12
CA GLU A 22 -9.22 -12.35 -5.38
C GLU A 22 -10.13 -11.62 -6.38
N LYS A 23 -9.52 -10.94 -7.33
CA LYS A 23 -10.27 -10.19 -8.34
C LYS A 23 -11.09 -9.08 -7.69
N GLY A 24 -10.62 -8.57 -6.56
CA GLY A 24 -11.32 -7.52 -5.86
C GLY A 24 -10.62 -6.18 -5.95
N THR A 25 -10.36 -5.56 -4.81
CA THR A 25 -9.69 -4.26 -4.79
C THR A 25 -9.11 -3.98 -3.40
N ALA A 26 -7.78 -3.99 -3.31
CA ALA A 26 -7.10 -3.72 -2.05
C ALA A 26 -6.49 -2.33 -2.03
N VAL A 27 -6.89 -1.52 -1.05
CA VAL A 27 -6.37 -0.17 -0.93
C VAL A 27 -5.59 0.01 0.37
N PHE A 28 -4.27 -0.07 0.28
CA PHE A 28 -3.41 0.09 1.45
C PHE A 28 -3.39 1.54 1.93
N THR A 29 -4.18 1.82 2.96
CA THR A 29 -4.26 3.16 3.52
C THR A 29 -3.26 3.35 4.66
N CYS A 30 -2.53 4.45 4.61
CA CYS A 30 -1.54 4.74 5.65
C CYS A 30 -1.53 6.23 6.00
N LYS A 31 -0.69 6.61 6.94
CA LYS A 31 -0.59 8.00 7.37
C LYS A 31 0.85 8.38 7.63
N THR A 32 1.10 9.69 7.72
CA THR A 32 2.45 10.19 7.98
C THR A 32 2.42 11.52 8.74
N GLU A 33 3.46 11.77 9.52
CA GLU A 33 3.54 13.01 10.29
C GLU A 33 3.64 14.22 9.37
N HIS A 34 4.46 14.11 8.34
CA HIS A 34 4.65 15.20 7.39
C HIS A 34 4.10 14.82 6.02
N PRO A 35 3.59 15.83 5.29
CA PRO A 35 3.01 15.63 3.96
C PRO A 35 4.08 15.29 2.92
N ALA A 36 4.50 14.03 2.89
CA ALA A 36 5.51 13.58 1.94
C ALA A 36 5.23 14.12 0.54
N ALA A 37 6.26 14.62 -0.12
CA ALA A 37 6.13 15.15 -1.46
C ALA A 37 6.06 14.04 -2.50
N THR A 38 6.58 12.87 -2.13
CA THR A 38 6.57 11.72 -3.03
C THR A 38 6.38 10.42 -2.26
N VAL A 39 5.83 9.41 -2.93
CA VAL A 39 5.60 8.11 -2.32
C VAL A 39 5.86 6.98 -3.30
N THR A 40 6.77 6.09 -2.93
CA THR A 40 7.11 4.94 -3.78
C THR A 40 6.82 3.63 -3.07
N TRP A 41 5.73 2.98 -3.46
CA TRP A 41 5.34 1.71 -2.86
C TRP A 41 6.20 0.57 -3.41
N ARG A 42 6.29 -0.52 -2.64
CA ARG A 42 7.08 -1.67 -3.05
C ARG A 42 6.35 -2.97 -2.72
N LYS A 43 6.66 -4.01 -3.48
CA LYS A 43 6.02 -5.32 -3.27
C LYS A 43 6.99 -6.45 -3.62
N GLY A 44 7.39 -7.23 -2.61
CA GLY A 44 8.30 -8.32 -2.84
C GLY A 44 9.59 -7.89 -3.49
N LEU A 45 10.29 -6.96 -2.85
CA LEU A 45 11.56 -6.46 -3.39
C LEU A 45 11.37 -5.92 -4.80
N LEU A 46 10.21 -5.32 -5.05
CA LEU A 46 9.91 -4.77 -6.37
C LEU A 46 9.28 -3.39 -6.24
N GLU A 47 9.75 -2.46 -7.06
CA GLU A 47 9.22 -1.09 -7.05
C GLU A 47 7.96 -0.98 -7.90
N LEU A 48 6.90 -0.45 -7.31
CA LEU A 48 5.63 -0.29 -8.01
C LEU A 48 5.52 1.11 -8.62
N ARG A 49 4.79 1.20 -9.73
CA ARG A 49 4.61 2.48 -10.41
C ARG A 49 3.12 2.82 -10.52
N ALA A 50 2.83 4.10 -10.75
CA ALA A 50 1.46 4.56 -10.89
C ALA A 50 0.84 4.07 -12.19
N SER A 51 0.01 3.04 -12.09
CA SER A 51 -0.64 2.47 -13.27
C SER A 51 -1.96 1.79 -12.88
N GLY A 52 -2.68 1.30 -13.88
CA GLY A 52 -3.94 0.62 -13.62
C GLY A 52 -3.85 -0.35 -12.47
N LYS A 53 -2.74 -1.07 -12.39
CA LYS A 53 -2.54 -2.04 -11.32
C LYS A 53 -2.33 -1.35 -9.98
N HIS A 54 -1.30 -0.51 -9.90
CA HIS A 54 -1.00 0.22 -8.67
C HIS A 54 -1.11 1.73 -8.90
N GLN A 55 -2.25 2.29 -8.54
CA GLN A 55 -2.49 3.72 -8.70
C GLN A 55 -2.50 4.42 -7.35
N PRO A 56 -1.33 4.89 -6.92
CA PRO A 56 -1.17 5.59 -5.63
C PRO A 56 -1.83 6.97 -5.65
N SER A 57 -1.88 7.61 -4.48
CA SER A 57 -2.48 8.93 -4.36
C SER A 57 -1.75 9.77 -3.31
N GLN A 58 -2.23 11.00 -3.10
CA GLN A 58 -1.63 11.89 -2.13
C GLN A 58 -2.66 12.88 -1.59
N GLU A 59 -2.61 13.12 -0.28
CA GLU A 59 -3.53 14.05 0.35
C GLU A 59 -3.02 14.47 1.73
N GLY A 60 -2.54 15.71 1.82
CA GLY A 60 -2.02 16.22 3.08
C GLY A 60 -1.14 15.20 3.79
N LEU A 61 -1.60 14.73 4.94
CA LEU A 61 -0.84 13.76 5.72
C LEU A 61 -1.46 12.37 5.61
N THR A 62 -1.99 12.06 4.44
CA THR A 62 -2.61 10.76 4.20
C THR A 62 -2.23 10.21 2.83
N LEU A 63 -1.91 8.91 2.79
CA LEU A 63 -1.52 8.27 1.54
C LEU A 63 -2.17 6.90 1.42
N ARG A 64 -2.38 6.45 0.18
CA ARG A 64 -3.01 5.16 -0.07
C ARG A 64 -2.70 4.68 -1.49
N LEU A 65 -2.76 3.37 -1.69
CA LEU A 65 -2.50 2.78 -3.00
C LEU A 65 -3.62 1.82 -3.41
N THR A 66 -4.44 2.24 -4.35
CA THR A 66 -5.55 1.42 -4.83
C THR A 66 -5.05 0.33 -5.77
N ILE A 67 -5.27 -0.93 -5.38
CA ILE A 67 -4.84 -2.05 -6.20
C ILE A 67 -6.05 -2.85 -6.69
N SER A 68 -6.16 -2.99 -8.01
CA SER A 68 -7.26 -3.73 -8.61
C SER A 68 -6.76 -4.98 -9.32
N ALA A 69 -7.70 -5.86 -9.70
CA ALA A 69 -7.34 -7.09 -10.39
C ALA A 69 -6.47 -7.98 -9.51
N LEU A 70 -6.80 -8.03 -8.22
CA LEU A 70 -6.04 -8.85 -7.27
C LEU A 70 -6.06 -10.32 -7.68
N GLU A 71 -5.24 -11.13 -7.01
CA GLU A 71 -5.17 -12.55 -7.31
C GLU A 71 -4.36 -13.28 -6.24
N LYS A 72 -4.52 -14.59 -6.18
CA LYS A 72 -3.81 -15.41 -5.21
C LYS A 72 -2.36 -14.96 -5.07
N ALA A 73 -1.77 -14.54 -6.18
CA ALA A 73 -0.40 -14.07 -6.20
C ALA A 73 -0.23 -12.82 -5.34
N ASP A 74 -1.09 -11.83 -5.58
CA ASP A 74 -1.05 -10.58 -4.83
C ASP A 74 -0.61 -10.82 -3.40
N SER A 75 -1.14 -11.88 -2.79
CA SER A 75 -0.81 -12.22 -1.40
C SER A 75 0.69 -12.10 -1.17
N ASP A 76 1.11 -10.95 -0.66
CA ASP A 76 2.53 -10.71 -0.38
C ASP A 76 2.70 -9.55 0.60
N THR A 77 3.94 -9.18 0.86
CA THR A 77 4.24 -8.09 1.77
C THR A 77 4.54 -6.80 1.02
N TYR A 78 3.80 -5.74 1.34
CA TYR A 78 3.99 -4.45 0.69
C TYR A 78 4.83 -3.52 1.56
N THR A 79 5.51 -2.58 0.92
CA THR A 79 6.36 -1.63 1.63
C THR A 79 6.21 -0.23 1.06
N CYS A 80 5.53 0.65 1.79
CA CYS A 80 5.32 2.03 1.34
C CYS A 80 6.43 2.94 1.87
N ASP A 81 7.20 3.51 0.96
CA ASP A 81 8.29 4.41 1.33
C ASP A 81 7.97 5.85 0.94
N ILE A 82 8.35 6.79 1.79
CA ILE A 82 8.11 8.20 1.54
C ILE A 82 9.41 8.95 1.33
N GLY A 83 10.54 8.32 1.67
CA GLY A 83 11.83 8.94 1.52
C GLY A 83 12.68 8.85 2.77
N GLN A 84 12.01 8.83 3.92
CA GLN A 84 12.71 8.75 5.20
C GLN A 84 12.37 7.45 5.93
N ALA A 85 11.08 7.11 5.95
CA ALA A 85 10.62 5.89 6.61
C ALA A 85 9.82 5.02 5.65
N GLN A 86 9.53 3.80 6.08
CA GLN A 86 8.77 2.86 5.26
C GLN A 86 7.93 1.94 6.12
N SER A 87 6.70 1.69 5.68
CA SER A 87 5.78 0.82 6.42
C SER A 87 5.70 -0.55 5.78
N ARG A 88 4.90 -1.43 6.37
CA ARG A 88 4.74 -2.79 5.87
C ARG A 88 3.40 -3.37 6.28
N ALA A 89 2.77 -4.12 5.38
CA ALA A 89 1.48 -4.74 5.66
C ALA A 89 1.29 -6.00 4.83
N GLN A 90 0.66 -7.00 5.43
CA GLN A 90 0.42 -8.27 4.75
C GLN A 90 -0.99 -8.30 4.15
N LEU A 91 -1.09 -8.77 2.90
CA LEU A 91 -2.37 -8.85 2.22
C LEU A 91 -2.83 -10.30 2.11
N LEU A 92 -4.15 -10.50 2.16
CA LEU A 92 -4.72 -11.84 2.07
C LEU A 92 -5.78 -11.90 0.97
N VAL A 93 -5.50 -12.70 -0.06
CA VAL A 93 -6.42 -12.84 -1.18
C VAL A 93 -7.25 -14.11 -1.04
N GLN A 94 -8.39 -13.99 -0.37
CA GLN A 94 -9.29 -15.12 -0.17
C GLN A 94 -9.78 -15.68 -1.49
N GLY A 95 -9.44 -16.92 -1.77
CA GLY A 95 -9.86 -17.55 -3.01
C GLY A 95 -11.36 -17.49 -3.22
N ARG A 96 -11.82 -16.46 -3.92
CA ARG A 96 -13.25 -16.29 -4.19
C ARG A 96 -13.88 -17.60 -4.62
N ARG A 97 -13.40 -18.15 -5.73
CA ARG A 97 -13.92 -19.40 -6.27
C ARG A 97 -12.78 -20.30 -6.74
N SER A 98 -12.82 -21.56 -6.31
CA SER A 98 -11.80 -22.53 -6.69
C SER A 98 -12.34 -23.95 -6.64
N GLY A 99 -12.06 -24.73 -7.68
CA GLY A 99 -12.52 -26.10 -7.74
C GLY A 99 -11.48 -27.04 -8.31
N PRO A 100 -11.90 -28.28 -8.60
CA PRO A 100 -11.02 -29.31 -9.15
C PRO A 100 -10.61 -29.00 -10.59
N SER A 101 -11.14 -27.90 -11.13
CA SER A 101 -10.82 -27.51 -12.50
C SER A 101 -11.55 -28.40 -13.51
N SER A 102 -12.85 -28.54 -13.33
CA SER A 102 -13.67 -29.37 -14.22
C SER A 102 -14.77 -28.55 -14.88
N GLY A 103 -14.73 -28.48 -16.21
CA GLY A 103 -15.74 -27.72 -16.94
C GLY A 103 -17.02 -28.51 -17.15
#